data_1O4M
# 
_entry.id   1O4M 
# 
_audit_conform.dict_name       mmcif_pdbx.dic 
_audit_conform.dict_version    5.376 
_audit_conform.dict_location   http://mmcif.pdb.org/dictionaries/ascii/mmcif_pdbx.dic 
# 
loop_
_database_2.database_id 
_database_2.database_code 
_database_2.pdbx_database_accession 
_database_2.pdbx_DOI 
PDB   1O4M         pdb_00001o4m 10.2210/pdb1o4m/pdb 
RCSB  RCSB001797   ?            ?                   
WWPDB D_1000001797 ?            ?                   
# 
_pdbx_database_status.status_code                     REL 
_pdbx_database_status.entry_id                        1O4M 
_pdbx_database_status.recvd_initial_deposition_date   2003-06-15 
_pdbx_database_status.deposit_site                    RCSB 
_pdbx_database_status.process_site                    RCSB 
_pdbx_database_status.SG_entry                        . 
_pdbx_database_status.status_code_sf                  ? 
_pdbx_database_status.status_code_mr                  ? 
_pdbx_database_status.status_code_cs                  ? 
_pdbx_database_status.pdb_format_compatible           Y 
_pdbx_database_status.status_code_nmr_data            ? 
_pdbx_database_status.methods_development_category    ? 
# 
loop_
_audit_author.name 
_audit_author.pdbx_ordinal 
'Lange, G.'  1 
'Loenze, P.' 2 
'Liesum, A.' 3 
# 
_citation.id                        primary 
_citation.title                     
;Requirements for specific binding of low affinity inhibitor fragments to the SH2 domain of (pp60)Src are identical to those for high affinity binding of full length inhibitors.
;
_citation.journal_abbrev            J.Med.Chem. 
_citation.journal_volume            46 
_citation.page_first                5184 
_citation.page_last                 5195 
_citation.year                      2003 
_citation.journal_id_ASTM           JMCMAR 
_citation.country                   US 
_citation.journal_id_ISSN           0022-2623 
_citation.journal_id_CSD            0151 
_citation.book_publisher            ? 
_citation.pdbx_database_id_PubMed   14613321 
_citation.pdbx_database_id_DOI      10.1021/jm020970s 
# 
loop_
_citation_author.citation_id 
_citation_author.name 
_citation_author.ordinal 
_citation_author.identifier_ORCID 
primary 'Lange, G.'       1  ? 
primary 'Lesuisse, D.'    2  ? 
primary 'Deprez, P.'      3  ? 
primary 'Schoot, B.'      4  ? 
primary 'Loenze, P.'      5  ? 
primary 'Benard, D.'      6  ? 
primary 'Marquette, J.P.' 7  ? 
primary 'Broto, P.'       8  ? 
primary 'Sarubbi, E.'     9  ? 
primary 'Mandine, E.'     10 ? 
# 
_cell.entry_id           1O4M 
_cell.length_a           26.551 
_cell.length_b           58.441 
_cell.length_c           64.269 
_cell.angle_alpha        90.00 
_cell.angle_beta         90.00 
_cell.angle_gamma        90.00 
_cell.Z_PDB              4 
_cell.pdbx_unique_axis   ? 
# 
_symmetry.entry_id                         1O4M 
_symmetry.space_group_name_H-M             'P 21 21 21' 
_symmetry.pdbx_full_space_group_name_H-M   ? 
_symmetry.cell_setting                     ? 
_symmetry.Int_Tables_number                19 
# 
loop_
_entity.id 
_entity.type 
_entity.src_method 
_entity.pdbx_description 
_entity.formula_weight 
_entity.pdbx_number_of_molecules 
_entity.pdbx_ec 
_entity.pdbx_mutation 
_entity.pdbx_fragment 
_entity.details 
1 polymer     man 'PROTO-ONCOGENE TYROSINE-PROTEIN KINASE SRC' 12374.964 1   2.7.1.112 ? 'SH2 DOMAIN' ? 
2 non-polymer syn 'MALONIC ACID'                               104.061   1   ?         ? ?            ? 
3 water       nat water                                        18.015    166 ?         ? ?            ? 
# 
_entity_name_com.entity_id   1 
_entity_name_com.name        'P60-SRC, C-SRC' 
# 
_entity_poly.entity_id                      1 
_entity_poly.type                           'polypeptide(L)' 
_entity_poly.nstd_linkage                   no 
_entity_poly.nstd_monomer                   no 
_entity_poly.pdbx_seq_one_letter_code       
;SIQAEEWYFGKITRRESERLLLNAENPRGTFLVRESETTKGAYCLSVSDFDNAKGLNVKHYKIRKLDSGGFYITSRTQFN
SLQQLVAYYSKHADGLCHRLTTVCPTSK
;
_entity_poly.pdbx_seq_one_letter_code_can   
;SIQAEEWYFGKITRRESERLLLNAENPRGTFLVRESETTKGAYCLSVSDFDNAKGLNVKHYKIRKLDSGGFYITSRTQFN
SLQQLVAYYSKHADGLCHRLTTVCPTSK
;
_entity_poly.pdbx_strand_id                 A 
_entity_poly.pdbx_target_identifier         ? 
# 
loop_
_entity_poly_seq.entity_id 
_entity_poly_seq.num 
_entity_poly_seq.mon_id 
_entity_poly_seq.hetero 
1 1   SER n 
1 2   ILE n 
1 3   GLN n 
1 4   ALA n 
1 5   GLU n 
1 6   GLU n 
1 7   TRP n 
1 8   TYR n 
1 9   PHE n 
1 10  GLY n 
1 11  LYS n 
1 12  ILE n 
1 13  THR n 
1 14  ARG n 
1 15  ARG n 
1 16  GLU n 
1 17  SER n 
1 18  GLU n 
1 19  ARG n 
1 20  LEU n 
1 21  LEU n 
1 22  LEU n 
1 23  ASN n 
1 24  ALA n 
1 25  GLU n 
1 26  ASN n 
1 27  PRO n 
1 28  ARG n 
1 29  GLY n 
1 30  THR n 
1 31  PHE n 
1 32  LEU n 
1 33  VAL n 
1 34  ARG n 
1 35  GLU n 
1 36  SER n 
1 37  GLU n 
1 38  THR n 
1 39  THR n 
1 40  LYS n 
1 41  GLY n 
1 42  ALA n 
1 43  TYR n 
1 44  CYS n 
1 45  LEU n 
1 46  SER n 
1 47  VAL n 
1 48  SER n 
1 49  ASP n 
1 50  PHE n 
1 51  ASP n 
1 52  ASN n 
1 53  ALA n 
1 54  LYS n 
1 55  GLY n 
1 56  LEU n 
1 57  ASN n 
1 58  VAL n 
1 59  LYS n 
1 60  HIS n 
1 61  TYR n 
1 62  LYS n 
1 63  ILE n 
1 64  ARG n 
1 65  LYS n 
1 66  LEU n 
1 67  ASP n 
1 68  SER n 
1 69  GLY n 
1 70  GLY n 
1 71  PHE n 
1 72  TYR n 
1 73  ILE n 
1 74  THR n 
1 75  SER n 
1 76  ARG n 
1 77  THR n 
1 78  GLN n 
1 79  PHE n 
1 80  ASN n 
1 81  SER n 
1 82  LEU n 
1 83  GLN n 
1 84  GLN n 
1 85  LEU n 
1 86  VAL n 
1 87  ALA n 
1 88  TYR n 
1 89  TYR n 
1 90  SER n 
1 91  LYS n 
1 92  HIS n 
1 93  ALA n 
1 94  ASP n 
1 95  GLY n 
1 96  LEU n 
1 97  CYS n 
1 98  HIS n 
1 99  ARG n 
1 100 LEU n 
1 101 THR n 
1 102 THR n 
1 103 VAL n 
1 104 CYS n 
1 105 PRO n 
1 106 THR n 
1 107 SER n 
1 108 LYS n 
# 
_entity_src_gen.entity_id                          1 
_entity_src_gen.pdbx_src_id                        1 
_entity_src_gen.pdbx_alt_source_flag               sample 
_entity_src_gen.pdbx_seq_type                      ? 
_entity_src_gen.pdbx_beg_seq_num                   ? 
_entity_src_gen.pdbx_end_seq_num                   ? 
_entity_src_gen.gene_src_common_name               human 
_entity_src_gen.gene_src_genus                     Homo 
_entity_src_gen.pdbx_gene_src_gene                 SRC 
_entity_src_gen.gene_src_species                   ? 
_entity_src_gen.gene_src_strain                    ? 
_entity_src_gen.gene_src_tissue                    ? 
_entity_src_gen.gene_src_tissue_fraction           ? 
_entity_src_gen.gene_src_details                   ? 
_entity_src_gen.pdbx_gene_src_fragment             ? 
_entity_src_gen.pdbx_gene_src_scientific_name      'Homo sapiens' 
_entity_src_gen.pdbx_gene_src_ncbi_taxonomy_id     9606 
_entity_src_gen.pdbx_gene_src_variant              ? 
_entity_src_gen.pdbx_gene_src_cell_line            ? 
_entity_src_gen.pdbx_gene_src_atcc                 ? 
_entity_src_gen.pdbx_gene_src_organ                ? 
_entity_src_gen.pdbx_gene_src_organelle            ? 
_entity_src_gen.pdbx_gene_src_cell                 ? 
_entity_src_gen.pdbx_gene_src_cellular_location    ? 
_entity_src_gen.host_org_common_name               ? 
_entity_src_gen.pdbx_host_org_scientific_name      'Escherichia coli' 
_entity_src_gen.pdbx_host_org_ncbi_taxonomy_id     562 
_entity_src_gen.host_org_genus                     Escherichia 
_entity_src_gen.pdbx_host_org_gene                 ? 
_entity_src_gen.pdbx_host_org_organ                ? 
_entity_src_gen.host_org_species                   ? 
_entity_src_gen.pdbx_host_org_tissue               ? 
_entity_src_gen.pdbx_host_org_tissue_fraction      ? 
_entity_src_gen.pdbx_host_org_strain               ? 
_entity_src_gen.pdbx_host_org_variant              ? 
_entity_src_gen.pdbx_host_org_cell_line            ? 
_entity_src_gen.pdbx_host_org_atcc                 ? 
_entity_src_gen.pdbx_host_org_culture_collection   ? 
_entity_src_gen.pdbx_host_org_cell                 ? 
_entity_src_gen.pdbx_host_org_organelle            ? 
_entity_src_gen.pdbx_host_org_cellular_location    ? 
_entity_src_gen.pdbx_host_org_vector_type          ? 
_entity_src_gen.pdbx_host_org_vector               ? 
_entity_src_gen.host_org_details                   ? 
_entity_src_gen.expression_system_id               ? 
_entity_src_gen.plasmid_name                       'BL21 (DE3)' 
_entity_src_gen.plasmid_details                    ? 
_entity_src_gen.pdbx_description                   ? 
# 
_struct_ref.id                         1 
_struct_ref.db_name                    UNP 
_struct_ref.db_code                    SRC_HUMAN 
_struct_ref.pdbx_db_accession          P12931 
_struct_ref.entity_id                  1 
_struct_ref.pdbx_seq_one_letter_code   
;SIQAEEWYFGKITRRESERLLLNAENPRGTFLVRESETTKGAYCLSVSDFDNAKGLNVKHYKIRKLDSGGFYITSRTQFN
SLQQLVAYYSKHADGLCHRLTTVCPTSK
;
_struct_ref.pdbx_align_begin           144 
_struct_ref.pdbx_db_isoform            ? 
# 
_struct_ref_seq.align_id                      1 
_struct_ref_seq.ref_id                        1 
_struct_ref_seq.pdbx_PDB_id_code              1O4M 
_struct_ref_seq.pdbx_strand_id                A 
_struct_ref_seq.seq_align_beg                 1 
_struct_ref_seq.pdbx_seq_align_beg_ins_code   ? 
_struct_ref_seq.seq_align_end                 108 
_struct_ref_seq.pdbx_seq_align_end_ins_code   ? 
_struct_ref_seq.pdbx_db_accession             P12931 
_struct_ref_seq.db_align_beg                  144 
_struct_ref_seq.pdbx_db_align_beg_ins_code    ? 
_struct_ref_seq.db_align_end                  251 
_struct_ref_seq.pdbx_db_align_end_ins_code    ? 
_struct_ref_seq.pdbx_auth_seq_align_beg       1 
_struct_ref_seq.pdbx_auth_seq_align_end       108 
# 
loop_
_chem_comp.id 
_chem_comp.type 
_chem_comp.mon_nstd_flag 
_chem_comp.name 
_chem_comp.pdbx_synonyms 
_chem_comp.formula 
_chem_comp.formula_weight 
ALA 'L-peptide linking' y ALANINE         ?                                                                    'C3 H7 N O2'     
89.093  
ARG 'L-peptide linking' y ARGININE        ?                                                                    'C6 H15 N4 O2 1' 
175.209 
ASN 'L-peptide linking' y ASPARAGINE      ?                                                                    'C4 H8 N2 O3'    
132.118 
ASP 'L-peptide linking' y 'ASPARTIC ACID' ?                                                                    'C4 H7 N O4'     
133.103 
CYS 'L-peptide linking' y CYSTEINE        ?                                                                    'C3 H7 N O2 S'   
121.158 
GLN 'L-peptide linking' y GLUTAMINE       ?                                                                    'C5 H10 N2 O3'   
146.144 
GLU 'L-peptide linking' y 'GLUTAMIC ACID' ?                                                                    'C5 H9 N O4'     
147.129 
GLY 'peptide linking'   y GLYCINE         ?                                                                    'C2 H5 N O2'     
75.067  
HIS 'L-peptide linking' y HISTIDINE       ?                                                                    'C6 H10 N3 O2 1' 
156.162 
HOH non-polymer         . WATER           ?                                                                    'H2 O'           
18.015  
ILE 'L-peptide linking' y ISOLEUCINE      ?                                                                    'C6 H13 N O2'    
131.173 
LEU 'L-peptide linking' y LEUCINE         ?                                                                    'C6 H13 N O2'    
131.173 
LYS 'L-peptide linking' y LYSINE          ?                                                                    'C6 H15 N2 O2 1' 
147.195 
MLA non-polymer         . 'MALONIC ACID'  'DICARBOXYLIC ACID C3; PROPANEDIOLIC ACID; METHANEDICARBOXYLIC ACID' 'C3 H4 O4'       
104.061 
PHE 'L-peptide linking' y PHENYLALANINE   ?                                                                    'C9 H11 N O2'    
165.189 
PRO 'L-peptide linking' y PROLINE         ?                                                                    'C5 H9 N O2'     
115.130 
SER 'L-peptide linking' y SERINE          ?                                                                    'C3 H7 N O3'     
105.093 
THR 'L-peptide linking' y THREONINE       ?                                                                    'C4 H9 N O3'     
119.119 
TRP 'L-peptide linking' y TRYPTOPHAN      ?                                                                    'C11 H12 N2 O2'  
204.225 
TYR 'L-peptide linking' y TYROSINE        ?                                                                    'C9 H11 N O3'    
181.189 
VAL 'L-peptide linking' y VALINE          ?                                                                    'C5 H11 N O2'    
117.146 
# 
_exptl.entry_id          1O4M 
_exptl.method            'X-RAY DIFFRACTION' 
_exptl.crystals_number   1 
# 
_exptl_crystal.id                    1 
_exptl_crystal.density_meas          ? 
_exptl_crystal.density_Matthews      2.2 
_exptl_crystal.density_percent_sol   41.9 
_exptl_crystal.description           ? 
# 
_exptl_crystal_grow.crystal_id      1 
_exptl_crystal_grow.method          ? 
_exptl_crystal_grow.temp            ? 
_exptl_crystal_grow.temp_details    ? 
_exptl_crystal_grow.pH              5.50 
_exptl_crystal_grow.pdbx_pH_range   ? 
_exptl_crystal_grow.pdbx_details    'pH 5.50' 
# 
_diffrn.id                     1 
_diffrn.ambient_temp           100.0 
_diffrn.ambient_temp_details   ? 
_diffrn.crystal_id             1 
# 
_diffrn_detector.diffrn_id              1 
_diffrn_detector.detector               'IMAGE PLATE' 
_diffrn_detector.type                   'MAR scanner 345 mm plate' 
_diffrn_detector.pdbx_collection_date   1998-02-11 
_diffrn_detector.details                ? 
# 
_diffrn_radiation.diffrn_id                        1 
_diffrn_radiation.wavelength_id                    1 
_diffrn_radiation.pdbx_monochromatic_or_laue_m_l   M 
_diffrn_radiation.monochromator                    GRAPHITE 
_diffrn_radiation.pdbx_diffrn_protocol             'SINGLE WAVELENGTH' 
_diffrn_radiation.pdbx_scattering_type             x-ray 
# 
_diffrn_radiation_wavelength.id           1 
_diffrn_radiation_wavelength.wavelength   1.5418 
_diffrn_radiation_wavelength.wt           1.0 
# 
_diffrn_source.diffrn_id                   1 
_diffrn_source.source                      'ROTATING ANODE' 
_diffrn_source.type                        'ELLIOTT GX-21' 
_diffrn_source.pdbx_synchrotron_site       ? 
_diffrn_source.pdbx_synchrotron_beamline   ? 
_diffrn_source.pdbx_wavelength             1.5418 
_diffrn_source.pdbx_wavelength_list        ? 
# 
_reflns.entry_id                     1O4M 
_reflns.observed_criterion_sigma_I   -3.000 
_reflns.observed_criterion_sigma_F   ? 
_reflns.d_resolution_low             40.000 
_reflns.d_resolution_high            1.60 
_reflns.number_obs                   12907 
_reflns.number_all                   ? 
_reflns.percent_possible_obs         92.3 
_reflns.pdbx_Rmerge_I_obs            0.073 
_reflns.pdbx_Rsym_value              ? 
_reflns.pdbx_netI_over_sigmaI        26 
_reflns.B_iso_Wilson_estimate        ? 
_reflns.pdbx_redundancy              ? 
_reflns.pdbx_ordinal                 1 
_reflns.pdbx_diffrn_id               1 
# 
_reflns_shell.d_res_high             1.60 
_reflns_shell.d_res_low              1.65 
_reflns_shell.percent_possible_all   80.8 
_reflns_shell.Rmerge_I_obs           0.105 
_reflns_shell.pdbx_Rsym_value        ? 
_reflns_shell.meanI_over_sigI_obs    17 
_reflns_shell.pdbx_redundancy        ? 
_reflns_shell.pdbx_ordinal           1 
_reflns_shell.pdbx_diffrn_id         1 
# 
_refine.entry_id                                 1O4M 
_refine.ls_number_reflns_obs                     12907 
_refine.ls_number_reflns_all                     ? 
_refine.pdbx_ls_sigma_I                          ? 
_refine.pdbx_ls_sigma_F                          ? 
_refine.pdbx_data_cutoff_high_absF               1000000.000 
_refine.pdbx_data_cutoff_low_absF                0.1000 
_refine.pdbx_data_cutoff_high_rms_absF           ? 
_refine.ls_d_res_low                             8.00 
_refine.ls_d_res_high                            1.60 
_refine.ls_percent_reflns_obs                    96.3 
_refine.ls_R_factor_obs                          0.19 
_refine.ls_R_factor_all                          ? 
_refine.ls_R_factor_R_work                       0.19 
_refine.ls_R_factor_R_free                       ? 
_refine.ls_R_factor_R_free_error                 ? 
_refine.ls_R_factor_R_free_error_details         ? 
_refine.ls_percent_reflns_R_free                 ? 
_refine.ls_number_reflns_R_free                  ? 
_refine.ls_number_parameters                     ? 
_refine.ls_number_restraints                     ? 
_refine.occupancy_min                            ? 
_refine.occupancy_max                            ? 
_refine.correlation_coeff_Fo_to_Fc               ? 
_refine.correlation_coeff_Fo_to_Fc_free          ? 
_refine.B_iso_mean                               17.1 
_refine.aniso_B[1][1]                            ? 
_refine.aniso_B[2][2]                            ? 
_refine.aniso_B[3][3]                            ? 
_refine.aniso_B[1][2]                            ? 
_refine.aniso_B[1][3]                            ? 
_refine.aniso_B[2][3]                            ? 
_refine.solvent_model_details                    ? 
_refine.solvent_model_param_ksol                 ? 
_refine.solvent_model_param_bsol                 ? 
_refine.pdbx_solvent_vdw_probe_radii             ? 
_refine.pdbx_solvent_ion_probe_radii             ? 
_refine.pdbx_solvent_shrinkage_radii             ? 
_refine.pdbx_ls_cross_valid_method               ? 
_refine.details                                  ? 
_refine.pdbx_starting_model                      1SHD 
_refine.pdbx_method_to_determine_struct          MR 
_refine.pdbx_isotropic_thermal_model             ? 
_refine.pdbx_stereochemistry_target_values       ? 
_refine.pdbx_stereochem_target_val_spec_case     ? 
_refine.pdbx_R_Free_selection_details            ? 
_refine.pdbx_overall_ESU_R                       ? 
_refine.pdbx_overall_ESU_R_Free                  ? 
_refine.overall_SU_ML                            ? 
_refine.overall_SU_B                             ? 
_refine.pdbx_refine_id                           'X-RAY DIFFRACTION' 
_refine.pdbx_diffrn_id                           1 
_refine.pdbx_TLS_residual_ADP_flag               ? 
_refine.pdbx_overall_phase_error                 ? 
_refine.overall_SU_R_Cruickshank_DPI             ? 
_refine.pdbx_overall_SU_R_free_Cruickshank_DPI   ? 
_refine.pdbx_overall_SU_R_Blow_DPI               ? 
_refine.pdbx_overall_SU_R_free_Blow_DPI          ? 
# 
_refine_hist.pdbx_refine_id                   'X-RAY DIFFRACTION' 
_refine_hist.cycle_id                         LAST 
_refine_hist.pdbx_number_atoms_protein        848 
_refine_hist.pdbx_number_atoms_nucleic_acid   0 
_refine_hist.pdbx_number_atoms_ligand         7 
_refine_hist.number_atoms_solvent             166 
_refine_hist.number_atoms_total               1021 
_refine_hist.d_res_high                       1.60 
_refine_hist.d_res_low                        8.00 
# 
loop_
_refine_ls_restr.type 
_refine_ls_restr.dev_ideal 
_refine_ls_restr.dev_ideal_target 
_refine_ls_restr.weight 
_refine_ls_restr.number 
_refine_ls_restr.pdbx_refine_id 
_refine_ls_restr.pdbx_restraint_function 
x_bond_d                0.010 ? ? ? 'X-RAY DIFFRACTION' ? 
x_bond_d_na             ?     ? ? ? 'X-RAY DIFFRACTION' ? 
x_bond_d_prot           ?     ? ? ? 'X-RAY DIFFRACTION' ? 
x_angle_d               ?     ? ? ? 'X-RAY DIFFRACTION' ? 
x_angle_d_na            ?     ? ? ? 'X-RAY DIFFRACTION' ? 
x_angle_d_prot          ?     ? ? ? 'X-RAY DIFFRACTION' ? 
x_angle_deg             1.2   ? ? ? 'X-RAY DIFFRACTION' ? 
x_angle_deg_na          ?     ? ? ? 'X-RAY DIFFRACTION' ? 
x_angle_deg_prot        ?     ? ? ? 'X-RAY DIFFRACTION' ? 
x_dihedral_angle_d      ?     ? ? ? 'X-RAY DIFFRACTION' ? 
x_dihedral_angle_d_na   ?     ? ? ? 'X-RAY DIFFRACTION' ? 
x_dihedral_angle_d_prot ?     ? ? ? 'X-RAY DIFFRACTION' ? 
x_improper_angle_d      ?     ? ? ? 'X-RAY DIFFRACTION' ? 
x_improper_angle_d_na   ?     ? ? ? 'X-RAY DIFFRACTION' ? 
x_improper_angle_d_prot ?     ? ? ? 'X-RAY DIFFRACTION' ? 
x_mcbond_it             ?     ? ? ? 'X-RAY DIFFRACTION' ? 
x_mcangle_it            ?     ? ? ? 'X-RAY DIFFRACTION' ? 
x_scbond_it             ?     ? ? ? 'X-RAY DIFFRACTION' ? 
x_scangle_it            ?     ? ? ? 'X-RAY DIFFRACTION' ? 
# 
_struct.entry_id                  1O4M 
_struct.title                     'CRYSTAL STRUCTURE OF SH2 IN COMPLEX WITH MALONICACID.' 
_struct.pdbx_model_details        ? 
_struct.pdbx_CASP_flag            ? 
_struct.pdbx_model_type_details   ? 
# 
_struct_keywords.entry_id        1O4M 
_struct_keywords.pdbx_keywords   'SIGNALING PROTEIN' 
_struct_keywords.text            'SH2 DOMAIN FRAGMENT APPROACH, SIGNALING PROTEIN' 
# 
loop_
_struct_asym.id 
_struct_asym.pdbx_blank_PDB_chainid_flag 
_struct_asym.pdbx_modified 
_struct_asym.entity_id 
_struct_asym.details 
A N N 1 ? 
B N N 2 ? 
C N N 3 ? 
# 
_struct_biol.id   1 
# 
loop_
_struct_conf.conf_type_id 
_struct_conf.id 
_struct_conf.pdbx_PDB_helix_id 
_struct_conf.beg_label_comp_id 
_struct_conf.beg_label_asym_id 
_struct_conf.beg_label_seq_id 
_struct_conf.pdbx_beg_PDB_ins_code 
_struct_conf.end_label_comp_id 
_struct_conf.end_label_asym_id 
_struct_conf.end_label_seq_id 
_struct_conf.pdbx_end_PDB_ins_code 
_struct_conf.beg_auth_comp_id 
_struct_conf.beg_auth_asym_id 
_struct_conf.beg_auth_seq_id 
_struct_conf.end_auth_comp_id 
_struct_conf.end_auth_asym_id 
_struct_conf.end_auth_seq_id 
_struct_conf.pdbx_PDB_helix_class 
_struct_conf.details 
_struct_conf.pdbx_PDB_helix_length 
HELX_P HELX_P1 1 THR A 13 ? LEU A 22 ? THR A 13 LEU A 22 1 ? 10 
HELX_P HELX_P2 2 SER A 81 ? SER A 90 ? SER A 81 SER A 90 1 ? 10 
# 
_struct_conf_type.id          HELX_P 
_struct_conf_type.criteria    ? 
_struct_conf_type.reference   ? 
# 
_struct_sheet.id               A 
_struct_sheet.type             ? 
_struct_sheet.number_strands   6 
_struct_sheet.details          ? 
# 
loop_
_struct_sheet_order.sheet_id 
_struct_sheet_order.range_id_1 
_struct_sheet_order.range_id_2 
_struct_sheet_order.offset 
_struct_sheet_order.sense 
A 1 2 ? parallel      
A 2 3 ? anti-parallel 
A 3 4 ? anti-parallel 
A 4 5 ? anti-parallel 
A 5 6 ? anti-parallel 
# 
loop_
_struct_sheet_range.sheet_id 
_struct_sheet_range.id 
_struct_sheet_range.beg_label_comp_id 
_struct_sheet_range.beg_label_asym_id 
_struct_sheet_range.beg_label_seq_id 
_struct_sheet_range.pdbx_beg_PDB_ins_code 
_struct_sheet_range.end_label_comp_id 
_struct_sheet_range.end_label_asym_id 
_struct_sheet_range.end_label_seq_id 
_struct_sheet_range.pdbx_end_PDB_ins_code 
_struct_sheet_range.beg_auth_comp_id 
_struct_sheet_range.beg_auth_asym_id 
_struct_sheet_range.beg_auth_seq_id 
_struct_sheet_range.end_auth_comp_id 
_struct_sheet_range.end_auth_asym_id 
_struct_sheet_range.end_auth_seq_id 
A 1 TYR A 8  ? GLY A 10 ? TYR A 8  GLY A 10 
A 2 PHE A 31 ? GLU A 35 ? PHE A 31 GLU A 35 
A 3 TYR A 43 ? ASP A 51 ? TYR A 43 ASP A 51 
A 4 GLY A 55 ? LYS A 65 ? GLY A 55 LYS A 65 
A 5 PHE A 71 ? TYR A 72 ? PHE A 71 TYR A 72 
A 6 GLN A 78 ? PHE A 79 ? GLN A 78 PHE A 79 
# 
loop_
_pdbx_struct_sheet_hbond.sheet_id 
_pdbx_struct_sheet_hbond.range_id_1 
_pdbx_struct_sheet_hbond.range_id_2 
_pdbx_struct_sheet_hbond.range_1_label_atom_id 
_pdbx_struct_sheet_hbond.range_1_label_comp_id 
_pdbx_struct_sheet_hbond.range_1_label_asym_id 
_pdbx_struct_sheet_hbond.range_1_label_seq_id 
_pdbx_struct_sheet_hbond.range_1_PDB_ins_code 
_pdbx_struct_sheet_hbond.range_1_auth_atom_id 
_pdbx_struct_sheet_hbond.range_1_auth_comp_id 
_pdbx_struct_sheet_hbond.range_1_auth_asym_id 
_pdbx_struct_sheet_hbond.range_1_auth_seq_id 
_pdbx_struct_sheet_hbond.range_2_label_atom_id 
_pdbx_struct_sheet_hbond.range_2_label_comp_id 
_pdbx_struct_sheet_hbond.range_2_label_asym_id 
_pdbx_struct_sheet_hbond.range_2_label_seq_id 
_pdbx_struct_sheet_hbond.range_2_PDB_ins_code 
_pdbx_struct_sheet_hbond.range_2_auth_atom_id 
_pdbx_struct_sheet_hbond.range_2_auth_comp_id 
_pdbx_struct_sheet_hbond.range_2_auth_asym_id 
_pdbx_struct_sheet_hbond.range_2_auth_seq_id 
A 1 2 N GLY A 10 ? N GLY A 10 O GLU A 35 ? O GLU A 35 
A 2 3 N ARG A 34 ? N ARG A 34 O CYS A 44 ? O CYS A 44 
A 3 4 N VAL A 47 ? N VAL A 47 O LYS A 59 ? O LYS A 59 
A 4 5 N ARG A 64 ? N ARG A 64 O TYR A 72 ? O TYR A 72 
A 5 6 N PHE A 71 ? N PHE A 71 O PHE A 79 ? O PHE A 79 
# 
_struct_site.id                   AC1 
_struct_site.pdbx_evidence_code   Software 
_struct_site.pdbx_auth_asym_id    A 
_struct_site.pdbx_auth_comp_id    MLA 
_struct_site.pdbx_auth_seq_id     300 
_struct_site.pdbx_auth_ins_code   ? 
_struct_site.pdbx_num_residues    6 
_struct_site.details              'BINDING SITE FOR RESIDUE MLA A 300' 
# 
loop_
_struct_site_gen.id 
_struct_site_gen.site_id 
_struct_site_gen.pdbx_num_res 
_struct_site_gen.label_comp_id 
_struct_site_gen.label_asym_id 
_struct_site_gen.label_seq_id 
_struct_site_gen.pdbx_auth_ins_code 
_struct_site_gen.auth_comp_id 
_struct_site_gen.auth_asym_id 
_struct_site_gen.auth_seq_id 
_struct_site_gen.label_atom_id 
_struct_site_gen.label_alt_id 
_struct_site_gen.symmetry 
_struct_site_gen.details 
1 AC1 6 ARG A 14 ? ARG A 14  . ? 1_555 ? 
2 AC1 6 ARG A 34 ? ARG A 34  . ? 1_555 ? 
3 AC1 6 SER A 36 ? SER A 36  . ? 1_555 ? 
4 AC1 6 GLU A 37 ? GLU A 37  . ? 1_555 ? 
5 AC1 6 LYS A 62 ? LYS A 62  . ? 1_555 ? 
6 AC1 6 HOH C .  ? HOH A 419 . ? 1_555 ? 
# 
_atom_sites.entry_id                    1O4M 
_atom_sites.fract_transf_matrix[1][1]   0.02151342 
_atom_sites.fract_transf_matrix[1][2]   -0.02540163 
_atom_sites.fract_transf_matrix[1][3]   0.01761907 
_atom_sites.fract_transf_matrix[2][1]   0.00917369 
_atom_sites.fract_transf_matrix[2][2]   -0.00213874 
_atom_sites.fract_transf_matrix[2][3]   -0.01428480 
_atom_sites.fract_transf_matrix[3][1]   0.00967086 
_atom_sites.fract_transf_matrix[3][2]   0.01132251 
_atom_sites.fract_transf_matrix[3][3]   0.00451540 
_atom_sites.fract_transf_vector[1]      0.395571 
_atom_sites.fract_transf_vector[2]      0.324439 
_atom_sites.fract_transf_vector[3]      0.313061 
# 
loop_
_atom_type.symbol 
C 
N 
O 
S 
# 
loop_
_atom_site.group_PDB 
_atom_site.id 
_atom_site.type_symbol 
_atom_site.label_atom_id 
_atom_site.label_alt_id 
_atom_site.label_comp_id 
_atom_site.label_asym_id 
_atom_site.label_entity_id 
_atom_site.label_seq_id 
_atom_site.pdbx_PDB_ins_code 
_atom_site.Cartn_x 
_atom_site.Cartn_y 
_atom_site.Cartn_z 
_atom_site.occupancy 
_atom_site.B_iso_or_equiv 
_atom_site.pdbx_formal_charge 
_atom_site.auth_seq_id 
_atom_site.auth_comp_id 
_atom_site.auth_asym_id 
_atom_site.auth_atom_id 
_atom_site.pdbx_PDB_model_num 
ATOM   1    N N   . SER A 1 1   ? -16.370 -4.348  -3.789  1.00 46.28 ? 1   SER A N   1 
ATOM   2    C CA  . SER A 1 1   ? -15.203 -4.833  -4.576  1.00 45.48 ? 1   SER A CA  1 
ATOM   3    C C   . SER A 1 1   ? -13.961 -3.960  -4.414  1.00 44.53 ? 1   SER A C   1 
ATOM   4    O O   . SER A 1 1   ? -14.027 -2.746  -4.165  1.00 44.72 ? 1   SER A O   1 
ATOM   5    C CB  . SER A 1 1   ? -15.554 -5.010  -6.075  1.00 46.36 ? 1   SER A CB  1 
ATOM   6    O OG  . SER A 1 1   ? -15.654 -3.776  -6.785  1.00 47.00 ? 1   SER A OG  1 
ATOM   7    N N   . ILE A 1 2   ? -12.826 -4.624  -4.561  1.00 43.09 ? 2   ILE A N   1 
ATOM   8    C CA  . ILE A 1 2   ? -11.507 -4.023  -4.475  1.00 41.19 ? 2   ILE A CA  1 
ATOM   9    C C   . ILE A 1 2   ? -11.297 -3.117  -5.707  1.00 39.83 ? 2   ILE A C   1 
ATOM   10   O O   . ILE A 1 2   ? -10.713 -2.040  -5.621  1.00 39.46 ? 2   ILE A O   1 
ATOM   11   C CB  . ILE A 1 2   ? -10.497 -5.169  -4.417  1.00 40.81 ? 2   ILE A CB  1 
ATOM   12   C CG1 . ILE A 1 2   ? -10.578 -5.841  -3.043  1.00 41.86 ? 2   ILE A CG1 1 
ATOM   13   C CG2 . ILE A 1 2   ? -9.133  -4.714  -4.807  1.00 41.66 ? 2   ILE A CG2 1 
ATOM   14   C CD1 . ILE A 1 2   ? -10.151 -7.317  -3.037  1.00 43.55 ? 2   ILE A CD1 1 
ATOM   15   N N   . GLN A 1 3   ? -11.865 -3.541  -6.827  1.00 38.13 ? 3   GLN A N   1 
ATOM   16   C CA  . GLN A 1 3   ? -11.773 -2.823  -8.093  1.00 37.20 ? 3   GLN A CA  1 
ATOM   17   C C   . GLN A 1 3   ? -12.489 -1.469  -8.025  1.00 34.57 ? 3   GLN A C   1 
ATOM   18   O O   . GLN A 1 3   ? -12.215 -0.566  -8.810  1.00 34.79 ? 3   GLN A O   1 
ATOM   19   C CB  . GLN A 1 3   ? -12.419 -3.660  -9.204  1.00 42.48 ? 3   GLN A CB  1 
ATOM   20   C CG  . GLN A 1 3   ? -11.804 -5.042  -9.403  1.00 48.66 ? 3   GLN A CG  1 
ATOM   21   C CD  . GLN A 1 3   ? -10.725 -5.044  -10.469 1.00 55.01 ? 3   GLN A CD  1 
ATOM   22   O OE1 . GLN A 1 3   ? -9.613  -5.520  -10.246 1.00 57.48 ? 3   GLN A OE1 1 
ATOM   23   N NE2 . GLN A 1 3   ? -11.054 -4.505  -11.642 1.00 58.18 ? 3   GLN A NE2 1 
ATOM   24   N N   . ALA A 1 4   ? -13.464 -1.369  -7.135  1.00 31.70 ? 4   ALA A N   1 
ATOM   25   C CA  . ALA A 1 4   ? -14.233 -0.144  -6.981  1.00 29.21 ? 4   ALA A CA  1 
ATOM   26   C C   . ALA A 1 4   ? -13.420 0.957   -6.288  1.00 26.58 ? 4   ALA A C   1 
ATOM   27   O O   . ALA A 1 4   ? -13.695 2.144   -6.441  1.00 26.47 ? 4   ALA A O   1 
ATOM   28   C CB  . ALA A 1 4   ? -15.506 -0.433  -6.163  1.00 30.55 ? 4   ALA A CB  1 
ATOM   29   N N   . GLU A 1 5   ? -12.399 0.557   -5.550  1.00 23.25 ? 5   GLU A N   1 
ATOM   30   C CA  . GLU A 1 5   ? -11.607 1.497   -4.784  1.00 20.16 ? 5   GLU A CA  1 
ATOM   31   C C   . GLU A 1 5   ? -10.682 2.411   -5.584  1.00 17.27 ? 5   GLU A C   1 
ATOM   32   O O   . GLU A 1 5   ? -9.906  1.950   -6.409  1.00 15.48 ? 5   GLU A O   1 
ATOM   33   C CB  . GLU A 1 5   ? -10.839 0.710   -3.738  1.00 20.50 ? 5   GLU A CB  1 
ATOM   34   C CG  . GLU A 1 5   ? -11.721 -0.318  -3.024  1.00 25.30 ? 5   GLU A CG  1 
ATOM   35   C CD  . GLU A 1 5   ? -12.799 0.352   -2.201  1.00 29.36 ? 5   GLU A CD  1 
ATOM   36   O OE1 . GLU A 1 5   ? -12.564 1.491   -1.741  1.00 29.33 ? 5   GLU A OE1 1 
ATOM   37   O OE2 . GLU A 1 5   ? -13.879 -0.249  -2.011  1.00 31.36 ? 5   GLU A OE2 1 
ATOM   38   N N   . GLU A 1 6   ? -10.744 3.712   -5.301  1.00 14.72 ? 6   GLU A N   1 
ATOM   39   C CA  . GLU A 1 6   ? -9.892  4.670   -5.998  1.00 13.16 ? 6   GLU A CA  1 
ATOM   40   C C   . GLU A 1 6   ? -8.385  4.510   -5.694  1.00 11.90 ? 6   GLU A C   1 
ATOM   41   O O   . GLU A 1 6   ? -7.551  4.965   -6.467  1.00 11.85 ? 6   GLU A O   1 
ATOM   42   C CB  . GLU A 1 6   ? -10.355 6.112   -5.765  1.00 13.27 ? 6   GLU A CB  1 
ATOM   43   C CG  . GLU A 1 6   ? -9.981  6.724   -4.443  1.00 12.42 ? 6   GLU A CG  1 
ATOM   44   C CD  . GLU A 1 6   ? -10.856 6.280   -3.265  1.00 17.22 ? 6   GLU A CD  1 
ATOM   45   O OE1 . GLU A 1 6   ? -11.810 5.455   -3.426  1.00 15.13 ? 6   GLU A OE1 1 
ATOM   46   O OE2 . GLU A 1 6   ? -10.567 6.770   -2.134  1.00 17.70 ? 6   GLU A OE2 1 
ATOM   47   N N   . TRP A 1 7   ? -8.045  3.935   -4.541  1.00 10.26 ? 7   TRP A N   1 
ATOM   48   C CA  . TRP A 1 7   ? -6.635  3.712   -4.225  1.00 9.77  ? 7   TRP A CA  1 
ATOM   49   C C   . TRP A 1 7   ? -6.161  2.375   -4.819  1.00 9.91  ? 7   TRP A C   1 
ATOM   50   O O   . TRP A 1 7   ? -5.001  2.003   -4.660  1.00 10.36 ? 7   TRP A O   1 
ATOM   51   C CB  . TRP A 1 7   ? -6.387  3.724   -2.715  1.00 10.21 ? 7   TRP A CB  1 
ATOM   52   C CG  . TRP A 1 7   ? -7.475  3.106   -1.932  1.00 8.89  ? 7   TRP A CG  1 
ATOM   53   C CD1 . TRP A 1 7   ? -8.460  3.765   -1.258  1.00 9.78  ? 7   TRP A CD1 1 
ATOM   54   C CD2 . TRP A 1 7   ? -7.700  1.700   -1.697  1.00 8.60  ? 7   TRP A CD2 1 
ATOM   55   N NE1 . TRP A 1 7   ? -9.286  2.871   -0.619  1.00 12.25 ? 7   TRP A NE1 1 
ATOM   56   C CE2 . TRP A 1 7   ? -8.842  1.598   -0.875  1.00 10.43 ? 7   TRP A CE2 1 
ATOM   57   C CE3 . TRP A 1 7   ? -7.056  0.528   -2.108  1.00 10.95 ? 7   TRP A CE3 1 
ATOM   58   C CZ2 . TRP A 1 7   ? -9.346  0.367   -0.434  1.00 12.65 ? 7   TRP A CZ2 1 
ATOM   59   C CZ3 . TRP A 1 7   ? -7.554  -0.702  -1.678  1.00 12.02 ? 7   TRP A CZ3 1 
ATOM   60   C CH2 . TRP A 1 7   ? -8.693  -0.776  -0.854  1.00 12.25 ? 7   TRP A CH2 1 
ATOM   61   N N   . TYR A 1 8   ? -7.056  1.634   -5.471  1.00 9.67  ? 8   TYR A N   1 
ATOM   62   C CA  . TYR A 1 8   ? -6.649  0.354   -6.054  1.00 11.24 ? 8   TYR A CA  1 
ATOM   63   C C   . TYR A 1 8   ? -6.265  0.603   -7.497  1.00 11.87 ? 8   TYR A C   1 
ATOM   64   O O   . TYR A 1 8   ? -7.146  0.866   -8.322  1.00 13.20 ? 8   TYR A O   1 
ATOM   65   C CB  . TYR A 1 8   ? -7.757  -0.708  -5.991  1.00 10.82 ? 8   TYR A CB  1 
ATOM   66   C CG  . TYR A 1 8   ? -7.264  -2.060  -6.481  1.00 11.66 ? 8   TYR A CG  1 
ATOM   67   C CD1 . TYR A 1 8   ? -6.301  -2.762  -5.754  1.00 11.11 ? 8   TYR A CD1 1 
ATOM   68   C CD2 . TYR A 1 8   ? -7.691  -2.599  -7.703  1.00 11.63 ? 8   TYR A CD2 1 
ATOM   69   C CE1 . TYR A 1 8   ? -5.764  -3.950  -6.221  1.00 12.04 ? 8   TYR A CE1 1 
ATOM   70   C CE2 . TYR A 1 8   ? -7.151  -3.814  -8.179  1.00 13.17 ? 8   TYR A CE2 1 
ATOM   71   C CZ  . TYR A 1 8   ? -6.185  -4.474  -7.430  1.00 13.24 ? 8   TYR A CZ  1 
ATOM   72   O OH  . TYR A 1 8   ? -5.608  -5.647  -7.859  1.00 14.44 ? 8   TYR A OH  1 
ATOM   73   N N   . PHE A 1 9   ? -4.976  0.475   -7.809  1.00 11.31 ? 9   PHE A N   1 
ATOM   74   C CA  . PHE A 1 9   ? -4.473  0.727   -9.170  1.00 11.97 ? 9   PHE A CA  1 
ATOM   75   C C   . PHE A 1 9   ? -4.389  -0.542  -10.022 1.00 11.77 ? 9   PHE A C   1 
ATOM   76   O O   . PHE A 1 9   ? -3.954  -0.492  -11.161 1.00 12.34 ? 9   PHE A O   1 
ATOM   77   C CB  . PHE A 1 9   ? -3.116  1.446   -9.145  1.00 10.05 ? 9   PHE A CB  1 
ATOM   78   C CG  . PHE A 1 9   ? -3.193  2.928   -8.845  1.00 11.28 ? 9   PHE A CG  1 
ATOM   79   C CD1 . PHE A 1 9   ? -3.912  3.413   -7.759  1.00 11.10 ? 9   PHE A CD1 1 
ATOM   80   C CD2 . PHE A 1 9   ? -2.525  3.852   -9.656  1.00 14.85 ? 9   PHE A CD2 1 
ATOM   81   C CE1 . PHE A 1 9   ? -3.963  4.799   -7.473  1.00 12.27 ? 9   PHE A CE1 1 
ATOM   82   C CE2 . PHE A 1 9   ? -2.572  5.240   -9.377  1.00 16.99 ? 9   PHE A CE2 1 
ATOM   83   C CZ  . PHE A 1 9   ? -3.293  5.704   -8.286  1.00 13.88 ? 9   PHE A CZ  1 
ATOM   84   N N   . GLY A 1 10  ? -4.765  -1.680  -9.448  1.00 12.20 ? 10  GLY A N   1 
ATOM   85   C CA  . GLY A 1 10  ? -4.751  -2.920  -10.201 1.00 11.79 ? 10  GLY A CA  1 
ATOM   86   C C   . GLY A 1 10  ? -3.408  -3.364  -10.744 1.00 11.77 ? 10  GLY A C   1 
ATOM   87   O O   . GLY A 1 10  ? -2.390  -3.321  -10.060 1.00 11.33 ? 10  GLY A O   1 
ATOM   88   N N   . LYS A 1 11  ? -3.398  -3.758  -12.010 1.00 11.75 ? 11  LYS A N   1 
ATOM   89   C CA  . LYS A 1 11  ? -2.200  -4.273  -12.627 1.00 12.19 ? 11  LYS A CA  1 
ATOM   90   C C   . LYS A 1 11  ? -1.231  -3.219  -13.128 1.00 12.40 ? 11  LYS A C   1 
ATOM   91   O O   . LYS A 1 11  ? -1.278  -2.857  -14.300 1.00 13.11 ? 11  LYS A O   1 
ATOM   92   C CB  . LYS A 1 11  ? -2.588  -5.227  -13.761 1.00 14.40 ? 11  LYS A CB  1 
ATOM   93   C CG  . LYS A 1 11  ? -1.454  -6.078  -14.287 1.00 17.02 ? 11  LYS A CG  1 
ATOM   94   C CD  . LYS A 1 11  ? -1.897  -6.837  -15.529 1.00 17.16 ? 11  LYS A CD  1 
ATOM   95   C CE  . LYS A 1 11  ? -0.765  -7.727  -15.987 1.00 17.31 ? 11  LYS A CE  1 
ATOM   96   N NZ  . LYS A 1 11  ? -0.975  -8.118  -17.390 1.00 16.55 ? 11  LYS A NZ  1 
ATOM   97   N N   . ILE A 1 12  ? -0.459  -2.625  -12.211 1.00 11.25 ? 12  ILE A N   1 
ATOM   98   C CA  . ILE A 1 12  ? 0.596   -1.658  -12.564 1.00 11.04 ? 12  ILE A CA  1 
ATOM   99   C C   . ILE A 1 12  ? 1.886   -2.208  -11.935 1.00 9.92  ? 12  ILE A C   1 
ATOM   100  O O   . ILE A 1 12  ? 1.827   -2.930  -10.948 1.00 10.98 ? 12  ILE A O   1 
ATOM   101  C CB  . ILE A 1 12  ? 0.320   -0.183  -12.097 1.00 12.03 ? 12  ILE A CB  1 
ATOM   102  C CG1 . ILE A 1 12  ? 0.326   -0.061  -10.572 1.00 11.03 ? 12  ILE A CG1 1 
ATOM   103  C CG2 . ILE A 1 12  ? -0.986  0.319   -12.694 1.00 12.66 ? 12  ILE A CG2 1 
ATOM   104  C CD1 . ILE A 1 12  ? 0.541   1.367   -10.100 1.00 11.50 ? 12  ILE A CD1 1 
ATOM   105  N N   . THR A 1 13  ? 3.029   -1.950  -12.566 1.00 8.89  ? 13  THR A N   1 
ATOM   106  C CA  . THR A 1 13  ? 4.303   -2.479  -12.079 1.00 8.62  ? 13  THR A CA  1 
ATOM   107  C C   . THR A 1 13  ? 4.825   -1.721  -10.852 1.00 9.41  ? 13  THR A C   1 
ATOM   108  O O   . THR A 1 13  ? 4.383   -0.603  -10.541 1.00 9.16  ? 13  THR A O   1 
ATOM   109  C CB  . THR A 1 13  ? 5.418   -2.380  -13.166 1.00 8.47  ? 13  THR A CB  1 
ATOM   110  O OG1 . THR A 1 13  ? 5.683   -0.999  -13.460 1.00 9.95  ? 13  THR A OG1 1 
ATOM   111  C CG2 . THR A 1 13  ? 5.001   -3.112  -14.444 1.00 8.36  ? 13  THR A CG2 1 
ATOM   112  N N   . ARG A 1 14  ? 5.841   -2.305  -10.228 1.00 9.26  ? 14  ARG A N   1 
ATOM   113  C CA  . ARG A 1 14  ? 6.518   -1.712  -9.094  1.00 8.53  ? 14  ARG A CA  1 
ATOM   114  C C   . ARG A 1 14  ? 7.145   -0.395  -9.539  1.00 9.07  ? 14  ARG A C   1 
ATOM   115  O O   . ARG A 1 14  ? 7.029   0.619   -8.841  1.00 8.28  ? 14  ARG A O   1 
ATOM   116  C CB  . ARG A 1 14  ? 7.611   -2.656  -8.627  1.00 8.15  ? 14  ARG A CB  1 
ATOM   117  C CG  . ARG A 1 14  ? 8.453   -2.151  -7.505  1.00 9.99  ? 14  ARG A CG  1 
ATOM   118  C CD  . ARG A 1 14  ? 9.421   -3.261  -7.206  1.00 14.34 ? 14  ARG A CD  1 
ATOM   119  N NE  . ARG A 1 14  ? 10.245  -3.014  -6.045  1.00 18.25 ? 14  ARG A NE  1 
ATOM   120  C CZ  . ARG A 1 14  ? 10.085  -3.600  -4.867  1.00 18.66 ? 14  ARG A CZ  1 
ATOM   121  N NH1 . ARG A 1 14  ? 10.919  -3.286  -3.879  1.00 19.48 ? 14  ARG A NH1 1 
ATOM   122  N NH2 . ARG A 1 14  ? 9.098   -4.475  -4.665  1.00 15.92 ? 14  ARG A NH2 1 
ATOM   123  N N   . ARG A 1 15  ? 7.795   -0.406  -10.706 1.00 8.82  ? 15  ARG A N   1 
ATOM   124  C CA  . ARG A 1 15  ? 8.443   0.803   -11.223 1.00 9.20  ? 15  ARG A CA  1 
ATOM   125  C C   . ARG A 1 15  ? 7.429   1.931   -11.470 1.00 8.98  ? 15  ARG A C   1 
ATOM   126  O O   . ARG A 1 15  ? 7.695   3.105   -11.159 1.00 9.06  ? 15  ARG A O   1 
ATOM   127  C CB  . ARG A 1 15  ? 9.212   0.499   -12.510 1.00 10.41 ? 15  ARG A CB  1 
ATOM   128  C CG  . ARG A 1 15  ? 9.857   1.738   -13.123 1.00 13.70 ? 15  ARG A CG  1 
ATOM   129  C CD  . ARG A 1 15  ? 10.884  1.401   -14.203 1.00 14.15 ? 15  ARG A CD  1 
ATOM   130  N NE  . ARG A 1 15  ? 11.454  2.609   -14.803 1.00 16.40 ? 15  ARG A NE  1 
ATOM   131  C CZ  . ARG A 1 15  ? 12.570  3.211   -14.380 1.00 18.43 ? 15  ARG A CZ  1 
ATOM   132  N NH1 . ARG A 1 15  ? 13.271  2.708   -13.362 1.00 13.94 ? 15  ARG A NH1 1 
ATOM   133  N NH2 . ARG A 1 15  ? 12.961  4.358   -14.946 1.00 21.91 ? 15  ARG A NH2 1 
ATOM   134  N N   . GLU A 1 16  ? 6.276   1.563   -12.040 1.00 9.17  ? 16  GLU A N   1 
ATOM   135  C CA  . GLU A 1 16  ? 5.228   2.548   -12.302 1.00 10.02 ? 16  GLU A CA  1 
ATOM   136  C C   . GLU A 1 16  ? 4.722   3.126   -10.974 1.00 9.74  ? 16  GLU A C   1 
ATOM   137  O O   . GLU A 1 16  ? 4.552   4.348   -10.851 1.00 9.68  ? 16  GLU A O   1 
ATOM   138  C CB  . GLU A 1 16  ? 4.070   1.920   -13.103 1.00 12.35 ? 16  GLU A CB  1 
ATOM   139  C CG  . GLU A 1 16  ? 2.840   2.802   -13.308 1.00 12.21 ? 16  GLU A CG  1 
ATOM   140  C CD  . GLU A 1 16  ? 3.102   4.084   -14.129 1.00 18.43 ? 16  GLU A CD  1 
ATOM   141  O OE1 . GLU A 1 16  ? 2.131   4.865   -14.297 1.00 20.33 ? 16  GLU A OE1 1 
ATOM   142  O OE2 . GLU A 1 16  ? 4.244   4.337   -14.596 1.00 14.80 ? 16  GLU A OE2 1 
ATOM   143  N N   . SER A 1 17  ? 4.541   2.273   -9.965  1.00 8.66  ? 17  SER A N   1 
ATOM   144  C CA  . SER A 1 17  ? 4.078   2.797   -8.679  1.00 9.12  ? 17  SER A CA  1 
ATOM   145  C C   . SER A 1 17  ? 5.113   3.801   -8.141  1.00 8.34  ? 17  SER A C   1 
ATOM   146  O O   . SER A 1 17  ? 4.748   4.827   -7.573  1.00 8.49  ? 17  SER A O   1 
ATOM   147  C CB  . SER A 1 17  ? 3.802   1.674   -7.660  1.00 9.52  ? 17  SER A CB  1 
ATOM   148  O OG  . SER A 1 17  ? 4.983   1.101   -7.129  1.00 9.95  ? 17  SER A OG  1 
ATOM   149  N N   . GLU A 1 18  ? 6.396   3.507   -8.330  1.00 8.04  ? 18  GLU A N   1 
ATOM   150  C CA  . GLU A 1 18  ? 7.426   4.430   -7.854  1.00 8.89  ? 18  GLU A CA  1 
ATOM   151  C C   . GLU A 1 18  ? 7.402   5.734   -8.640  1.00 8.85  ? 18  GLU A C   1 
ATOM   152  O O   . GLU A 1 18  ? 7.497   6.807   -8.054  1.00 9.68  ? 18  GLU A O   1 
ATOM   153  C CB  . GLU A 1 18  ? 8.807   3.775   -7.891  1.00 9.66  ? 18  GLU A CB  1 
ATOM   154  C CG  . GLU A 1 18  ? 8.861   2.636   -6.885  1.00 10.11 ? 18  GLU A CG  1 
ATOM   155  C CD  . GLU A 1 18  ? 10.123  1.816   -6.931  1.00 16.33 ? 18  GLU A CD  1 
ATOM   156  O OE1 . GLU A 1 18  ? 10.369  1.098   -5.944  1.00 12.95 ? 18  GLU A OE1 1 
ATOM   157  O OE2 . GLU A 1 18  ? 10.850  1.867   -7.940  1.00 18.05 ? 18  GLU A OE2 1 
ATOM   158  N N   . ARG A 1 19  ? 7.184   5.648   -9.950  1.00 8.01  ? 19  ARG A N   1 
ATOM   159  C CA  . ARG A 1 19  ? 7.132   6.849   -10.776 1.00 9.52  ? 19  ARG A CA  1 
ATOM   160  C C   . ARG A 1 19  ? 6.019   7.788   -10.260 1.00 9.29  ? 19  ARG A C   1 
ATOM   161  O O   . ARG A 1 19  ? 6.202   9.011   -10.160 1.00 10.42 ? 19  ARG A O   1 
ATOM   162  C CB  . ARG A 1 19  ? 6.866   6.495   -12.243 1.00 9.83  ? 19  ARG A CB  1 
ATOM   163  C CG  . ARG A 1 19  ? 6.919   7.718   -13.176 1.00 11.88 ? 19  ARG A CG  1 
ATOM   164  C CD  . ARG A 1 19  ? 6.414   7.402   -14.585 1.00 11.01 ? 19  ARG A CD  1 
ATOM   165  N NE  . ARG A 1 19  ? 4.988   7.097   -14.601 1.00 13.73 ? 19  ARG A NE  1 
ATOM   166  C CZ  . ARG A 1 19  ? 4.021   7.998   -14.534 1.00 13.20 ? 19  ARG A CZ  1 
ATOM   167  N NH1 . ARG A 1 19  ? 4.308   9.291   -14.443 1.00 14.18 ? 19  ARG A NH1 1 
ATOM   168  N NH2 . ARG A 1 19  ? 2.765   7.605   -14.570 1.00 13.80 ? 19  ARG A NH2 1 
ATOM   169  N N   . LEU A 1 20  ? 4.877   7.202   -9.912  1.00 9.50  ? 20  LEU A N   1 
ATOM   170  C CA  . LEU A 1 20  ? 3.750   7.979   -9.407  1.00 9.09  ? 20  LEU A CA  1 
ATOM   171  C C   . LEU A 1 20  ? 4.019   8.525   -7.991  1.00 9.31  ? 20  LEU A C   1 
ATOM   172  O O   . LEU A 1 20  ? 3.702   9.678   -7.673  1.00 9.63  ? 20  LEU A O   1 
ATOM   173  C CB  . LEU A 1 20  ? 2.504   7.098   -9.350  1.00 10.87 ? 20  LEU A CB  1 
ATOM   174  C CG  . LEU A 1 20  ? 1.876   6.627   -10.672 1.00 14.39 ? 20  LEU A CG  1 
ATOM   175  C CD1 . LEU A 1 20  ? 0.865   5.512   -10.398 1.00 15.91 ? 20  LEU A CD1 1 
ATOM   176  C CD2 . LEU A 1 20  ? 1.223   7.802   -11.382 1.00 16.11 ? 20  LEU A CD2 1 
ATOM   177  N N   . LEU A 1 21  ? 4.604   7.691   -7.137  1.00 7.95  ? 21  LEU A N   1 
ATOM   178  C CA  . LEU A 1 21  ? 4.834   8.091   -5.760  1.00 8.54  ? 21  LEU A CA  1 
ATOM   179  C C   . LEU A 1 21  ? 5.997   9.037   -5.524  1.00 9.19  ? 21  LEU A C   1 
ATOM   180  O O   . LEU A 1 21  ? 6.005   9.769   -4.524  1.00 9.27  ? 21  LEU A O   1 
ATOM   181  C CB  . LEU A 1 21  ? 4.945   6.844   -4.863  1.00 7.78  ? 21  LEU A CB  1 
ATOM   182  C CG  . LEU A 1 21  ? 3.625   6.068   -4.729  1.00 8.90  ? 21  LEU A CG  1 
ATOM   183  C CD1 . LEU A 1 21  ? 3.897   4.626   -4.207  1.00 8.49  ? 21  LEU A CD1 1 
ATOM   184  C CD2 . LEU A 1 21  ? 2.666   6.809   -3.820  1.00 8.45  ? 21  LEU A CD2 1 
ATOM   185  N N   . LEU A 1 22  ? 6.954   9.070   -6.449  1.00 8.74  ? 22  LEU A N   1 
ATOM   186  C CA  . LEU A 1 22  ? 8.124   9.935   -6.301  1.00 10.03 ? 22  LEU A CA  1 
ATOM   187  C C   . LEU A 1 22  ? 7.875   11.381  -6.712  1.00 11.72 ? 22  LEU A C   1 
ATOM   188  O O   . LEU A 1 22  ? 8.805   12.146  -6.885  1.00 15.94 ? 22  LEU A O   1 
ATOM   189  C CB  . LEU A 1 22  ? 9.332   9.335   -7.032  1.00 10.87 ? 22  LEU A CB  1 
ATOM   190  C CG  . LEU A 1 22  ? 9.871   8.044   -6.400  1.00 11.97 ? 22  LEU A CG  1 
ATOM   191  C CD1 . LEU A 1 22  ? 10.878  7.352   -7.308  1.00 10.70 ? 22  LEU A CD1 1 
ATOM   192  C CD2 . LEU A 1 22  ? 10.445  8.344   -4.999  1.00 13.43 ? 22  LEU A CD2 1 
ATOM   193  N N   . ASN A 1 23  ? 6.623   11.798  -6.748  1.00 12.22 ? 23  ASN A N   1 
ATOM   194  C CA  . ASN A 1 23  ? 6.310   13.175  -7.111  1.00 12.29 ? 23  ASN A CA  1 
ATOM   195  C C   . ASN A 1 23  ? 6.599   14.074  -5.907  1.00 11.93 ? 23  ASN A C   1 
ATOM   196  O O   . ASN A 1 23  ? 6.119   13.786  -4.800  1.00 11.13 ? 23  ASN A O   1 
ATOM   197  C CB  . ASN A 1 23  ? 4.854   13.269  -7.517  1.00 14.02 ? 23  ASN A CB  1 
ATOM   198  C CG  . ASN A 1 23  ? 4.528   14.595  -8.130  1.00 19.18 ? 23  ASN A CG  1 
ATOM   199  O OD1 . ASN A 1 23  ? 4.588   15.623  -7.464  1.00 13.98 ? 23  ASN A OD1 1 
ATOM   200  N ND2 . ASN A 1 23  ? 4.238   14.594  -9.431  1.00 21.89 ? 23  ASN A ND2 1 
ATOM   201  N N   . ALA A 1 24  ? 7.360   15.164  -6.111  1.00 11.29 ? 24  ALA A N   1 
ATOM   202  C CA  . ALA A 1 24  ? 7.716   16.092  -5.024  1.00 11.58 ? 24  ALA A CA  1 
ATOM   203  C C   . ALA A 1 24  ? 6.521   16.644  -4.235  1.00 10.61 ? 24  ALA A C   1 
ATOM   204  O O   . ALA A 1 24  ? 6.681   17.075  -3.095  1.00 10.95 ? 24  ALA A O   1 
ATOM   205  C CB  . ALA A 1 24  ? 8.573   17.261  -5.548  1.00 11.41 ? 24  ALA A CB  1 
ATOM   206  N N   . GLU A 1 25  ? 5.345   16.663  -4.859  1.00 9.45  ? 25  GLU A N   1 
ATOM   207  C CA  . GLU A 1 25  ? 4.156   17.164  -4.185  1.00 9.52  ? 25  GLU A CA  1 
ATOM   208  C C   . GLU A 1 25  ? 3.559   16.181  -3.199  1.00 9.32  ? 25  GLU A C   1 
ATOM   209  O O   . GLU A 1 25  ? 2.691   16.547  -2.401  1.00 9.42  ? 25  GLU A O   1 
ATOM   210  C CB  . GLU A 1 25  ? 3.079   17.511  -5.185  1.00 11.41 ? 25  GLU A CB  1 
ATOM   211  C CG  . GLU A 1 25  ? 3.485   18.659  -6.078  1.00 12.81 ? 25  GLU A CG  1 
ATOM   212  C CD  . GLU A 1 25  ? 2.368   19.084  -7.021  1.00 18.86 ? 25  GLU A CD  1 
ATOM   213  O OE1 . GLU A 1 25  ? 2.565   20.125  -7.656  1.00 20.29 ? 25  GLU A OE1 1 
ATOM   214  O OE2 . GLU A 1 25  ? 1.315   18.399  -7.134  1.00 19.50 ? 25  GLU A OE2 1 
ATOM   215  N N   . ASN A 1 26  ? 3.971   14.921  -3.286  1.00 8.59  ? 26  ASN A N   1 
ATOM   216  C CA  . ASN A 1 26  ? 3.417   13.900  -2.402  1.00 9.00  ? 26  ASN A CA  1 
ATOM   217  C C   . ASN A 1 26  ? 3.924   13.940  -0.955  1.00 8.41  ? 26  ASN A C   1 
ATOM   218  O O   . ASN A 1 26  ? 5.121   13.896  -0.724  1.00 10.06 ? 26  ASN A O   1 
ATOM   219  C CB  . ASN A 1 26  ? 3.692   12.481  -2.941  1.00 7.25  ? 26  ASN A CB  1 
ATOM   220  C CG  . ASN A 1 26  ? 2.915   12.166  -4.210  1.00 7.94  ? 26  ASN A CG  1 
ATOM   221  O OD1 . ASN A 1 26  ? 1.902   12.803  -4.508  1.00 8.71  ? 26  ASN A OD1 1 
ATOM   222  N ND2 . ASN A 1 26  ? 3.367   11.151  -4.948  1.00 7.04  ? 26  ASN A ND2 1 
ATOM   223  N N   . PRO A 1 27  ? 3.018   14.034  0.029   1.00 8.69  ? 27  PRO A N   1 
ATOM   224  C CA  . PRO A 1 27  ? 3.487   14.046  1.428   1.00 8.45  ? 27  PRO A CA  1 
ATOM   225  C C   . PRO A 1 27  ? 3.749   12.589  1.852   1.00 7.74  ? 27  PRO A C   1 
ATOM   226  O O   . PRO A 1 27  ? 3.400   11.624  1.117   1.00 7.52  ? 27  PRO A O   1 
ATOM   227  C CB  . PRO A 1 27  ? 2.301   14.642  2.198   1.00 8.98  ? 27  PRO A CB  1 
ATOM   228  C CG  . PRO A 1 27  ? 1.139   14.256  1.425   1.00 11.87 ? 27  PRO A CG  1 
ATOM   229  C CD  . PRO A 1 27  ? 1.586   14.352  -0.051  1.00 10.22 ? 27  PRO A CD  1 
ATOM   230  N N   . ARG A 1 28  ? 4.329   12.416  3.038   1.00 6.44  ? 28  ARG A N   1 
ATOM   231  C CA  . ARG A 1 28  ? 4.573   11.069  3.551   1.00 7.31  ? 28  ARG A CA  1 
ATOM   232  C C   . ARG A 1 28  ? 3.226   10.326  3.670   1.00 7.02  ? 28  ARG A C   1 
ATOM   233  O O   . ARG A 1 28  ? 2.219   10.916  4.080   1.00 7.66  ? 28  ARG A O   1 
ATOM   234  C CB  . ARG A 1 28  ? 5.213   11.122  4.931   1.00 7.87  ? 28  ARG A CB  1 
ATOM   235  C CG  . ARG A 1 28  ? 6.555   11.783  4.996   1.00 9.66  ? 28  ARG A CG  1 
ATOM   236  C CD  . ARG A 1 28  ? 6.907   11.934  6.453   1.00 15.89 ? 28  ARG A CD  1 
ATOM   237  N NE  . ARG A 1 28  ? 8.257   12.442  6.651   1.00 21.01 ? 28  ARG A NE  1 
ATOM   238  C CZ  . ARG A 1 28  ? 8.595   13.295  7.621   1.00 22.47 ? 28  ARG A CZ  1 
ATOM   239  N NH1 . ARG A 1 28  ? 7.668   13.736  8.475   1.00 20.92 ? 28  ARG A NH1 1 
ATOM   240  N NH2 . ARG A 1 28  ? 9.860   13.686  7.750   1.00 19.87 ? 28  ARG A NH2 1 
ATOM   241  N N   . GLY A 1 29  ? 3.234   9.024   3.390   1.00 6.65  ? 29  GLY A N   1 
ATOM   242  C CA  . GLY A 1 29  ? 2.013   8.258   3.498   1.00 6.72  ? 29  GLY A CA  1 
ATOM   243  C C   . GLY A 1 29  ? 1.139   8.240   2.259   1.00 6.43  ? 29  GLY A C   1 
ATOM   244  O O   . GLY A 1 29  ? 0.060   7.650   2.296   1.00 7.19  ? 29  GLY A O   1 
ATOM   245  N N   . THR A 1 30  ? 1.558   8.924   1.184   1.00 5.49  ? 30  THR A N   1 
ATOM   246  C CA  . THR A 1 30  ? 0.814   8.865   -0.080  1.00 6.13  ? 30  THR A CA  1 
ATOM   247  C C   . THR A 1 30  ? 0.908   7.373   -0.476  1.00 6.07  ? 30  THR A C   1 
ATOM   248  O O   . THR A 1 30  ? 1.966   6.745   -0.329  1.00 6.80  ? 30  THR A O   1 
ATOM   249  C CB  . THR A 1 30  ? 1.434   9.803   -1.129  1.00 7.00  ? 30  THR A CB  1 
ATOM   250  O OG1 . THR A 1 30  ? 1.339   11.152  -0.654  1.00 6.83  ? 30  THR A OG1 1 
ATOM   251  C CG2 . THR A 1 30  ? 0.705   9.715   -2.466  1.00 7.85  ? 30  THR A CG2 1 
ATOM   252  N N   . PHE A 1 31  ? -0.192  6.793   -0.936  1.00 6.55  ? 31  PHE A N   1 
ATOM   253  C CA  . PHE A 1 31  ? -0.163  5.362   -1.208  1.00 6.49  ? 31  PHE A CA  1 
ATOM   254  C C   . PHE A 1 31  ? -1.081  4.886   -2.327  1.00 7.44  ? 31  PHE A C   1 
ATOM   255  O O   . PHE A 1 31  ? -1.941  5.627   -2.818  1.00 7.27  ? 31  PHE A O   1 
ATOM   256  C CB  . PHE A 1 31  ? -0.560  4.621   0.100   1.00 7.48  ? 31  PHE A CB  1 
ATOM   257  C CG  . PHE A 1 31  ? -2.071  4.647   0.393   1.00 7.17  ? 31  PHE A CG  1 
ATOM   258  C CD1 . PHE A 1 31  ? -2.912  3.574   0.006   1.00 7.31  ? 31  PHE A CD1 1 
ATOM   259  C CD2 . PHE A 1 31  ? -2.662  5.776   0.967   1.00 7.16  ? 31  PHE A CD2 1 
ATOM   260  C CE1 . PHE A 1 31  ? -4.322  3.629   0.193   1.00 6.80  ? 31  PHE A CE1 1 
ATOM   261  C CE2 . PHE A 1 31  ? -4.065  5.839   1.158   1.00 6.55  ? 31  PHE A CE2 1 
ATOM   262  C CZ  . PHE A 1 31  ? -4.894  4.773   0.767   1.00 5.63  ? 31  PHE A CZ  1 
ATOM   263  N N   . LEU A 1 32  ? -0.924  3.608   -2.659  1.00 6.72  ? 32  LEU A N   1 
ATOM   264  C CA  . LEU A 1 32  ? -1.793  2.938   -3.632  1.00 6.88  ? 32  LEU A CA  1 
ATOM   265  C C   . LEU A 1 32  ? -1.648  1.441   -3.350  1.00 6.69  ? 32  LEU A C   1 
ATOM   266  O O   . LEU A 1 32  ? -0.728  1.027   -2.635  1.00 6.98  ? 32  LEU A O   1 
ATOM   267  C CB  . LEU A 1 32  ? -1.391  3.279   -5.081  1.00 6.86  ? 32  LEU A CB  1 
ATOM   268  C CG  . LEU A 1 32  ? 0.023   2.907   -5.599  1.00 8.29  ? 32  LEU A CG  1 
ATOM   269  C CD1 . LEU A 1 32  ? 0.085   1.418   -5.986  1.00 7.12  ? 32  LEU A CD1 1 
ATOM   270  C CD2 . LEU A 1 32  ? 0.393   3.785   -6.789  1.00 8.38  ? 32  LEU A CD2 1 
ATOM   271  N N   . VAL A 1 33  ? -2.623  0.661   -3.812  1.00 6.90  ? 33  VAL A N   1 
ATOM   272  C CA  . VAL A 1 33  ? -2.592  -0.804  -3.687  1.00 7.06  ? 33  VAL A CA  1 
ATOM   273  C C   . VAL A 1 33  ? -2.617  -1.314  -5.128  1.00 7.50  ? 33  VAL A C   1 
ATOM   274  O O   . VAL A 1 33  ? -3.335  -0.769  -5.976  1.00 8.22  ? 33  VAL A O   1 
ATOM   275  C CB  . VAL A 1 33  ? -3.781  -1.368  -2.888  1.00 7.26  ? 33  VAL A CB  1 
ATOM   276  C CG1 . VAL A 1 33  ? -3.726  -2.895  -2.891  1.00 7.17  ? 33  VAL A CG1 1 
ATOM   277  C CG2 . VAL A 1 33  ? -3.744  -0.842  -1.429  1.00 8.46  ? 33  VAL A CG2 1 
ATOM   278  N N   . ARG A 1 34  ? -1.811  -2.321  -5.417  1.00 7.30  ? 34  ARG A N   1 
ATOM   279  C CA  . ARG A 1 34  ? -1.721  -2.853  -6.772  1.00 7.72  ? 34  ARG A CA  1 
ATOM   280  C C   . ARG A 1 34  ? -1.472  -4.348  -6.664  1.00 7.48  ? 34  ARG A C   1 
ATOM   281  O O   . ARG A 1 34  ? -1.307  -4.874  -5.566  1.00 8.31  ? 34  ARG A O   1 
ATOM   282  C CB  . ARG A 1 34  ? -0.550  -2.183  -7.510  1.00 6.36  ? 34  ARG A CB  1 
ATOM   283  C CG  . ARG A 1 34  ? 0.789   -2.380  -6.793  1.00 8.03  ? 34  ARG A CG  1 
ATOM   284  C CD  . ARG A 1 34  ? 1.979   -1.794  -7.526  1.00 8.66  ? 34  ARG A CD  1 
ATOM   285  N NE  . ARG A 1 34  ? 3.220   -1.876  -6.734  1.00 8.31  ? 34  ARG A NE  1 
ATOM   286  C CZ  . ARG A 1 34  ? 4.015   -2.944  -6.681  1.00 8.58  ? 34  ARG A CZ  1 
ATOM   287  N NH1 . ARG A 1 34  ? 5.108   -2.909  -5.925  1.00 8.06  ? 34  ARG A NH1 1 
ATOM   288  N NH2 . ARG A 1 34  ? 3.741   -4.020  -7.414  1.00 9.31  ? 34  ARG A NH2 1 
ATOM   289  N N   . GLU A 1 35  ? -1.546  -5.054  -7.786  1.00 8.71  ? 35  GLU A N   1 
ATOM   290  C CA  . GLU A 1 35  ? -1.249  -6.476  -7.758  1.00 8.77  ? 35  GLU A CA  1 
ATOM   291  C C   . GLU A 1 35  ? 0.259   -6.647  -7.573  1.00 8.89  ? 35  GLU A C   1 
ATOM   292  O O   . GLU A 1 35  ? 1.068   -5.791  -7.970  1.00 8.49  ? 35  GLU A O   1 
ATOM   293  C CB  . GLU A 1 35  ? -1.578  -7.134  -9.085  1.00 9.85  ? 35  GLU A CB  1 
ATOM   294  C CG  . GLU A 1 35  ? -3.030  -7.154  -9.483  1.00 11.68 ? 35  GLU A CG  1 
ATOM   295  C CD  . GLU A 1 35  ? -3.229  -7.809  -10.852 1.00 13.66 ? 35  GLU A CD  1 
ATOM   296  O OE1 . GLU A 1 35  ? -4.397  -7.864  -11.305 1.00 15.20 ? 35  GLU A OE1 1 
ATOM   297  O OE2 . GLU A 1 35  ? -2.230  -8.255  -11.482 1.00 12.68 ? 35  GLU A OE2 1 
ATOM   298  N N   . SER A 1 36  ? 0.633   -7.746  -6.932  1.00 9.21  ? 36  SER A N   1 
ATOM   299  C CA  . SER A 1 36  ? 2.036   -8.092  -6.797  1.00 10.04 ? 36  SER A CA  1 
ATOM   300  C C   . SER A 1 36  ? 2.449   -8.493  -8.229  1.00 10.81 ? 36  SER A C   1 
ATOM   301  O O   . SER A 1 36  ? 1.647   -9.083  -8.979  1.00 9.67  ? 36  SER A O   1 
ATOM   302  C CB  . SER A 1 36  ? 2.179   -9.325  -5.894  1.00 11.35 ? 36  SER A CB  1 
ATOM   303  O OG  . SER A 1 36  ? 3.426   -9.988  -6.112  1.00 13.26 ? 36  SER A OG  1 
ATOM   304  N N   . GLU A 1 37  ? 3.692   -8.214  -8.601  1.00 10.79 ? 37  GLU A N   1 
ATOM   305  C CA  . GLU A 1 37  ? 4.135   -8.590  -9.938  1.00 12.00 ? 37  GLU A CA  1 
ATOM   306  C C   . GLU A 1 37  ? 4.256   -10.107 -10.100 1.00 14.16 ? 37  GLU A C   1 
ATOM   307  O O   . GLU A 1 37  ? 3.852   -10.680 -11.132 1.00 13.74 ? 37  GLU A O   1 
ATOM   308  C CB  . GLU A 1 37  ? 5.493   -7.978  -10.261 1.00 11.47 ? 37  GLU A CB  1 
ATOM   309  C CG  . GLU A 1 37  ? 5.415   -6.485  -10.577 1.00 11.12 ? 37  GLU A CG  1 
ATOM   310  C CD  . GLU A 1 37  ? 6.746   -5.884  -10.948 1.00 11.67 ? 37  GLU A CD  1 
ATOM   311  O OE1 . GLU A 1 37  ? 7.766   -6.600  -10.943 1.00 11.88 ? 37  GLU A OE1 1 
ATOM   312  O OE2 . GLU A 1 37  ? 6.761   -4.678  -11.264 1.00 9.82  ? 37  GLU A OE2 1 
ATOM   313  N N   . THR A 1 38  ? 4.776   -10.750 -9.060  1.00 14.87 ? 38  THR A N   1 
ATOM   314  C CA  . THR A 1 38  ? 5.058   -12.164 -9.152  1.00 16.27 ? 38  THR A CA  1 
ATOM   315  C C   . THR A 1 38  ? 4.336   -13.120 -8.217  1.00 17.98 ? 38  THR A C   1 
ATOM   316  O O   . THR A 1 38  ? 4.425   -14.345 -8.406  1.00 18.30 ? 38  THR A O   1 
ATOM   317  C CB  . THR A 1 38  ? 6.597   -12.394 -9.051  1.00 17.02 ? 38  THR A CB  1 
ATOM   318  O OG1 . THR A 1 38  ? 7.065   -12.019 -7.744  1.00 16.23 ? 38  THR A OG1 1 
ATOM   319  C CG2 . THR A 1 38  ? 7.338   -11.543 -10.097 1.00 15.22 ? 38  THR A CG2 1 
ATOM   320  N N   . THR A 1 39  ? 3.628   -12.599 -7.216  1.00 17.15 ? 39  THR A N   1 
ATOM   321  C CA  . THR A 1 39  ? 2.905   -13.483 -6.290  1.00 17.65 ? 39  THR A CA  1 
ATOM   322  C C   . THR A 1 39  ? 1.422   -13.534 -6.614  1.00 17.68 ? 39  THR A C   1 
ATOM   323  O O   . THR A 1 39  ? 0.662   -12.610 -6.305  1.00 16.86 ? 39  THR A O   1 
ATOM   324  C CB  . THR A 1 39  ? 3.138   -13.096 -4.857  1.00 18.85 ? 39  THR A CB  1 
ATOM   325  O OG1 . THR A 1 39  ? 4.551   -13.119 -4.597  1.00 21.77 ? 39  THR A OG1 1 
ATOM   326  C CG2 . THR A 1 39  ? 2.415   -14.065 -3.925  1.00 17.42 ? 39  THR A CG2 1 
ATOM   327  N N   . LYS A 1 40  ? 1.029   -14.625 -7.269  1.00 17.40 ? 40  LYS A N   1 
ATOM   328  C CA  . LYS A 1 40  ? -0.340  -14.829 -7.684  1.00 18.58 ? 40  LYS A CA  1 
ATOM   329  C C   . LYS A 1 40  ? -1.242  -14.690 -6.479  1.00 17.90 ? 40  LYS A C   1 
ATOM   330  O O   . LYS A 1 40  ? -0.928  -15.204 -5.406  1.00 18.26 ? 40  LYS A O   1 
ATOM   331  C CB  . LYS A 1 40  ? -0.479  -16.224 -8.319  1.00 22.43 ? 40  LYS A CB  1 
ATOM   332  C CG  . LYS A 1 40  ? -1.903  -16.730 -8.488  1.00 30.21 ? 40  LYS A CG  1 
ATOM   333  C CD  . LYS A 1 40  ? -2.388  -16.781 -9.950  1.00 36.61 ? 40  LYS A CD  1 
ATOM   334  C CE  . LYS A 1 40  ? -3.216  -18.059 -10.207 1.00 39.21 ? 40  LYS A CE  1 
ATOM   335  N NZ  . LYS A 1 40  ? -4.209  -18.348 -9.123  1.00 42.30 ? 40  LYS A NZ  1 
ATOM   336  N N   . GLY A 1 41  ? -2.299  -13.904 -6.644  1.00 17.73 ? 41  GLY A N   1 
ATOM   337  C CA  . GLY A 1 41  ? -3.259  -13.721 -5.572  1.00 18.42 ? 41  GLY A CA  1 
ATOM   338  C C   . GLY A 1 41  ? -2.868  -12.760 -4.465  1.00 17.92 ? 41  GLY A C   1 
ATOM   339  O O   . GLY A 1 41  ? -3.675  -12.550 -3.553  1.00 18.04 ? 41  GLY A O   1 
ATOM   340  N N   . ALA A 1 42  ? -1.674  -12.165 -4.556  1.00 16.19 ? 42  ALA A N   1 
ATOM   341  C CA  . ALA A 1 42  ? -1.205  -11.223 -3.549  1.00 13.54 ? 42  ALA A CA  1 
ATOM   342  C C   . ALA A 1 42  ? -1.196  -9.793  -4.097  1.00 13.25 ? 42  ALA A C   1 
ATOM   343  O O   . ALA A 1 42  ? -1.205  -9.577  -5.313  1.00 12.93 ? 42  ALA A O   1 
ATOM   344  C CB  . ALA A 1 42  ? 0.175   -11.601 -3.045  1.00 13.47 ? 42  ALA A CB  1 
ATOM   345  N N   . TYR A 1 43  ? -1.218  -8.826  -3.183  1.00 10.85 ? 43  TYR A N   1 
ATOM   346  C CA  . TYR A 1 43  ? -1.220  -7.413  -3.543  1.00 9.83  ? 43  TYR A CA  1 
ATOM   347  C C   . TYR A 1 43  ? 0.000   -6.746  -2.945  1.00 8.30  ? 43  TYR A C   1 
ATOM   348  O O   . TYR A 1 43  ? 0.705   -7.328  -2.127  1.00 8.55  ? 43  TYR A O   1 
ATOM   349  C CB  . TYR A 1 43  ? -2.472  -6.716  -2.981  1.00 9.52  ? 43  TYR A CB  1 
ATOM   350  C CG  . TYR A 1 43  ? -3.763  -7.337  -3.448  1.00 10.86 ? 43  TYR A CG  1 
ATOM   351  C CD1 . TYR A 1 43  ? -4.482  -8.218  -2.629  1.00 13.68 ? 43  TYR A CD1 1 
ATOM   352  C CD2 . TYR A 1 43  ? -4.236  -7.097  -4.733  1.00 12.92 ? 43  TYR A CD2 1 
ATOM   353  C CE1 . TYR A 1 43  ? -5.645  -8.846  -3.095  1.00 16.76 ? 43  TYR A CE1 1 
ATOM   354  C CE2 . TYR A 1 43  ? -5.383  -7.710  -5.208  1.00 15.42 ? 43  TYR A CE2 1 
ATOM   355  C CZ  . TYR A 1 43  ? -6.081  -8.584  -4.390  1.00 20.41 ? 43  TYR A CZ  1 
ATOM   356  O OH  . TYR A 1 43  ? -7.191  -9.204  -4.899  1.00 24.28 ? 43  TYR A OH  1 
ATOM   357  N N   . CYS A 1 44  ? 0.242   -5.513  -3.353  1.00 8.12  ? 44  CYS A N   1 
ATOM   358  C CA  . CYS A 1 44  ? 1.331   -4.732  -2.802  1.00 7.68  ? 44  CYS A CA  1 
ATOM   359  C C   . CYS A 1 44  ? 0.784   -3.369  -2.469  1.00 7.32  ? 44  CYS A C   1 
ATOM   360  O O   . CYS A 1 44  ? 0.010   -2.802  -3.243  1.00 6.90  ? 44  CYS A O   1 
ATOM   361  C CB  . CYS A 1 44  ? 2.469   -4.529  -3.793  1.00 9.61  ? 44  CYS A CB  1 
ATOM   362  S SG  . CYS A 1 44  ? 3.534   -5.978  -4.025  1.00 15.70 ? 44  CYS A SG  1 
ATOM   363  N N   . LEU A 1 45  ? 1.097   -2.934  -1.257  1.00 6.24  ? 45  LEU A N   1 
ATOM   364  C CA  . LEU A 1 45  ? 0.756   -1.605  -0.753  1.00 7.01  ? 45  LEU A CA  1 
ATOM   365  C C   . LEU A 1 45  ? 2.036   -0.770  -0.968  1.00 7.46  ? 45  LEU A C   1 
ATOM   366  O O   . LEU A 1 45  ? 3.071   -1.057  -0.356  1.00 6.48  ? 45  LEU A O   1 
ATOM   367  C CB  . LEU A 1 45  ? 0.407   -1.674  0.741   1.00 8.10  ? 45  LEU A CB  1 
ATOM   368  C CG  . LEU A 1 45  ? 0.245   -0.353  1.533   1.00 5.57  ? 45  LEU A CG  1 
ATOM   369  C CD1 . LEU A 1 45  ? -0.858  0.505   0.969   1.00 6.00  ? 45  LEU A CD1 1 
ATOM   370  C CD2 . LEU A 1 45  ? -0.067  -0.704  2.988   1.00 7.38  ? 45  LEU A CD2 1 
ATOM   371  N N   . SER A 1 46  ? 1.987   0.192   -1.890  1.00 6.14  ? 46  SER A N   1 
ATOM   372  C CA  . SER A 1 46  ? 3.153   1.034   -2.177  1.00 6.89  ? 46  SER A CA  1 
ATOM   373  C C   . SER A 1 46  ? 2.937   2.377   -1.476  1.00 6.81  ? 46  SER A C   1 
ATOM   374  O O   . SER A 1 46  ? 1.895   3.022   -1.664  1.00 6.19  ? 46  SER A O   1 
ATOM   375  C CB  . SER A 1 46  ? 3.323   1.158   -3.683  1.00 6.66  ? 46  SER A CB  1 
ATOM   376  O OG  . SER A 1 46  ? 3.560   -0.141  -4.209  1.00 6.23  ? 46  SER A OG  1 
ATOM   377  N N   . VAL A 1 47  ? 3.938   2.794   -0.688  1.00 6.63  ? 47  VAL A N   1 
ATOM   378  C CA  . VAL A 1 47  ? 3.823   3.984   0.160   1.00 6.09  ? 47  VAL A CA  1 
ATOM   379  C C   . VAL A 1 47  ? 5.006   4.936   0.039   1.00 6.78  ? 47  VAL A C   1 
ATOM   380  O O   . VAL A 1 47  ? 6.174   4.487   0.025   1.00 7.29  ? 47  VAL A O   1 
ATOM   381  C CB  . VAL A 1 47  ? 3.707   3.558   1.664   1.00 6.74  ? 47  VAL A CB  1 
ATOM   382  C CG1 . VAL A 1 47  ? 3.353   4.746   2.565   1.00 7.58  ? 47  VAL A CG1 1 
ATOM   383  C CG2 . VAL A 1 47  ? 2.698   2.423   1.845   1.00 6.55  ? 47  VAL A CG2 1 
ATOM   384  N N   . SER A 1 48  ? 4.709   6.243   -0.019  1.00 6.36  ? 48  SER A N   1 
ATOM   385  C CA  . SER A 1 48  ? 5.792   7.221   -0.093  1.00 8.01  ? 48  SER A CA  1 
ATOM   386  C C   . SER A 1 48  ? 6.253   7.589   1.318   1.00 8.50  ? 48  SER A C   1 
ATOM   387  O O   . SER A 1 48  ? 5.481   7.537   2.291   1.00 8.26  ? 48  SER A O   1 
ATOM   388  C CB  . SER A 1 48  ? 5.370   8.467   -0.879  1.00 8.41  ? 48  SER A CB  1 
ATOM   389  O OG  . SER A 1 48  ? 4.469   9.262   -0.145  1.00 9.35  ? 48  SER A OG  1 
ATOM   390  N N   . ASP A 1 49  ? 7.538   7.904   1.427   1.00 9.89  ? 49  ASP A N   1 
ATOM   391  C CA  . ASP A 1 49  ? 8.129   8.320   2.685   1.00 9.55  ? 49  ASP A CA  1 
ATOM   392  C C   . ASP A 1 49  ? 9.092   9.465   2.379   1.00 10.10 ? 49  ASP A C   1 
ATOM   393  O O   . ASP A 1 49  ? 9.399   9.749   1.207   1.00 9.62  ? 49  ASP A O   1 
ATOM   394  C CB  . ASP A 1 49  ? 8.900   7.187   3.353   1.00 10.05 ? 49  ASP A CB  1 
ATOM   395  C CG  . ASP A 1 49  ? 9.166   7.454   4.852   1.00 13.38 ? 49  ASP A CG  1 
ATOM   396  O OD1 . ASP A 1 49  ? 8.639   8.444   5.436   1.00 14.17 ? 49  ASP A OD1 1 
ATOM   397  O OD2 . ASP A 1 49  ? 9.878   6.632   5.462   1.00 14.50 ? 49  ASP A OD2 1 
ATOM   398  N N   . PHE A 1 50  ? 9.525   10.148  3.430   1.00 10.60 ? 50  PHE A N   1 
ATOM   399  C CA  . PHE A 1 50  ? 10.458  11.247  3.282   1.00 12.85 ? 50  PHE A CA  1 
ATOM   400  C C   . PHE A 1 50  ? 11.247  11.444  4.569   1.00 14.16 ? 50  PHE A C   1 
ATOM   401  O O   . PHE A 1 50  ? 10.700  11.340  5.678   1.00 14.49 ? 50  PHE A O   1 
ATOM   402  C CB  . PHE A 1 50  ? 9.715   12.565  2.950   1.00 11.74 ? 50  PHE A CB  1 
ATOM   403  C CG  . PHE A 1 50  ? 10.617  13.768  2.880   1.00 11.43 ? 50  PHE A CG  1 
ATOM   404  C CD1 . PHE A 1 50  ? 10.961  14.476  4.043   1.00 12.29 ? 50  PHE A CD1 1 
ATOM   405  C CD2 . PHE A 1 50  ? 11.201  14.142  1.674   1.00 12.44 ? 50  PHE A CD2 1 
ATOM   406  C CE1 . PHE A 1 50  ? 11.898  15.538  4.003   1.00 14.88 ? 50  PHE A CE1 1 
ATOM   407  C CE2 . PHE A 1 50  ? 12.141  15.210  1.617   1.00 15.66 ? 50  PHE A CE2 1 
ATOM   408  C CZ  . PHE A 1 50  ? 12.487  15.900  2.793   1.00 15.56 ? 50  PHE A CZ  1 
ATOM   409  N N   . ASP A 1 51  ? 12.552  11.649  4.396   1.00 16.05 ? 51  ASP A N   1 
ATOM   410  C CA  . ASP A 1 51  ? 13.443  12.018  5.497   1.00 17.64 ? 51  ASP A CA  1 
ATOM   411  C C   . ASP A 1 51  ? 14.618  12.817  4.882   1.00 18.77 ? 51  ASP A C   1 
ATOM   412  O O   . ASP A 1 51  ? 14.804  12.816  3.657   1.00 16.83 ? 51  ASP A O   1 
ATOM   413  C CB  . ASP A 1 51  ? 13.809  10.848  6.442   1.00 21.61 ? 51  ASP A CB  1 
ATOM   414  C CG  . ASP A 1 51  ? 14.595  9.751   5.776   1.00 25.82 ? 51  ASP A CG  1 
ATOM   415  O OD1 . ASP A 1 51  ? 14.339  8.554   6.077   1.00 29.75 ? 51  ASP A OD1 1 
ATOM   416  O OD2 . ASP A 1 51  ? 15.502  10.090  5.005   1.00 29.29 ? 51  ASP A OD2 1 
ATOM   417  N N   . ASN A 1 52  ? 15.329  13.595  5.699   1.00 20.49 ? 52  ASN A N   1 
ATOM   418  C CA  . ASN A 1 52  ? 16.427  14.412  5.174   1.00 23.39 ? 52  ASN A CA  1 
ATOM   419  C C   . ASN A 1 52  ? 17.544  13.534  4.604   1.00 25.56 ? 52  ASN A C   1 
ATOM   420  O O   . ASN A 1 52  ? 18.207  13.918  3.634   1.00 27.25 ? 52  ASN A O   1 
ATOM   421  C CB  . ASN A 1 52  ? 16.985  15.375  6.248   1.00 23.48 ? 52  ASN A CB  1 
ATOM   422  C CG  . ASN A 1 52  ? 15.932  16.364  6.762   1.00 23.39 ? 52  ASN A CG  1 
ATOM   423  O OD1 . ASN A 1 52  ? 14.947  16.644  6.083   1.00 21.69 ? 52  ASN A OD1 1 
ATOM   424  N ND2 . ASN A 1 52  ? 16.131  16.870  7.980   1.00 18.81 ? 52  ASN A ND2 1 
ATOM   425  N N   . ALA A 1 53  ? 17.685  12.333  5.165   1.00 26.76 ? 53  ALA A N   1 
ATOM   426  C CA  . ALA A 1 53  ? 18.709  11.376  4.731   1.00 28.15 ? 53  ALA A CA  1 
ATOM   427  C C   . ALA A 1 53  ? 18.458  10.878  3.303   1.00 28.14 ? 53  ALA A C   1 
ATOM   428  O O   . ALA A 1 53  ? 19.222  11.168  2.370   1.00 29.98 ? 53  ALA A O   1 
ATOM   429  C CB  . ALA A 1 53  ? 18.755  10.206  5.700   1.00 29.06 ? 53  ALA A CB  1 
ATOM   430  N N   . LYS A 1 54  ? 17.354  10.159  3.140   1.00 26.41 ? 54  LYS A N   1 
ATOM   431  C CA  . LYS A 1 54  ? 16.952  9.577   1.860   1.00 24.88 ? 54  LYS A CA  1 
ATOM   432  C C   . LYS A 1 54  ? 16.151  10.497  0.956   1.00 22.40 ? 54  LYS A C   1 
ATOM   433  O O   . LYS A 1 54  ? 16.057  10.276  -0.250  1.00 22.30 ? 54  LYS A O   1 
ATOM   434  C CB  . LYS A 1 54  ? 16.091  8.331   2.099   1.00 25.54 ? 54  LYS A CB  1 
ATOM   435  C CG  . LYS A 1 54  ? 16.749  7.210   2.866   1.00 25.65 ? 54  LYS A CG  1 
ATOM   436  C CD  . LYS A 1 54  ? 15.793  6.034   2.947   1.00 26.05 ? 54  LYS A CD  1 
ATOM   437  C CE  . LYS A 1 54  ? 16.467  4.802   3.527   1.00 27.21 ? 54  LYS A CE  1 
ATOM   438  N NZ  . LYS A 1 54  ? 15.671  3.537   3.293   1.00 27.78 ? 54  LYS A NZ  1 
ATOM   439  N N   . GLY A 1 55  ? 15.512  11.498  1.546   1.00 20.38 ? 55  GLY A N   1 
ATOM   440  C CA  . GLY A 1 55  ? 14.673  12.374  0.746   1.00 17.19 ? 55  GLY A CA  1 
ATOM   441  C C   . GLY A 1 55  ? 13.396  11.589  0.465   1.00 14.61 ? 55  GLY A C   1 
ATOM   442  O O   . GLY A 1 55  ? 13.027  10.705  1.259   1.00 13.36 ? 55  GLY A O   1 
ATOM   443  N N   . LEU A 1 56  ? 12.740  11.897  -0.653  1.00 13.08 ? 56  LEU A N   1 
ATOM   444  C CA  . LEU A 1 56  ? 11.491  11.232  -1.027  1.00 12.90 ? 56  LEU A CA  1 
ATOM   445  C C   . LEU A 1 56  ? 11.821  9.824   -1.540  1.00 11.75 ? 56  LEU A C   1 
ATOM   446  O O   . LEU A 1 56  ? 12.681  9.669   -2.422  1.00 11.94 ? 56  LEU A O   1 
ATOM   447  C CB  . LEU A 1 56  ? 10.763  12.065  -2.077  1.00 14.71 ? 56  LEU A CB  1 
ATOM   448  C CG  . LEU A 1 56  ? 9.362   11.683  -2.552  1.00 17.69 ? 56  LEU A CG  1 
ATOM   449  C CD1 . LEU A 1 56  ? 8.411   11.669  -1.409  1.00 17.53 ? 56  LEU A CD1 1 
ATOM   450  C CD2 . LEU A 1 56  ? 8.896   12.655  -3.605  1.00 22.04 ? 56  LEU A CD2 1 
ATOM   451  N N   . ASN A 1 57  ? 11.167  8.801   -0.980  1.00 10.53 ? 57  ASN A N   1 
ATOM   452  C CA  . ASN A 1 57  ? 11.451  7.422   -1.369  1.00 10.05 ? 57  ASN A CA  1 
ATOM   453  C C   . ASN A 1 57  ? 10.200  6.597   -1.212  1.00 10.08 ? 57  ASN A C   1 
ATOM   454  O O   . ASN A 1 57  ? 9.235   7.067   -0.616  1.00 11.33 ? 57  ASN A O   1 
ATOM   455  C CB  . ASN A 1 57  ? 12.618  6.824   -0.564  1.00 9.99  ? 57  ASN A CB  1 
ATOM   456  C CG  . ASN A 1 57  ? 12.347  6.778   0.929   1.00 10.49 ? 57  ASN A CG  1 
ATOM   457  O OD1 . ASN A 1 57  ? 12.090  5.709   1.489   1.00 13.30 ? 57  ASN A OD1 1 
ATOM   458  N ND2 . ASN A 1 57  ? 12.448  7.926   1.589   1.00 10.73 ? 57  ASN A ND2 1 
ATOM   459  N N   . VAL A 1 58  ? 10.239  5.349   -1.678  1.00 8.34  ? 58  VAL A N   1 
ATOM   460  C CA  . VAL A 1 58  ? 9.046   4.501   -1.670  1.00 8.16  ? 58  VAL A CA  1 
ATOM   461  C C   . VAL A 1 58  ? 9.298   3.132   -1.053  1.00 8.05  ? 58  VAL A C   1 
ATOM   462  O O   . VAL A 1 58  ? 10.349  2.542   -1.296  1.00 8.04  ? 58  VAL A O   1 
ATOM   463  C CB  . VAL A 1 58  ? 8.540   4.312   -3.138  1.00 8.49  ? 58  VAL A CB  1 
ATOM   464  C CG1 . VAL A 1 58  ? 7.283   3.445   -3.205  1.00 9.17  ? 58  VAL A CG1 1 
ATOM   465  C CG2 . VAL A 1 58  ? 8.284   5.680   -3.800  1.00 8.87  ? 58  VAL A CG2 1 
ATOM   466  N N   . LYS A 1 59  ? 8.327   2.643   -0.282  1.00 7.05  ? 59  LYS A N   1 
ATOM   467  C CA  . LYS A 1 59  ? 8.387   1.325   0.322   1.00 8.02  ? 59  LYS A CA  1 
ATOM   468  C C   . LYS A 1 59  ? 7.219   0.498   -0.228  1.00 7.66  ? 59  LYS A C   1 
ATOM   469  O O   . LYS A 1 59  ? 6.178   1.042   -0.579  1.00 7.97  ? 59  LYS A O   1 
ATOM   470  C CB  . LYS A 1 59  ? 8.290   1.399   1.836   1.00 9.10  ? 59  LYS A CB  1 
ATOM   471  C CG  . LYS A 1 59  ? 9.507   2.018   2.533   1.00 14.61 ? 59  LYS A CG  1 
ATOM   472  C CD  . LYS A 1 59  ? 10.783  1.181   2.341   1.00 20.83 ? 59  LYS A CD  1 
ATOM   473  C CE  . LYS A 1 59  ? 11.929  1.689   3.239   1.00 24.67 ? 59  LYS A CE  1 
ATOM   474  N NZ  . LYS A 1 59  ? 13.265  1.057   2.960   1.00 25.51 ? 59  LYS A NZ  1 
ATOM   475  N N   . HIS A 1 60  ? 7.410   -0.815  -0.325  1.00 7.34  ? 60  HIS A N   1 
ATOM   476  C CA  . HIS A 1 60  ? 6.381   -1.731  -0.838  1.00 8.07  ? 60  HIS A CA  1 
ATOM   477  C C   . HIS A 1 60  ? 6.150   -2.832  0.201   1.00 8.11  ? 60  HIS A C   1 
ATOM   478  O O   . HIS A 1 60  ? 7.109   -3.412  0.704   1.00 8.99  ? 60  HIS A O   1 
ATOM   479  C CB  . HIS A 1 60  ? 6.844   -2.362  -2.152  1.00 5.92  ? 60  HIS A CB  1 
ATOM   480  C CG  . HIS A 1 60  ? 7.218   -1.352  -3.200  1.00 6.95  ? 60  HIS A CG  1 
ATOM   481  N ND1 . HIS A 1 60  ? 6.290   -0.726  -3.993  1.00 6.68  ? 60  HIS A ND1 1 
ATOM   482  C CD2 . HIS A 1 60  ? 8.427   -0.837  -3.554  1.00 7.09  ? 60  HIS A CD2 1 
ATOM   483  C CE1 . HIS A 1 60  ? 6.896   0.136   -4.796  1.00 6.95  ? 60  HIS A CE1 1 
ATOM   484  N NE2 . HIS A 1 60  ? 8.193   0.090   -4.543  1.00 7.28  ? 60  HIS A NE2 1 
ATOM   485  N N   . TYR A 1 61  ? 4.885   -3.097  0.523   1.00 6.75  ? 61  TYR A N   1 
ATOM   486  C CA  . TYR A 1 61  ? 4.512   -4.113  1.508   1.00 7.79  ? 61  TYR A CA  1 
ATOM   487  C C   . TYR A 1 61  ? 3.550   -5.119  0.881   1.00 7.89  ? 61  TYR A C   1 
ATOM   488  O O   . TYR A 1 61  ? 2.533   -4.761  0.304   1.00 8.58  ? 61  TYR A O   1 
ATOM   489  C CB  . TYR A 1 61  ? 3.839   -3.460  2.709   1.00 7.26  ? 61  TYR A CB  1 
ATOM   490  C CG  . TYR A 1 61  ? 4.681   -2.356  3.303   1.00 7.59  ? 61  TYR A CG  1 
ATOM   491  C CD1 . TYR A 1 61  ? 4.458   -1.015  2.965   1.00 6.20  ? 61  TYR A CD1 1 
ATOM   492  C CD2 . TYR A 1 61  ? 5.724   -2.645  4.192   1.00 7.34  ? 61  TYR A CD2 1 
ATOM   493  C CE1 . TYR A 1 61  ? 5.242   -0.001  3.493   1.00 6.03  ? 61  TYR A CE1 1 
ATOM   494  C CE2 . TYR A 1 61  ? 6.514   -1.626  4.732   1.00 7.20  ? 61  TYR A CE2 1 
ATOM   495  C CZ  . TYR A 1 61  ? 6.264   -0.312  4.370   1.00 7.57  ? 61  TYR A CZ  1 
ATOM   496  O OH  . TYR A 1 61  ? 7.028   0.690   4.914   1.00 9.49  ? 61  TYR A OH  1 
ATOM   497  N N   . LYS A 1 62  ? 3.869   -6.392  1.003   1.00 8.07  ? 62  LYS A N   1 
ATOM   498  C CA  . LYS A 1 62  ? 3.029   -7.423  0.421   1.00 8.30  ? 62  LYS A CA  1 
ATOM   499  C C   . LYS A 1 62  ? 1.812   -7.673  1.282   1.00 7.55  ? 62  LYS A C   1 
ATOM   500  O O   . LYS A 1 62  ? 1.916   -7.800  2.492   1.00 7.73  ? 62  LYS A O   1 
ATOM   501  C CB  . LYS A 1 62  ? 3.814   -8.724  0.260   1.00 10.06 ? 62  LYS A CB  1 
ATOM   502  C CG  . LYS A 1 62  ? 3.019   -9.821  -0.437  1.00 17.08 ? 62  LYS A CG  1 
ATOM   503  C CD  . LYS A 1 62  ? 3.926   -10.800 -1.188  1.00 24.30 ? 62  LYS A CD  1 
ATOM   504  C CE  . LYS A 1 62  ? 4.483   -10.185 -2.481  1.00 28.63 ? 62  LYS A CE  1 
ATOM   505  N NZ  . LYS A 1 62  ? 5.570   -11.010 -3.123  1.00 33.02 ? 62  LYS A NZ  1 
ATOM   506  N N   . ILE A 1 63  ? 0.657   -7.698  0.645   1.00 7.36  ? 63  ILE A N   1 
ATOM   507  C CA  . ILE A 1 63  ? -0.588  -7.997  1.339   1.00 8.40  ? 63  ILE A CA  1 
ATOM   508  C C   . ILE A 1 63  ? -1.030  -9.389  0.857   1.00 9.49  ? 63  ILE A C   1 
ATOM   509  O O   . ILE A 1 63  ? -1.172  -9.641  -0.350  1.00 8.75  ? 63  ILE A O   1 
ATOM   510  C CB  . ILE A 1 63  ? -1.696  -7.004  1.013   1.00 8.51  ? 63  ILE A CB  1 
ATOM   511  C CG1 . ILE A 1 63  ? -1.345  -5.599  1.509   1.00 7.05  ? 63  ILE A CG1 1 
ATOM   512  C CG2 . ILE A 1 63  ? -3.011  -7.474  1.607   1.00 9.74  ? 63  ILE A CG2 1 
ATOM   513  C CD1 . ILE A 1 63  ? -2.327  -4.526  1.010   1.00 6.32  ? 63  ILE A CD1 1 
ATOM   514  N N   . ARG A 1 64  ? -1.226  -10.284 1.815   1.00 10.63 ? 64  ARG A N   1 
ATOM   515  C CA  . ARG A 1 64  ? -1.671  -11.644 1.554   1.00 13.14 ? 64  ARG A CA  1 
ATOM   516  C C   . ARG A 1 64  ? -3.180  -11.740 1.763   1.00 13.45 ? 64  ARG A C   1 
ATOM   517  O O   . ARG A 1 64  ? -3.764  -11.022 2.585   1.00 11.07 ? 64  ARG A O   1 
ATOM   518  C CB  . ARG A 1 64  ? -0.960  -12.616 2.511   1.00 15.20 ? 64  ARG A CB  1 
ATOM   519  C CG  . ARG A 1 64  ? 0.597   -12.567 2.466   1.00 22.42 ? 64  ARG A CG  1 
ATOM   520  C CD  . ARG A 1 64  ? 1.179   -13.009 1.107   1.00 32.88 ? 64  ARG A CD  1 
ATOM   521  N NE  . ARG A 1 64  ? 0.269   -13.861 0.316   1.00 41.66 ? 64  ARG A NE  1 
ATOM   522  C CZ  . ARG A 1 64  ? 0.650   -14.842 -0.507  1.00 44.40 ? 64  ARG A CZ  1 
ATOM   523  N NH1 . ARG A 1 64  ? 1.943   -15.133 -0.659  1.00 45.76 ? 64  ARG A NH1 1 
ATOM   524  N NH2 . ARG A 1 64  ? -0.268  -15.514 -1.207  1.00 45.60 ? 64  ARG A NH2 1 
ATOM   525  N N   . LYS A 1 65  ? -3.806  -12.644 1.015   1.00 15.19 ? 65  LYS A N   1 
ATOM   526  C CA  . LYS A 1 65  ? -5.241  -12.881 1.130   1.00 19.29 ? 65  LYS A CA  1 
ATOM   527  C C   . LYS A 1 65  ? -5.372  -14.394 1.292   1.00 22.24 ? 65  LYS A C   1 
ATOM   528  O O   . LYS A 1 65  ? -4.869  -15.165 0.463   1.00 22.19 ? 65  LYS A O   1 
ATOM   529  C CB  . LYS A 1 65  ? -5.937  -12.370 -0.129  1.00 22.25 ? 65  LYS A CB  1 
ATOM   530  C CG  . LYS A 1 65  ? -7.206  -13.107 -0.557  1.00 29.39 ? 65  LYS A CG  1 
ATOM   531  C CD  . LYS A 1 65  ? -8.382  -12.960 0.401   1.00 34.45 ? 65  LYS A CD  1 
ATOM   532  C CE  . LYS A 1 65  ? -9.583  -13.763 -0.106  1.00 37.19 ? 65  LYS A CE  1 
ATOM   533  N NZ  . LYS A 1 65  ? -10.587 -13.968 0.983   1.00 40.57 ? 65  LYS A NZ  1 
ATOM   534  N N   . LEU A 1 66  ? -5.937  -14.820 2.412   1.00 24.35 ? 66  LEU A N   1 
ATOM   535  C CA  . LEU A 1 66  ? -6.130  -16.244 2.670   1.00 27.68 ? 66  LEU A CA  1 
ATOM   536  C C   . LEU A 1 66  ? -7.439  -16.708 2.034   1.00 29.81 ? 66  LEU A C   1 
ATOM   537  O O   . LEU A 1 66  ? -8.364  -15.918 1.886   1.00 29.24 ? 66  LEU A O   1 
ATOM   538  C CB  . LEU A 1 66  ? -6.201  -16.474 4.165   1.00 26.64 ? 66  LEU A CB  1 
ATOM   539  C CG  . LEU A 1 66  ? -5.000  -16.078 5.007   1.00 28.06 ? 66  LEU A CG  1 
ATOM   540  C CD1 . LEU A 1 66  ? -5.399  -16.135 6.451   1.00 29.83 ? 66  LEU A CD1 1 
ATOM   541  C CD2 . LEU A 1 66  ? -3.813  -16.998 4.756   1.00 29.75 ? 66  LEU A CD2 1 
ATOM   542  N N   . ASP A 1 67  ? -7.524  -17.981 1.654   1.00 32.72 ? 67  ASP A N   1 
ATOM   543  C CA  . ASP A 1 67  ? -8.777  -18.498 1.088   1.00 35.53 ? 67  ASP A CA  1 
ATOM   544  C C   . ASP A 1 67  ? -9.776  -18.545 2.247   1.00 35.78 ? 67  ASP A C   1 
ATOM   545  O O   . ASP A 1 67  ? -10.987 -18.464 2.054   1.00 36.87 ? 67  ASP A O   1 
ATOM   546  C CB  . ASP A 1 67  ? -8.569  -19.889 0.496   1.00 40.81 ? 67  ASP A CB  1 
ATOM   547  C CG  . ASP A 1 67  ? -7.597  -19.876 -0.664  1.00 48.77 ? 67  ASP A CG  1 
ATOM   548  O OD1 . ASP A 1 67  ? -7.975  -19.408 -1.766  1.00 54.79 ? 67  ASP A OD1 1 
ATOM   549  O OD2 . ASP A 1 67  ? -6.443  -20.316 -0.465  1.00 55.05 ? 67  ASP A OD2 1 
ATOM   550  N N   . SER A 1 68  ? -9.222  -18.638 3.453   1.00 35.84 ? 68  SER A N   1 
ATOM   551  C CA  . SER A 1 68  ? -9.973  -18.646 4.703   1.00 35.90 ? 68  SER A CA  1 
ATOM   552  C C   . SER A 1 68  ? -10.608 -17.259 4.940   1.00 34.59 ? 68  SER A C   1 
ATOM   553  O O   . SER A 1 68  ? -11.335 -17.056 5.926   1.00 35.31 ? 68  SER A O   1 
ATOM   554  C CB  . SER A 1 68  ? -9.022  -18.996 5.839   1.00 38.91 ? 68  SER A CB  1 
ATOM   555  O OG  . SER A 1 68  ? -7.985  -19.821 5.314   1.00 43.51 ? 68  SER A OG  1 
ATOM   556  N N   . GLY A 1 69  ? -10.215 -16.280 4.121   1.00 32.27 ? 69  GLY A N   1 
ATOM   557  C CA  . GLY A 1 69  ? -10.819 -14.969 4.203   1.00 28.69 ? 69  GLY A CA  1 
ATOM   558  C C   . GLY A 1 69  ? -10.065 -13.718 4.586   1.00 26.04 ? 69  GLY A C   1 
ATOM   559  O O   . GLY A 1 69  ? -10.409 -12.642 4.104   1.00 27.29 ? 69  GLY A O   1 
ATOM   560  N N   . GLY A 1 70  ? -9.036  -13.830 5.410   1.00 23.52 ? 70  GLY A N   1 
ATOM   561  C CA  . GLY A 1 70  ? -8.354  -12.619 5.836   1.00 19.23 ? 70  GLY A CA  1 
ATOM   562  C C   . GLY A 1 70  ? -7.308  -11.999 4.941   1.00 16.37 ? 70  GLY A C   1 
ATOM   563  O O   . GLY A 1 70  ? -6.629  -12.703 4.194   1.00 15.32 ? 70  GLY A O   1 
ATOM   564  N N   . PHE A 1 71  ? -7.202  -10.671 5.040   1.00 12.95 ? 71  PHE A N   1 
ATOM   565  C CA  . PHE A 1 71  ? -6.206  -9.863  4.320   1.00 10.47 ? 71  PHE A CA  1 
ATOM   566  C C   . PHE A 1 71  ? -5.224  -9.385  5.390   1.00 8.76  ? 71  PHE A C   1 
ATOM   567  O O   . PHE A 1 71  ? -5.655  -8.986  6.471   1.00 7.84  ? 71  PHE A O   1 
ATOM   568  C CB  . PHE A 1 71  ? -6.834  -8.618  3.686   1.00 10.17 ? 71  PHE A CB  1 
ATOM   569  C CG  . PHE A 1 71  ? -7.713  -8.914  2.503   1.00 12.11 ? 71  PHE A CG  1 
ATOM   570  C CD1 . PHE A 1 71  ? -9.051  -9.264  2.683   1.00 11.68 ? 71  PHE A CD1 1 
ATOM   571  C CD2 . PHE A 1 71  ? -7.208  -8.817  1.206   1.00 11.85 ? 71  PHE A CD2 1 
ATOM   572  C CE1 . PHE A 1 71  ? -9.874  -9.509  1.577   1.00 13.92 ? 71  PHE A CE1 1 
ATOM   573  C CE2 . PHE A 1 71  ? -8.027  -9.060  0.102   1.00 14.12 ? 71  PHE A CE2 1 
ATOM   574  C CZ  . PHE A 1 71  ? -9.357  -9.407  0.292   1.00 13.55 ? 71  PHE A CZ  1 
ATOM   575  N N   . TYR A 1 72  ? -3.921  -9.407  5.103   1.00 7.60  ? 72  TYR A N   1 
ATOM   576  C CA  . TYR A 1 72  ? -2.955  -8.939  6.088   1.00 7.60  ? 72  TYR A CA  1 
ATOM   577  C C   . TYR A 1 72  ? -1.579  -8.720  5.504   1.00 7.19  ? 72  TYR A C   1 
ATOM   578  O O   . TYR A 1 72  ? -1.267  -9.233  4.433   1.00 7.29  ? 72  TYR A O   1 
ATOM   579  C CB  . TYR A 1 72  ? -2.824  -9.962  7.226   1.00 8.16  ? 72  TYR A CB  1 
ATOM   580  C CG  . TYR A 1 72  ? -2.285  -11.298 6.803   1.00 10.02 ? 72  TYR A CG  1 
ATOM   581  C CD1 . TYR A 1 72  ? -0.903  -11.540 6.713   1.00 11.32 ? 72  TYR A CD1 1 
ATOM   582  C CD2 . TYR A 1 72  ? -3.149  -12.319 6.450   1.00 13.82 ? 72  TYR A CD2 1 
ATOM   583  C CE1 . TYR A 1 72  ? -0.399  -12.770 6.290   1.00 12.28 ? 72  TYR A CE1 1 
ATOM   584  C CE2 . TYR A 1 72  ? -2.658  -13.550 6.027   1.00 18.19 ? 72  TYR A CE2 1 
ATOM   585  C CZ  . TYR A 1 72  ? -1.293  -13.763 5.940   1.00 16.04 ? 72  TYR A CZ  1 
ATOM   586  O OH  . TYR A 1 72  ? -0.860  -14.966 5.480   1.00 21.94 ? 72  TYR A OH  1 
ATOM   587  N N   . ILE A 1 73  ? -0.781  -7.922  6.208   1.00 8.05  ? 73  ILE A N   1 
ATOM   588  C CA  . ILE A 1 73  ? 0.624   -7.710  5.860   1.00 8.09  ? 73  ILE A CA  1 
ATOM   589  C C   . ILE A 1 73  ? 1.344   -8.634  6.857   1.00 8.57  ? 73  ILE A C   1 
ATOM   590  O O   . ILE A 1 73  ? 2.244   -9.393  6.464   1.00 9.61  ? 73  ILE A O   1 
ATOM   591  C CB  . ILE A 1 73  ? 1.057   -6.252  6.020   1.00 9.27  ? 73  ILE A CB  1 
ATOM   592  C CG1 . ILE A 1 73  ? 0.303   -5.390  5.008   1.00 8.42  ? 73  ILE A CG1 1 
ATOM   593  C CG2 . ILE A 1 73  ? 2.604   -6.120  5.813   1.00 9.35  ? 73  ILE A CG2 1 
ATOM   594  C CD1 . ILE A 1 73  ? 0.641   -3.907  5.081   1.00 8.10  ? 73  ILE A CD1 1 
ATOM   595  N N   . THR A 1 74  ? 0.975   -8.537  8.143   1.00 8.05  ? 74  THR A N   1 
ATOM   596  C CA  . THR A 1 74  ? 1.513   -9.438  9.169   1.00 8.93  ? 74  THR A CA  1 
ATOM   597  C C   . THR A 1 74  ? 0.352   -10.362 9.581   1.00 9.57  ? 74  THR A C   1 
ATOM   598  O O   . THR A 1 74  ? -0.789  -9.910  9.779   1.00 8.98  ? 74  THR A O   1 
ATOM   599  C CB  . THR A 1 74  ? 2.107   -8.728  10.407  1.00 8.27  ? 74  THR A CB  1 
ATOM   600  O OG1 . THR A 1 74  ? 2.456   -9.719  11.392  1.00 10.86 ? 74  THR A OG1 1 
ATOM   601  C CG2 . THR A 1 74  ? 1.132   -7.735  11.015  1.00 9.88  ? 74  THR A CG2 1 
ATOM   602  N N   . SER A 1 75  ? 0.625   -11.663 9.677   1.00 10.19 ? 75  SER A N   1 
ATOM   603  C CA  . SER A 1 75  ? -0.408  -12.630 10.012  1.00 10.70 ? 75  SER A CA  1 
ATOM   604  C C   . SER A 1 75  ? -1.049  -12.337 11.360  1.00 10.89 ? 75  SER A C   1 
ATOM   605  O O   . SER A 1 75  ? -2.167  -12.763 11.605  1.00 10.87 ? 75  SER A O   1 
ATOM   606  C CB  . SER A 1 75  ? 0.178   -14.049 10.013  1.00 14.56 ? 75  SER A CB  1 
ATOM   607  O OG  . SER A 1 75  ? 1.196   -14.161 11.015  1.00 15.34 ? 75  SER A OG  1 
ATOM   608  N N   . ARG A 1 76  ? -0.339  -11.615 12.231  1.00 11.54 ? 76  ARG A N   1 
ATOM   609  C CA  . ARG A 1 76  ? -0.868  -11.282 13.558  1.00 12.22 ? 76  ARG A CA  1 
ATOM   610  C C   . ARG A 1 76  ? -2.013  -10.263 13.506  1.00 12.51 ? 76  ARG A C   1 
ATOM   611  O O   . ARG A 1 76  ? -2.804  -10.164 14.460  1.00 13.48 ? 76  ARG A O   1 
ATOM   612  C CB  . ARG A 1 76  ? 0.233   -10.674 14.431  1.00 15.26 ? 76  ARG A CB  1 
ATOM   613  C CG  . ARG A 1 76  ? 1.387   -11.610 14.765  1.00 25.52 ? 76  ARG A CG  1 
ATOM   614  C CD  . ARG A 1 76  ? 1.039   -12.513 15.936  1.00 36.22 ? 76  ARG A CD  1 
ATOM   615  N NE  . ARG A 1 76  ? 0.811   -11.723 17.150  1.00 43.63 ? 76  ARG A NE  1 
ATOM   616  C CZ  . ARG A 1 76  ? 1.652   -11.662 18.181  1.00 46.99 ? 76  ARG A CZ  1 
ATOM   617  N NH1 . ARG A 1 76  ? 2.790   -12.355 18.180  1.00 47.07 ? 76  ARG A NH1 1 
ATOM   618  N NH2 . ARG A 1 76  ? 1.386   -10.833 19.181  1.00 51.27 ? 76  ARG A NH2 1 
ATOM   619  N N   . THR A 1 77  ? -2.129  -9.549  12.383  1.00 10.26 ? 77  THR A N   1 
ATOM   620  C CA  . THR A 1 77  ? -3.095  -8.450  12.259  1.00 9.68  ? 77  THR A CA  1 
ATOM   621  C C   . THR A 1 77  ? -3.830  -8.543  10.936  1.00 8.95  ? 77  THR A C   1 
ATOM   622  O O   . THR A 1 77  ? -3.380  -8.008  9.926   1.00 9.40  ? 77  THR A O   1 
ATOM   623  C CB  . THR A 1 77  ? -2.274  -7.139  12.390  1.00 9.80  ? 77  THR A CB  1 
ATOM   624  O OG1 . THR A 1 77  ? -1.472  -7.244  13.582  1.00 10.13 ? 77  THR A OG1 1 
ATOM   625  C CG2 . THR A 1 77  ? -3.137  -5.859  12.386  1.00 6.31  ? 77  THR A CG2 1 
ATOM   626  N N   . GLN A 1 78  ? -4.963  -9.241  10.964  1.00 8.36  ? 78  GLN A N   1 
ATOM   627  C CA  . GLN A 1 78  ? -5.770  -9.512  9.771   1.00 9.11  ? 78  GLN A CA  1 
ATOM   628  C C   . GLN A 1 78  ? -7.072  -8.729  9.713   1.00 9.12  ? 78  GLN A C   1 
ATOM   629  O O   . GLN A 1 78  ? -7.609  -8.313  10.764  1.00 9.36  ? 78  GLN A O   1 
ATOM   630  C CB  . GLN A 1 78  ? -6.069  -10.988 9.711   1.00 9.07  ? 78  GLN A CB  1 
ATOM   631  C CG  . GLN A 1 78  ? -4.823  -11.829 9.925   1.00 12.34 ? 78  GLN A CG  1 
ATOM   632  C CD  . GLN A 1 78  ? -5.018  -13.298 9.537   1.00 17.34 ? 78  GLN A CD  1 
ATOM   633  O OE1 . GLN A 1 78  ? -4.153  -14.128 9.822   1.00 20.45 ? 78  GLN A OE1 1 
ATOM   634  N NE2 . GLN A 1 78  ? -6.118  -13.617 8.850   1.00 13.22 ? 78  GLN A NE2 1 
ATOM   635  N N   . PHE A 1 79  ? -7.599  -8.589  8.497   1.00 8.35  ? 79  PHE A N   1 
ATOM   636  C CA  . PHE A 1 79  ? -8.824  -7.835  8.236   1.00 10.11 ? 79  PHE A CA  1 
ATOM   637  C C   . PHE A 1 79  ? -9.779  -8.613  7.325   1.00 11.04 ? 79  PHE A C   1 
ATOM   638  O O   . PHE A 1 79  ? -9.343  -9.417  6.489   1.00 11.22 ? 79  PHE A O   1 
ATOM   639  C CB  . PHE A 1 79  ? -8.465  -6.488  7.608   1.00 10.11 ? 79  PHE A CB  1 
ATOM   640  C CG  . PHE A 1 79  ? -7.532  -5.687  8.459   1.00 9.05  ? 79  PHE A CG  1 
ATOM   641  C CD1 . PHE A 1 79  ? -6.155  -5.819  8.311   1.00 9.50  ? 79  PHE A CD1 1 
ATOM   642  C CD2 . PHE A 1 79  ? -8.015  -4.912  9.508   1.00 8.20  ? 79  PHE A CD2 1 
ATOM   643  C CE1 . PHE A 1 79  ? -5.265  -5.194  9.189   1.00 6.96  ? 79  PHE A CE1 1 
ATOM   644  C CE2 . PHE A 1 79  ? -7.136  -4.282  10.401  1.00 9.26  ? 79  PHE A CE2 1 
ATOM   645  C CZ  . PHE A 1 79  ? -5.757  -4.432  10.237  1.00 8.73  ? 79  PHE A CZ  1 
ATOM   646  N N   . ASN A 1 80  ? -11.070 -8.336  7.465   1.00 11.26 ? 80  ASN A N   1 
ATOM   647  C CA  . ASN A 1 80  ? -12.063 -9.034  6.684   1.00 12.40 ? 80  ASN A CA  1 
ATOM   648  C C   . ASN A 1 80  ? -12.123 -8.515  5.246   1.00 13.04 ? 80  ASN A C   1 
ATOM   649  O O   . ASN A 1 80  ? -12.721 -9.154  4.385   1.00 14.15 ? 80  ASN A O   1 
ATOM   650  C CB  . ASN A 1 80  ? -13.433 -8.985  7.380   1.00 14.58 ? 80  ASN A CB  1 
ATOM   651  C CG  . ASN A 1 80  ? -13.427 -9.694  8.748   1.00 17.51 ? 80  ASN A CG  1 
ATOM   652  O OD1 . ASN A 1 80  ? -12.713 -10.680 8.946   1.00 19.05 ? 80  ASN A OD1 1 
ATOM   653  N ND2 . ASN A 1 80  ? -14.209 -9.179  9.700   1.00 17.15 ? 80  ASN A ND2 1 
ATOM   654  N N   . SER A 1 81  ? -11.466 -7.387  4.972   1.00 11.45 ? 81  SER A N   1 
ATOM   655  C CA  . SER A 1 81  ? -11.441 -6.820  3.623   1.00 11.44 ? 81  SER A CA  1 
ATOM   656  C C   . SER A 1 81  ? -10.213 -5.933  3.460   1.00 11.50 ? 81  SER A C   1 
ATOM   657  O O   . SER A 1 81  ? -9.641  -5.437  4.441   1.00 11.81 ? 81  SER A O   1 
ATOM   658  C CB  . SER A 1 81  ? -12.683 -5.968  3.377   1.00 10.31 ? 81  SER A CB  1 
ATOM   659  O OG  . SER A 1 81  ? -12.657 -4.816  4.219   1.00 10.39 ? 81  SER A OG  1 
ATOM   660  N N   . LEU A 1 82  ? -9.854  -5.674  2.217   1.00 11.05 ? 82  LEU A N   1 
ATOM   661  C CA  . LEU A 1 82  ? -8.727  -4.827  1.898   1.00 11.00 ? 82  LEU A CA  1 
ATOM   662  C C   . LEU A 1 82  ? -9.066  -3.400  2.372   1.00 10.75 ? 82  LEU A C   1 
ATOM   663  O O   . LEU A 1 82  ? -8.206  -2.654  2.861   1.00 11.07 ? 82  LEU A O   1 
ATOM   664  C CB  . LEU A 1 82  ? -8.529  -4.873  0.386   1.00 12.89 ? 82  LEU A CB  1 
ATOM   665  C CG  . LEU A 1 82  ? -7.192  -4.521  -0.245  1.00 18.26 ? 82  LEU A CG  1 
ATOM   666  C CD1 . LEU A 1 82  ? -6.031  -5.190  0.494   1.00 17.50 ? 82  LEU A CD1 1 
ATOM   667  C CD2 . LEU A 1 82  ? -7.251  -4.985  -1.704  1.00 18.90 ? 82  LEU A CD2 1 
ATOM   668  N N   . GLN A 1 83  ? -10.337 -3.041  2.252   1.00 10.31 ? 83  GLN A N   1 
ATOM   669  C CA  . GLN A 1 83  ? -10.820 -1.733  2.679   1.00 11.00 ? 83  GLN A CA  1 
ATOM   670  C C   . GLN A 1 83  ? -10.557 -1.503  4.184   1.00 10.91 ? 83  GLN A C   1 
ATOM   671  O O   . GLN A 1 83  ? -10.126 -0.417  4.618   1.00 9.92  ? 83  GLN A O   1 
ATOM   672  C CB  . GLN A 1 83  ? -12.317 -1.621  2.367   1.00 13.62 ? 83  GLN A CB  1 
ATOM   673  C CG  . GLN A 1 83  ? -12.628 -1.625  0.845   1.00 20.76 ? 83  GLN A CG  1 
ATOM   674  C CD  . GLN A 1 83  ? -12.747 -3.013  0.126   1.00 23.36 ? 83  GLN A CD  1 
ATOM   675  O OE1 . GLN A 1 83  ? -13.161 -3.074  -1.041  1.00 29.92 ? 83  GLN A OE1 1 
ATOM   676  N NE2 . GLN A 1 83  ? -12.433 -4.088  0.805   1.00 18.85 ? 83  GLN A NE2 1 
ATOM   677  N N   . GLN A 1 84  ? -10.851 -2.528  4.983   1.00 10.21 ? 84  GLN A N   1 
ATOM   678  C CA  . GLN A 1 84  ? -10.629 -2.446  6.424   1.00 9.67  ? 84  GLN A CA  1 
ATOM   679  C C   . GLN A 1 84  ? -9.141  -2.383  6.740   1.00 8.23  ? 84  GLN A C   1 
ATOM   680  O O   . GLN A 1 84  ? -8.727  -1.679  7.664   1.00 8.85  ? 84  GLN A O   1 
ATOM   681  C CB  . GLN A 1 84  ? -11.305 -3.619  7.130   1.00 10.86 ? 84  GLN A CB  1 
ATOM   682  C CG  . GLN A 1 84  ? -12.816 -3.416  7.197   1.00 11.59 ? 84  GLN A CG  1 
ATOM   683  C CD  . GLN A 1 84  ? -13.570 -4.702  7.470   1.00 14.03 ? 84  GLN A CD  1 
ATOM   684  O OE1 . GLN A 1 84  ? -13.374 -5.709  6.780   1.00 14.31 ? 84  GLN A OE1 1 
ATOM   685  N NE2 . GLN A 1 84  ? -14.463 -4.668  8.462   1.00 13.80 ? 84  GLN A NE2 1 
ATOM   686  N N   . LEU A 1 85  ? -8.336  -3.080  5.939   1.00 8.40  ? 85  LEU A N   1 
ATOM   687  C CA  . LEU A 1 85  ? -6.879  -3.060  6.124   1.00 7.31  ? 85  LEU A CA  1 
ATOM   688  C C   . LEU A 1 85  ? -6.391  -1.647  5.861   1.00 6.94  ? 85  LEU A C   1 
ATOM   689  O O   . LEU A 1 85  ? -5.635  -1.079  6.651   1.00 7.16  ? 85  LEU A O   1 
ATOM   690  C CB  . LEU A 1 85  ? -6.174  -4.069  5.195   1.00 6.60  ? 85  LEU A CB  1 
ATOM   691  C CG  . LEU A 1 85  ? -4.636  -4.142  5.324   1.00 7.80  ? 85  LEU A CG  1 
ATOM   692  C CD1 . LEU A 1 85  ? -4.135  -5.520  4.946   1.00 6.74  ? 85  LEU A CD1 1 
ATOM   693  C CD2 . LEU A 1 85  ? -3.941  -3.073  4.482   1.00 6.29  ? 85  LEU A CD2 1 
ATOM   694  N N   . VAL A 1 86  ? -6.868  -1.051  4.774   1.00 7.57  ? 86  VAL A N   1 
ATOM   695  C CA  . VAL A 1 86  ? -6.447  0.311   4.447   1.00 7.81  ? 86  VAL A CA  1 
ATOM   696  C C   . VAL A 1 86  ? -6.885  1.298   5.537   1.00 7.78  ? 86  VAL A C   1 
ATOM   697  O O   . VAL A 1 86  ? -6.097  2.151   5.973   1.00 8.02  ? 86  VAL A O   1 
ATOM   698  C CB  . VAL A 1 86  ? -6.958  0.712   3.042   1.00 7.95  ? 86  VAL A CB  1 
ATOM   699  C CG1 . VAL A 1 86  ? -6.834  2.224   2.825   1.00 9.42  ? 86  VAL A CG1 1 
ATOM   700  C CG2 . VAL A 1 86  ? -6.135  0.002   2.006   1.00 8.69  ? 86  VAL A CG2 1 
ATOM   701  N N   . ALA A 1 87  ? -8.117  1.149   6.018   1.00 7.78  ? 87  ALA A N   1 
ATOM   702  C CA  . ALA A 1 87  ? -8.603  2.053   7.052   1.00 8.15  ? 87  ALA A CA  1 
ATOM   703  C C   . ALA A 1 87  ? -7.751  1.943   8.341   1.00 8.38  ? 87  ALA A C   1 
ATOM   704  O O   . ALA A 1 87  ? -7.434  2.951   9.001   1.00 9.34  ? 87  ALA A O   1 
ATOM   705  C CB  . ALA A 1 87  ? -10.076 1.790   7.344   1.00 7.73  ? 87  ALA A CB  1 
ATOM   706  N N   . TYR A 1 88  ? -7.357  0.723   8.690   1.00 7.65  ? 88  TYR A N   1 
ATOM   707  C CA  . TYR A 1 88  ? -6.543  0.506   9.895   1.00 6.68  ? 88  TYR A CA  1 
ATOM   708  C C   . TYR A 1 88  ? -5.183  1.201   9.788   1.00 5.99  ? 88  TYR A C   1 
ATOM   709  O O   . TYR A 1 88  ? -4.754  1.923   10.700  1.00 7.84  ? 88  TYR A O   1 
ATOM   710  C CB  . TYR A 1 88  ? -6.358  -0.994  10.112  1.00 5.72  ? 88  TYR A CB  1 
ATOM   711  C CG  . TYR A 1 88  ? -5.432  -1.328  11.247  1.00 7.72  ? 88  TYR A CG  1 
ATOM   712  C CD1 . TYR A 1 88  ? -5.915  -1.505  12.553  1.00 9.29  ? 88  TYR A CD1 1 
ATOM   713  C CD2 . TYR A 1 88  ? -4.066  -1.481  11.024  1.00 7.74  ? 88  TYR A CD2 1 
ATOM   714  C CE1 . TYR A 1 88  ? -5.034  -1.830  13.618  1.00 8.58  ? 88  TYR A CE1 1 
ATOM   715  C CE2 . TYR A 1 88  ? -3.179  -1.794  12.078  1.00 8.72  ? 88  TYR A CE2 1 
ATOM   716  C CZ  . TYR A 1 88  ? -3.668  -1.970  13.372  1.00 10.08 ? 88  TYR A CZ  1 
ATOM   717  O OH  . TYR A 1 88  ? -2.797  -2.278  14.405  1.00 10.63 ? 88  TYR A OH  1 
ATOM   718  N N   . TYR A 1 89  ? -4.500  0.970   8.668   1.00 6.55  ? 89  TYR A N   1 
ATOM   719  C CA  . TYR A 1 89  ? -3.176  1.568   8.465   1.00 7.03  ? 89  TYR A CA  1 
ATOM   720  C C   . TYR A 1 89  ? -3.196  3.074   8.208   1.00 7.31  ? 89  TYR A C   1 
ATOM   721  O O   . TYR A 1 89  ? -2.145  3.697   8.119   1.00 7.98  ? 89  TYR A O   1 
ATOM   722  C CB  . TYR A 1 89  ? -2.351  0.781   7.436   1.00 7.34  ? 89  TYR A CB  1 
ATOM   723  C CG  . TYR A 1 89  ? -1.925  -0.576  7.980   1.00 6.09  ? 89  TYR A CG  1 
ATOM   724  C CD1 . TYR A 1 89  ? -2.493  -1.774  7.497   1.00 7.02  ? 89  TYR A CD1 1 
ATOM   725  C CD2 . TYR A 1 89  ? -0.960  -0.664  8.990   1.00 6.44  ? 89  TYR A CD2 1 
ATOM   726  C CE1 . TYR A 1 89  ? -2.103  -3.020  8.007   1.00 5.05  ? 89  TYR A CE1 1 
ATOM   727  C CE2 . TYR A 1 89  ? -0.569  -1.898  9.504   1.00 6.63  ? 89  TYR A CE2 1 
ATOM   728  C CZ  . TYR A 1 89  ? -1.145  -3.069  9.006   1.00 7.75  ? 89  TYR A CZ  1 
ATOM   729  O OH  . TYR A 1 89  ? -0.759  -4.290  9.525   1.00 8.57  ? 89  TYR A OH  1 
ATOM   730  N N   . SER A 1 90  ? -4.396  3.650   8.095   1.00 8.58  ? 90  SER A N   1 
ATOM   731  C CA  . SER A 1 90  ? -4.521  5.100   7.944   1.00 9.58  ? 90  SER A CA  1 
ATOM   732  C C   . SER A 1 90  ? -4.499  5.702   9.342   1.00 11.69 ? 90  SER A C   1 
ATOM   733  O O   . SER A 1 90  ? -4.357  6.922   9.494   1.00 13.50 ? 90  SER A O   1 
ATOM   734  C CB  . SER A 1 90  ? -5.816  5.456   7.249   1.00 9.00  ? 90  SER A CB  1 
ATOM   735  O OG  . SER A 1 90  ? -5.812  4.954   5.930   1.00 10.84 ? 90  SER A OG  1 
ATOM   736  N N   . LYS A 1 91  ? -4.633  4.850   10.361  1.00 10.28 ? 91  LYS A N   1 
ATOM   737  C CA  . LYS A 1 91  ? -4.617  5.285   11.754  1.00 10.72 ? 91  LYS A CA  1 
ATOM   738  C C   . LYS A 1 91  ? -3.388  4.812   12.492  1.00 10.17 ? 91  LYS A C   1 
ATOM   739  O O   . LYS A 1 91  ? -2.934  5.482   13.408  1.00 12.87 ? 91  LYS A O   1 
ATOM   740  C CB  . LYS A 1 91  ? -5.865  4.799   12.516  1.00 12.28 ? 91  LYS A CB  1 
ATOM   741  C CG  . LYS A 1 91  ? -7.172  5.445   12.067  1.00 20.24 ? 91  LYS A CG  1 
ATOM   742  C CD  . LYS A 1 91  ? -7.219  6.936   12.423  1.00 26.47 ? 91  LYS A CD  1 
ATOM   743  C CE  . LYS A 1 91  ? -8.586  7.566   12.085  1.00 33.48 ? 91  LYS A CE  1 
ATOM   744  N NZ  . LYS A 1 91  ? -8.631  9.050   12.355  1.00 35.78 ? 91  LYS A NZ  1 
ATOM   745  N N   . HIS A 1 92  ? -2.856  3.648   12.124  1.00 8.12  ? 92  HIS A N   1 
ATOM   746  C CA  . HIS A 1 92  ? -1.669  3.108   12.783  1.00 8.43  ? 92  HIS A CA  1 
ATOM   747  C C   . HIS A 1 92  ? -0.503  2.982   11.835  1.00 8.56  ? 92  HIS A C   1 
ATOM   748  O O   . HIS A 1 92  ? -0.631  2.361   10.774  1.00 10.19 ? 92  HIS A O   1 
ATOM   749  C CB  . HIS A 1 92  ? -1.921  1.694   13.314  1.00 8.21  ? 92  HIS A CB  1 
ATOM   750  C CG  . HIS A 1 92  ? -3.121  1.583   14.198  1.00 11.35 ? 92  HIS A CG  1 
ATOM   751  N ND1 . HIS A 1 92  ? -3.031  1.528   15.570  1.00 13.19 ? 92  HIS A ND1 1 
ATOM   752  C CD2 . HIS A 1 92  ? -4.444  1.519   13.897  1.00 10.35 ? 92  HIS A CD2 1 
ATOM   753  C CE1 . HIS A 1 92  ? -4.247  1.442   16.085  1.00 13.37 ? 92  HIS A CE1 1 
ATOM   754  N NE2 . HIS A 1 92  ? -5.114  1.437   15.090  1.00 12.30 ? 92  HIS A NE2 1 
ATOM   755  N N   . ALA A 1 93  ? 0.658   3.529   12.208  1.00 8.96  ? 93  ALA A N   1 
ATOM   756  C CA  . ALA A 1 93  ? 1.821   3.320   11.350  1.00 8.49  ? 93  ALA A CA  1 
ATOM   757  C C   . ALA A 1 93  ? 2.279   1.857   11.556  1.00 8.58  ? 93  ALA A C   1 
ATOM   758  O O   . ALA A 1 93  ? 2.592   1.167   10.589  1.00 8.84  ? 93  ALA A O   1 
ATOM   759  C CB  . ALA A 1 93  ? 2.940   4.279   11.708  1.00 9.60  ? 93  ALA A CB  1 
ATOM   760  N N   . ASP A 1 94  ? 2.256   1.375   12.810  1.00 7.82  ? 94  ASP A N   1 
ATOM   761  C CA  . ASP A 1 94  ? 2.719   0.025   13.160  1.00 7.12  ? 94  ASP A CA  1 
ATOM   762  C C   . ASP A 1 94  ? 4.113   -0.170  12.571  1.00 7.22  ? 94  ASP A C   1 
ATOM   763  O O   . ASP A 1 94  ? 5.007   0.615   12.873  1.00 7.50  ? 94  ASP A O   1 
ATOM   764  C CB  . ASP A 1 94  ? 1.718   -1.069  12.721  1.00 7.66  ? 94  ASP A CB  1 
ATOM   765  C CG  . ASP A 1 94  ? 0.506   -1.164  13.651  1.00 7.76  ? 94  ASP A CG  1 
ATOM   766  O OD1 . ASP A 1 94  ? 0.369   -0.339  14.596  1.00 9.18  ? 94  ASP A OD1 1 
ATOM   767  O OD2 . ASP A 1 94  ? -0.309  -2.072  13.447  1.00 6.93  ? 94  ASP A OD2 1 
ATOM   768  N N   . GLY A 1 95  ? 4.301   -1.158  11.701  1.00 7.32  ? 95  GLY A N   1 
ATOM   769  C CA  . GLY A 1 95  ? 5.625   -1.363  11.148  1.00 7.83  ? 95  GLY A CA  1 
ATOM   770  C C   . GLY A 1 95  ? 5.859   -0.709  9.801   1.00 7.78  ? 95  GLY A C   1 
ATOM   771  O O   . GLY A 1 95  ? 6.920   -0.901  9.199   1.00 9.03  ? 95  GLY A O   1 
ATOM   772  N N   . LEU A 1 96  ? 4.886   0.044   9.306   1.00 6.98  ? 96  LEU A N   1 
ATOM   773  C CA  . LEU A 1 96  ? 5.037   0.691   8.008   1.00 6.55  ? 96  LEU A CA  1 
ATOM   774  C C   . LEU A 1 96  ? 5.897   1.955   8.115   1.00 7.16  ? 96  LEU A C   1 
ATOM   775  O O   . LEU A 1 96  ? 6.046   2.525   9.197   1.00 7.56  ? 96  LEU A O   1 
ATOM   776  C CB  . LEU A 1 96  ? 3.664   1.070   7.455   1.00 7.99  ? 96  LEU A CB  1 
ATOM   777  C CG  . LEU A 1 96  ? 2.593   -0.021  7.304   1.00 7.08  ? 96  LEU A CG  1 
ATOM   778  C CD1 . LEU A 1 96  ? 1.411   0.554   6.543   1.00 9.57  ? 96  LEU A CD1 1 
ATOM   779  C CD2 . LEU A 1 96  ? 3.135   -1.246  6.595   1.00 9.65  ? 96  LEU A CD2 1 
ATOM   780  N N   . CYS A 1 97  ? 6.402   2.437   6.982   1.00 6.87  ? 97  CYS A N   1 
ATOM   781  C CA  . CYS A 1 97  ? 7.232   3.645   6.985   1.00 8.11  ? 97  CYS A CA  1 
ATOM   782  C C   . CYS A 1 97  ? 6.462   4.883   7.448   1.00 8.32  ? 97  CYS A C   1 
ATOM   783  O O   . CYS A 1 97  ? 7.057   5.836   7.988   1.00 9.13  ? 97  CYS A O   1 
ATOM   784  C CB  . CYS A 1 97  ? 7.848   3.880   5.603   1.00 10.02 ? 97  CYS A CB  1 
ATOM   785  S SG  . CYS A 1 97  ? 6.627   4.060   4.228   1.00 8.72  ? 97  CYS A SG  1 
ATOM   786  N N   . HIS A 1 98  ? 5.138   4.860   7.289   1.00 8.50  ? 98  HIS A N   1 
ATOM   787  C CA  . HIS A 1 98  ? 4.296   5.983   7.685   1.00 8.62  ? 98  HIS A CA  1 
ATOM   788  C C   . HIS A 1 98  ? 2.856   5.508   7.645   1.00 9.23  ? 98  HIS A C   1 
ATOM   789  O O   . HIS A 1 98  ? 2.558   4.536   6.939   1.00 9.21  ? 98  HIS A O   1 
ATOM   790  C CB  . HIS A 1 98  ? 4.456   7.120   6.667   1.00 7.88  ? 98  HIS A CB  1 
ATOM   791  C CG  . HIS A 1 98  ? 3.985   8.448   7.165   1.00 10.15 ? 98  HIS A CG  1 
ATOM   792  N ND1 . HIS A 1 98  ? 2.675   8.864   7.084   1.00 8.75  ? 98  HIS A ND1 1 
ATOM   793  C CD2 . HIS A 1 98  ? 4.654   9.448   7.792   1.00 9.82  ? 98  HIS A CD2 1 
ATOM   794  C CE1 . HIS A 1 98  ? 2.548   10.053  7.645   1.00 9.91  ? 98  HIS A CE1 1 
ATOM   795  N NE2 . HIS A 1 98  ? 3.739   10.425  8.083   1.00 10.13 ? 98  HIS A NE2 1 
ATOM   796  N N   . ARG A 1 99  ? 1.957   6.143   8.408   1.00 9.10  ? 99  ARG A N   1 
ATOM   797  C CA  . ARG A 1 99  ? 0.528   5.777   8.315   1.00 9.61  ? 99  ARG A CA  1 
ATOM   798  C C   . ARG A 1 99  ? 0.066   6.202   6.900   1.00 8.34  ? 99  ARG A C   1 
ATOM   799  O O   . ARG A 1 99  ? 0.636   7.150   6.307   1.00 8.63  ? 99  ARG A O   1 
ATOM   800  C CB  . ARG A 1 99  ? -0.338  6.510   9.369   1.00 12.34 ? 99  ARG A CB  1 
ATOM   801  C CG  . ARG A 1 99  ? -0.642  7.973   9.079   1.00 15.45 ? 99  ARG A CG  1 
ATOM   802  C CD  . ARG A 1 99  ? -1.596  8.601   10.127  1.00 18.05 ? 99  ARG A CD  1 
ATOM   803  N NE  . ARG A 1 99  ? -1.997  9.968   9.760   1.00 19.83 ? 99  ARG A NE  1 
ATOM   804  C CZ  . ARG A 1 99  ? -3.032  10.282  8.976   1.00 20.40 ? 99  ARG A CZ  1 
ATOM   805  N NH1 . ARG A 1 99  ? -3.814  9.346   8.472   1.00 19.77 ? 99  ARG A NH1 1 
ATOM   806  N NH2 . ARG A 1 99  ? -3.203  11.537  8.565   1.00 24.14 ? 99  ARG A NH2 1 
ATOM   807  N N   . LEU A 1 100 ? -0.925  5.506   6.353   1.00 8.30  ? 100 LEU A N   1 
ATOM   808  C CA  . LEU A 1 100 ? -1.449  5.876   5.034   1.00 8.37  ? 100 LEU A CA  1 
ATOM   809  C C   . LEU A 1 100 ? -2.163  7.222   5.189   1.00 8.71  ? 100 LEU A C   1 
ATOM   810  O O   . LEU A 1 100 ? -2.972  7.387   6.104   1.00 9.51  ? 100 LEU A O   1 
ATOM   811  C CB  . LEU A 1 100 ? -2.411  4.802   4.498   1.00 7.42  ? 100 LEU A CB  1 
ATOM   812  C CG  . LEU A 1 100 ? -1.783  3.400   4.508   1.00 8.78  ? 100 LEU A CG  1 
ATOM   813  C CD1 . LEU A 1 100 ? -2.779  2.366   3.963   1.00 6.32  ? 100 LEU A CD1 1 
ATOM   814  C CD2 . LEU A 1 100 ? -0.438  3.416   3.752   1.00 5.77  ? 100 LEU A CD2 1 
ATOM   815  N N   . THR A 1 101 ? -1.878  8.158   4.286   1.00 8.58  ? 101 THR A N   1 
ATOM   816  C CA  . THR A 1 101 ? -2.456  9.500   4.346   1.00 10.22 ? 101 THR A CA  1 
ATOM   817  C C   . THR A 1 101 ? -3.372  9.894   3.172   1.00 12.42 ? 101 THR A C   1 
ATOM   818  O O   . THR A 1 101 ? -4.557  10.205  3.373   1.00 16.82 ? 101 THR A O   1 
ATOM   819  C CB  . THR A 1 101 ? -1.349  10.608  4.495   1.00 11.25 ? 101 THR A CB  1 
ATOM   820  O OG1 . THR A 1 101 ? -0.397  10.518  3.418   1.00 9.00  ? 101 THR A OG1 1 
ATOM   821  C CG2 . THR A 1 101 ? -0.631  10.487  5.828   1.00 8.77  ? 101 THR A CG2 1 
ATOM   822  N N   . THR A 1 102 ? -2.833  9.942   1.963   1.00 11.68 ? 102 THR A N   1 
ATOM   823  C CA  . THR A 1 102 ? -3.644  10.357  0.819   1.00 12.23 ? 102 THR A CA  1 
ATOM   824  C C   . THR A 1 102 ? -3.408  9.423   -0.353  1.00 9.74  ? 102 THR A C   1 
ATOM   825  O O   . THR A 1 102 ? -2.334  8.835   -0.487  1.00 8.73  ? 102 THR A O   1 
ATOM   826  C CB  . THR A 1 102 ? -3.368  11.869  0.420   1.00 16.70 ? 102 THR A CB  1 
ATOM   827  O OG1 . THR A 1 102 ? -2.284  11.969  -0.502  1.00 22.66 ? 102 THR A OG1 1 
ATOM   828  C CG2 . THR A 1 102 ? -2.941  12.686  1.654   1.00 25.76 ? 102 THR A CG2 1 
ATOM   829  N N   . VAL A 1 103 ? -4.448  9.223   -1.143  1.00 9.26  ? 103 VAL A N   1 
ATOM   830  C CA  . VAL A 1 103 ? -4.354  8.368   -2.314  1.00 8.88  ? 103 VAL A CA  1 
ATOM   831  C C   . VAL A 1 103 ? -3.433  9.007   -3.354  1.00 8.72  ? 103 VAL A C   1 
ATOM   832  O O   . VAL A 1 103 ? -3.531  10.197  -3.640  1.00 8.94  ? 103 VAL A O   1 
ATOM   833  C CB  . VAL A 1 103 ? -5.736  8.080   -2.899  1.00 9.86  ? 103 VAL A CB  1 
ATOM   834  C CG1 . VAL A 1 103 ? -5.629  7.198   -4.118  1.00 9.75  ? 103 VAL A CG1 1 
ATOM   835  C CG2 . VAL A 1 103 ? -6.620  7.448   -1.804  1.00 10.93 ? 103 VAL A CG2 1 
ATOM   836  N N   . CYS A 1 104 ? -2.552  8.199   -3.927  1.00 8.39  ? 104 CYS A N   1 
ATOM   837  C CA  . CYS A 1 104 ? -1.626  8.687   -4.922  1.00 9.91  ? 104 CYS A CA  1 
ATOM   838  C C   . CYS A 1 104 ? -2.317  9.267   -6.136  1.00 10.78 ? 104 CYS A C   1 
ATOM   839  O O   . CYS A 1 104 ? -3.198  8.645   -6.686  1.00 11.39 ? 104 CYS A O   1 
ATOM   840  C CB  . CYS A 1 104 ? -0.713  7.578   -5.409  1.00 11.36 ? 104 CYS A CB  1 
ATOM   841  S SG  . CYS A 1 104 ? 0.665   8.170   -6.400  1.00 12.05 ? 104 CYS A SG  1 
ATOM   842  N N   . PRO A 1 105 ? -1.954  10.502  -6.525  1.00 10.78 ? 105 PRO A N   1 
ATOM   843  C CA  . PRO A 1 105 ? -2.585  11.096  -7.713  1.00 12.19 ? 105 PRO A CA  1 
ATOM   844  C C   . PRO A 1 105 ? -2.113  10.313  -8.957  1.00 14.16 ? 105 PRO A C   1 
ATOM   845  O O   . PRO A 1 105 ? -0.921  9.928   -8.951  1.00 13.74 ? 105 PRO A O   1 
ATOM   846  C CB  . PRO A 1 105 ? -2.009  12.516  -7.724  1.00 14.45 ? 105 PRO A CB  1 
ATOM   847  C CG  . PRO A 1 105 ? -1.638  12.790  -6.296  1.00 13.87 ? 105 PRO A CG  1 
ATOM   848  C CD  . PRO A 1 105 ? -1.095  11.468  -5.816  1.00 12.23 ? 105 PRO A CD  1 
HETATM 849  C C1  . MLA B 2 .   ? 6.347   -6.241  -6.627  1.00 13.87 ? 300 MLA A C1  1 
HETATM 850  O O1A . MLA B 2 .   ? 6.835   -5.146  -6.057  1.00 12.70 ? 300 MLA A O1A 1 
HETATM 851  O O1B . MLA B 2 .   ? 5.420   -6.211  -7.384  1.00 13.07 ? 300 MLA A O1B 1 
HETATM 852  C C2  . MLA B 2 .   ? 7.122   -7.493  -6.254  1.00 19.50 ? 300 MLA A C2  1 
HETATM 853  C C3  . MLA B 2 .   ? 6.648   -8.100  -4.929  1.00 26.84 ? 300 MLA A C3  1 
HETATM 854  O O3A . MLA B 2 .   ? 5.807   -9.154  -4.854  1.00 26.19 ? 300 MLA A O3A 1 
HETATM 855  O O3B . MLA B 2 .   ? 7.071   -7.683  -3.893  1.00 30.55 ? 300 MLA A O3B 1 
HETATM 856  O O   . HOH C 3 .   ? 1.970   13.130  5.735   1.00 9.57  ? 301 HOH A O   1 
HETATM 857  O O   . HOH C 3 .   ? 9.666   5.603   8.589   1.00 14.47 ? 302 HOH A O   1 
HETATM 858  O O   . HOH C 3 .   ? 0.515   -4.100  11.946  1.00 7.56  ? 303 HOH A O   1 
HETATM 859  O O   . HOH C 3 .   ? 2.573   -0.381  -15.082 1.00 11.06 ? 304 HOH A O   1 
HETATM 860  O O   . HOH C 3 .   ? 6.548   11.007  0.993   1.00 11.34 ? 305 HOH A O   1 
HETATM 861  O O   . HOH C 3 .   ? 7.365   13.901  0.781   1.00 12.55 ? 306 HOH A O   1 
HETATM 862  O O   . HOH C 3 .   ? -11.602 4.937   -0.335  1.00 16.14 ? 307 HOH A O   1 
HETATM 863  O O   . HOH C 3 .   ? 10.082  -5.435  -10.030 1.00 12.46 ? 308 HOH A O   1 
HETATM 864  O O   . HOH C 3 .   ? 3.213   -9.582  4.054   1.00 13.23 ? 309 HOH A O   1 
HETATM 865  O O   . HOH C 3 .   ? 9.197   -8.886  -11.274 1.00 10.01 ? 310 HOH A O   1 
HETATM 866  O O   . HOH C 3 .   ? -3.239  -7.014  15.832  1.00 14.97 ? 311 HOH A O   1 
HETATM 867  O O   . HOH C 3 .   ? -4.084  -4.359  15.793  1.00 14.68 ? 312 HOH A O   1 
HETATM 868  O O   . HOH C 3 .   ? -9.169  5.062   9.135   1.00 13.89 ? 313 HOH A O   1 
HETATM 869  O O   . HOH C 3 .   ? 0.720   -5.814  14.134  1.00 11.00 ? 314 HOH A O   1 
HETATM 870  O O   . HOH C 3 .   ? 9.101   0.933   9.116   1.00 11.40 ? 315 HOH A O   1 
HETATM 871  O O   . HOH C 3 .   ? 8.562   10.224  -10.633 1.00 19.17 ? 316 HOH A O   1 
HETATM 872  O O   . HOH C 3 .   ? -6.822  7.000   3.945   1.00 28.57 ? 317 HOH A O   1 
HETATM 873  O O   . HOH C 3 .   ? 12.525  4.945   -3.564  1.00 20.47 ? 318 HOH A O   1 
HETATM 874  O O   . HOH C 3 .   ? 11.714  3.091   -10.005 1.00 17.97 ? 319 HOH A O   1 
HETATM 875  O O   . HOH C 3 .   ? 10.049  5.018   -11.315 1.00 25.36 ? 320 HOH A O   1 
HETATM 876  O O   . HOH C 3 .   ? 2.355   -5.405  -10.273 1.00 24.50 ? 321 HOH A O   1 
HETATM 877  O O   . HOH C 3 .   ? -5.597  8.790   6.219   1.00 26.88 ? 322 HOH A O   1 
HETATM 878  O O   . HOH C 3 .   ? -12.642 -0.188  9.456   1.00 18.24 ? 323 HOH A O   1 
HETATM 879  O O   . HOH C 3 .   ? 1.626   -6.280  -12.563 1.00 18.66 ? 324 HOH A O   1 
HETATM 880  O O   . HOH C 3 .   ? 0.478   -8.655  -11.588 1.00 17.18 ? 325 HOH A O   1 
HETATM 881  O O   . HOH C 3 .   ? 11.430  7.828   7.451   1.00 20.27 ? 326 HOH A O   1 
HETATM 882  O O   . HOH C 3 .   ? 12.116  -0.843  -6.019  1.00 20.73 ? 327 HOH A O   1 
HETATM 883  O O   . HOH C 3 .   ? -9.155  9.603   -2.188  1.00 38.62 ? 328 HOH A O   1 
HETATM 884  O O   . HOH C 3 .   ? -0.339  -11.096 -8.839  1.00 31.07 ? 329 HOH A O   1 
HETATM 885  O O   . HOH C 3 .   ? 6.303   3.011   -15.721 1.00 17.21 ? 330 HOH A O   1 
HETATM 886  O O   . HOH C 3 .   ? 1.651   11.069  -8.781  1.00 11.25 ? 331 HOH A O   1 
HETATM 887  O O   . HOH C 3 .   ? 5.267   11.678  -10.939 1.00 21.86 ? 332 HOH A O   1 
HETATM 888  O O   . HOH C 3 .   ? 13.917  7.542   -3.809  1.00 29.21 ? 333 HOH A O   1 
HETATM 889  O O   . HOH C 3 .   ? -11.901 2.394   1.103   1.00 27.85 ? 334 HOH A O   1 
HETATM 890  O O   . HOH C 3 .   ? -9.803  0.707   -9.291  1.00 37.16 ? 335 HOH A O   1 
HETATM 891  O O   . HOH C 3 .   ? -16.235 -6.971  8.927   1.00 21.79 ? 336 HOH A O   1 
HETATM 892  O O   . HOH C 3 .   ? 11.031  4.727   4.003   1.00 20.62 ? 337 HOH A O   1 
HETATM 893  O O   . HOH C 3 .   ? -5.625  9.100   -7.655  1.00 18.09 ? 338 HOH A O   1 
HETATM 894  O O   . HOH C 3 .   ? 1.069   10.631  10.673  1.00 15.38 ? 339 HOH A O   1 
HETATM 895  O O   . HOH C 3 .   ? 3.987   -12.062 2.980   1.00 26.37 ? 340 HOH A O   1 
HETATM 896  O O   . HOH C 3 .   ? 11.659  0.150   -1.524  1.00 17.71 ? 341 HOH A O   1 
HETATM 897  O O   . HOH C 3 .   ? 0.427   15.764  -7.425  1.00 20.64 ? 342 HOH A O   1 
HETATM 898  O O   . HOH C 3 .   ? -11.015 2.118   3.634   1.00 24.96 ? 343 HOH A O   1 
HETATM 899  O O   . HOH C 3 .   ? -7.044  10.712  -0.498  1.00 30.17 ? 344 HOH A O   1 
HETATM 900  O O   . HOH C 3 .   ? 8.297   16.127  -8.763  1.00 30.97 ? 345 HOH A O   1 
HETATM 901  O O   . HOH C 3 .   ? 12.933  3.417   0.259   1.00 21.35 ? 346 HOH A O   1 
HETATM 902  O O   . HOH C 3 .   ? -9.065  9.916   -4.771  1.00 44.30 ? 347 HOH A O   1 
HETATM 903  O O   . HOH C 3 .   ? -7.487  6.980   -8.517  1.00 34.31 ? 348 HOH A O   1 
HETATM 904  O O   . HOH C 3 .   ? 6.630   -11.370 14.292  1.00 40.38 ? 349 HOH A O   1 
HETATM 905  O O   . HOH C 3 .   ? 0.535   13.076  8.520   1.00 49.53 ? 350 HOH A O   1 
HETATM 906  O O   . HOH C 3 .   ? -13.390 -0.017  6.615   1.00 33.48 ? 351 HOH A O   1 
HETATM 907  O O   . HOH C 3 .   ? -5.927  11.552  -5.599  1.00 43.14 ? 352 HOH A O   1 
HETATM 908  O O   . HOH C 3 .   ? 5.626   -11.992 18.718  1.00 29.32 ? 353 HOH A O   1 
HETATM 909  O O   . HOH C 3 .   ? 8.081   -3.062  7.677   1.00 36.44 ? 354 HOH A O   1 
HETATM 910  O O   . HOH C 3 .   ? -15.787 -6.936  5.269   1.00 27.57 ? 355 HOH A O   1 
HETATM 911  O O   . HOH C 3 .   ? 0.036   -15.364 13.654  1.00 58.62 ? 356 HOH A O   1 
HETATM 912  O O   . HOH C 3 .   ? -7.703  -0.736  -11.085 1.00 46.07 ? 357 HOH A O   1 
HETATM 913  O O   . HOH C 3 .   ? 4.837   10.128  10.844  1.00 18.36 ? 358 HOH A O   1 
HETATM 914  O O   . HOH C 3 .   ? 9.140   -3.154  2.891   1.00 27.09 ? 359 HOH A O   1 
HETATM 915  O O   . HOH C 3 .   ? -0.813  -1.535  -17.161 1.00 53.25 ? 360 HOH A O   1 
HETATM 916  O O   . HOH C 3 .   ? 12.719  -6.471  -5.123  1.00 46.88 ? 361 HOH A O   1 
HETATM 917  O O   . HOH C 3 .   ? 8.024   13.598  -10.767 1.00 37.90 ? 362 HOH A O   1 
HETATM 918  O O   . HOH C 3 .   ? 4.469   -5.122  9.613   1.00 38.06 ? 363 HOH A O   1 
HETATM 919  O O   . HOH C 3 .   ? -3.755  -13.904 13.778  1.00 30.79 ? 364 HOH A O   1 
HETATM 920  O O   . HOH C 3 .   ? 9.443   10.330  -13.466 1.00 93.74 ? 365 HOH A O   1 
HETATM 921  O O   . HOH C 3 .   ? -3.353  -11.376 17.122  1.00 47.05 ? 366 HOH A O   1 
HETATM 922  O O   . HOH C 3 .   ? -15.250 -8.989  2.672   1.00 57.86 ? 367 HOH A O   1 
HETATM 923  O O   . HOH C 3 .   ? 1.686   13.465  -7.155  1.00 15.00 ? 368 HOH A O   1 
HETATM 924  O O   . HOH C 3 .   ? -9.422  9.278   -7.736  1.00 31.68 ? 369 HOH A O   1 
HETATM 925  O O   . HOH C 3 .   ? -0.522  4.592   -14.044 1.00 28.05 ? 370 HOH A O   1 
HETATM 926  O O   . HOH C 3 .   ? -1.163  10.380  -12.598 1.00 36.78 ? 371 HOH A O   1 
HETATM 927  O O   . HOH C 3 .   ? -2.262  -10.138 -13.451 1.00 19.35 ? 372 HOH A O   1 
HETATM 928  O O   . HOH C 3 .   ? 2.492   16.964  -10.285 1.00 41.71 ? 373 HOH A O   1 
HETATM 929  O O   . HOH C 3 .   ? -5.731  11.641  -9.797  1.00 43.70 ? 374 HOH A O   1 
HETATM 930  O O   . HOH C 3 .   ? -7.102  4.241   -10.471 1.00 39.76 ? 375 HOH A O   1 
HETATM 931  O O   . HOH C 3 .   ? 8.660   4.348   -15.544 1.00 23.28 ? 376 HOH A O   1 
HETATM 932  O O   . HOH C 3 .   ? 13.405  4.297   4.555   1.00 49.27 ? 377 HOH A O   1 
HETATM 933  O O   . HOH C 3 .   ? 12.615  16.356  7.668   1.00 36.06 ? 378 HOH A O   1 
HETATM 934  O O   . HOH C 3 .   ? -5.270  -8.227  -14.110 1.00 33.24 ? 379 HOH A O   1 
HETATM 935  O O   . HOH C 3 .   ? -5.215  -11.147 -10.796 1.00 50.14 ? 380 HOH A O   1 
HETATM 936  O O   . HOH C 3 .   ? 10.513  -2.535  5.590   1.00 32.89 ? 381 HOH A O   1 
HETATM 937  O O   . HOH C 3 .   ? 5.969   17.677  -8.762  1.00 22.05 ? 382 HOH A O   1 
HETATM 938  O O   . HOH C 3 .   ? 2.005   -15.350 17.755  1.00 31.13 ? 383 HOH A O   1 
HETATM 939  O O   . HOH C 3 .   ? -5.571  -10.361 13.553  1.00 10.06 ? 384 HOH A O   1 
HETATM 940  O O   . HOH C 3 .   ? 12.981  -1.778  3.977   1.00 18.56 ? 385 HOH A O   1 
HETATM 941  O O   . HOH C 3 .   ? 9.268   0.053   6.247   1.00 16.22 ? 386 HOH A O   1 
HETATM 942  O O   . HOH C 3 .   ? -0.268  1.509   16.754  1.00 19.01 ? 387 HOH A O   1 
HETATM 943  O O   . HOH C 3 .   ? 8.190   15.996  -1.168  1.00 14.93 ? 388 HOH A O   1 
HETATM 944  O O   . HOH C 3 .   ? -4.280  9.736   -12.129 1.00 30.01 ? 389 HOH A O   1 
HETATM 945  O O   . HOH C 3 .   ? -0.166  14.283  -3.613  1.00 24.33 ? 390 HOH A O   1 
HETATM 946  O O   . HOH C 3 .   ? 10.752  -7.421  -3.366  1.00 48.84 ? 391 HOH A O   1 
HETATM 947  O O   . HOH C 3 .   ? 6.559   10.956  -14.537 1.00 27.38 ? 392 HOH A O   1 
HETATM 948  O O   . HOH C 3 .   ? 6.110   -6.927  2.669   1.00 20.09 ? 393 HOH A O   1 
HETATM 949  O O   . HOH C 3 .   ? 4.735   12.890  8.931   1.00 16.03 ? 394 HOH A O   1 
HETATM 950  O O   . HOH C 3 .   ? -5.665  -3.402  -13.657 1.00 25.33 ? 395 HOH A O   1 
HETATM 951  O O   . HOH C 3 .   ? -6.364  -6.418  -10.220 1.00 17.17 ? 396 HOH A O   1 
HETATM 952  O O   . HOH C 3 .   ? -0.182  -5.593  -18.316 1.00 22.75 ? 397 HOH A O   1 
HETATM 953  O O   . HOH C 3 .   ? 13.108  14.652  -1.872  1.00 18.56 ? 398 HOH A O   1 
HETATM 954  O O   . HOH C 3 .   ? -9.947  -6.964  11.591  1.00 8.03  ? 399 HOH A O   1 
HETATM 955  O O   . HOH C 3 .   ? 2.445   11.655  -11.280 1.00 45.20 ? 400 HOH A O   1 
HETATM 956  O O   . HOH C 3 .   ? 0.985   18.216  -1.352  1.00 13.53 ? 401 HOH A O   1 
HETATM 957  O O   . HOH C 3 .   ? 12.338  8.094   4.417   1.00 19.43 ? 402 HOH A O   1 
HETATM 958  O O   . HOH C 3 .   ? 14.127  13.469  9.016   1.00 31.54 ? 403 HOH A O   1 
HETATM 959  O O   . HOH C 3 .   ? 10.203  -1.686  -0.177  1.00 12.96 ? 404 HOH A O   1 
HETATM 960  O O   . HOH C 3 .   ? -1.376  -6.749  8.659   1.00 7.78  ? 405 HOH A O   1 
HETATM 961  O O   . HOH C 3 .   ? -11.626 -6.598  0.052   1.00 16.23 ? 406 HOH A O   1 
HETATM 962  O O   . HOH C 3 .   ? -14.378 -2.314  10.356  1.00 15.76 ? 407 HOH A O   1 
HETATM 963  O O   . HOH C 3 .   ? 7.050   1.647   11.452  1.00 8.03  ? 408 HOH A O   1 
HETATM 964  O O   . HOH C 3 .   ? -5.479  -10.462 -7.311  1.00 45.40 ? 409 HOH A O   1 
HETATM 965  O O   . HOH C 3 .   ? -4.226  1.525   -12.787 1.00 30.64 ? 410 HOH A O   1 
HETATM 966  O O   . HOH C 3 .   ? 10.033  5.873   -13.913 1.00 25.83 ? 411 HOH A O   1 
HETATM 967  O O   . HOH C 3 .   ? 11.214  13.132  -5.837  1.00 52.67 ? 412 HOH A O   1 
HETATM 968  O O   . HOH C 3 .   ? 4.407   22.027  -7.403  1.00 40.77 ? 413 HOH A O   1 
HETATM 969  O O   . HOH C 3 .   ? -2.845  -10.239 -7.455  1.00 25.56 ? 414 HOH A O   1 
HETATM 970  O O   . HOH C 3 .   ? -2.419  -13.717 -1.198  1.00 24.49 ? 415 HOH A O   1 
HETATM 971  O O   . HOH C 3 .   ? 16.258  7.269   -1.381  1.00 37.39 ? 416 HOH A O   1 
HETATM 972  O O   . HOH C 3 .   ? 7.413   -10.232 -1.007  1.00 43.58 ? 417 HOH A O   1 
HETATM 973  O O   . HOH C 3 .   ? -11.930 -6.733  9.537   1.00 10.50 ? 418 HOH A O   1 
HETATM 974  O O   . HOH C 3 .   ? 6.344   -6.430  -2.208  1.00 50.75 ? 419 HOH A O   1 
HETATM 975  O O   . HOH C 3 .   ? 5.639   13.459  11.296  1.00 27.42 ? 420 HOH A O   1 
HETATM 976  O O   . HOH C 3 .   ? 1.213   10.472  -14.314 1.00 39.33 ? 421 HOH A O   1 
HETATM 977  O O   . HOH C 3 .   ? 8.011   8.540   7.990   1.00 22.37 ? 422 HOH A O   1 
HETATM 978  O O   . HOH C 3 .   ? 12.465  2.618   -4.511  1.00 52.13 ? 423 HOH A O   1 
HETATM 979  O O   . HOH C 3 .   ? 1.939   -13.013 -10.264 1.00 43.41 ? 424 HOH A O   1 
HETATM 980  O O   . HOH C 3 .   ? -5.421  -6.828  -16.322 1.00 61.43 ? 425 HOH A O   1 
HETATM 981  O O   . HOH C 3 .   ? 9.706   -14.722 -8.713  1.00 26.87 ? 426 HOH A O   1 
HETATM 982  O O   . HOH C 3 .   ? -0.535  1.759   19.425  1.00 18.26 ? 427 HOH A O   1 
HETATM 983  O O   . HOH C 3 .   ? 15.057  3.710   -1.249  1.00 40.59 ? 428 HOH A O   1 
HETATM 984  O O   . HOH C 3 .   ? -4.529  -4.064  -17.317 1.00 38.18 ? 429 HOH A O   1 
HETATM 985  O O   . HOH C 3 .   ? -2.489  -3.855  -19.072 1.00 35.86 ? 430 HOH A O   1 
HETATM 986  O O   . HOH C 3 .   ? 12.552  9.951   -9.322  1.00 61.35 ? 431 HOH A O   1 
HETATM 987  O O   . HOH C 3 .   ? 9.290   20.463  -7.919  1.00 52.28 ? 432 HOH A O   1 
HETATM 988  O O   . HOH C 3 .   ? 7.869   -5.335  9.702   1.00 40.37 ? 433 HOH A O   1 
HETATM 989  O O   . HOH C 3 .   ? -7.578  -4.064  -11.838 1.00 58.26 ? 434 HOH A O   1 
HETATM 990  O O   . HOH C 3 .   ? -2.579  3.500   -13.164 1.00 54.40 ? 435 HOH A O   1 
HETATM 991  O O   . HOH C 3 .   ? -1.561  -12.376 -11.764 1.00 38.49 ? 436 HOH A O   1 
HETATM 992  O O   . HOH C 3 .   ? 11.445  7.244   -12.070 1.00 74.80 ? 437 HOH A O   1 
HETATM 993  O O   . HOH C 3 .   ? 11.027  8.471   -14.953 1.00 44.05 ? 438 HOH A O   1 
HETATM 994  O O   . HOH C 3 .   ? 14.552  1.209   -6.842  1.00 51.73 ? 439 HOH A O   1 
HETATM 995  O O   . HOH C 3 .   ? 6.644   20.269  -7.831  1.00 37.68 ? 440 HOH A O   1 
HETATM 996  O O   . HOH C 3 .   ? 20.330  4.881   1.878   1.00 45.25 ? 441 HOH A O   1 
HETATM 997  O O   . HOH C 3 .   ? 13.834  0.082   0.330   1.00 45.96 ? 442 HOH A O   1 
HETATM 998  O O   . HOH C 3 .   ? 11.561  -2.828  1.899   1.00 51.51 ? 443 HOH A O   1 
HETATM 999  O O   . HOH C 3 .   ? -13.593 -8.481  0.457   1.00 52.07 ? 444 HOH A O   1 
HETATM 1000 O O   . HOH C 3 .   ? -15.094 -3.188  3.770   1.00 54.25 ? 445 HOH A O   1 
HETATM 1001 O O   . HOH C 3 .   ? -2.940  15.108  0.092   1.00 23.83 ? 446 HOH A O   1 
HETATM 1002 O O   . HOH C 3 .   ? -0.296  13.126  11.022  1.00 36.64 ? 447 HOH A O   1 
HETATM 1003 O O   . HOH C 3 .   ? 10.708  -4.482  -1.056  1.00 40.51 ? 448 HOH A O   1 
HETATM 1004 O O   . HOH C 3 .   ? -8.155  -11.330 -2.900  1.00 56.76 ? 449 HOH A O   1 
HETATM 1005 O O   . HOH C 3 .   ? -14.890 -5.998  -1.343  1.00 64.84 ? 450 HOH A O   1 
HETATM 1006 O O   . HOH C 3 .   ? 15.088  7.855   -6.288  1.00 49.53 ? 451 HOH A O   1 
HETATM 1007 O O   . HOH C 3 .   ? -7.918  -12.349 -6.902  1.00 51.36 ? 452 HOH A O   1 
HETATM 1008 O O   . HOH C 3 .   ? 2.949   -3.392  10.694  1.00 14.25 ? 453 HOH A O   1 
HETATM 1009 O O   . HOH C 3 .   ? -6.183  9.269   9.486   1.00 49.04 ? 454 HOH A O   1 
HETATM 1010 O O   . HOH C 3 .   ? 12.875  -1.071  -3.430  1.00 38.60 ? 455 HOH A O   1 
HETATM 1011 O O   . HOH C 3 .   ? -1.862  12.706  -11.616 1.00 44.48 ? 456 HOH A O   1 
HETATM 1012 O O   . HOH C 3 .   ? -2.882  12.596  -2.882  1.00 28.40 ? 457 HOH A O   1 
HETATM 1013 O O   . HOH C 3 .   ? 22.879  6.362   0.995   1.00 48.59 ? 458 HOH A O   1 
HETATM 1014 O O   . HOH C 3 .   ? 6.059   -4.715  7.557   1.00 36.98 ? 459 HOH A O   1 
HETATM 1015 O O   . HOH C 3 .   ? 2.171   -15.446 2.547   1.00 50.54 ? 460 HOH A O   1 
HETATM 1016 O O   . HOH C 3 .   ? 2.866   12.371  12.314  1.00 39.49 ? 461 HOH A O   1 
HETATM 1017 O O   . HOH C 3 .   ? 13.689  11.713  -4.411  1.00 45.90 ? 462 HOH A O   1 
HETATM 1018 O O   . HOH C 3 .   ? 1.955   -14.488 20.419  1.00 51.77 ? 463 HOH A O   1 
HETATM 1019 O O   . HOH C 3 .   ? -6.219  -15.982 -1.876  1.00 46.69 ? 464 HOH A O   1 
HETATM 1020 O O   . HOH C 3 .   ? 9.915   -10.202 -4.818  1.00 48.36 ? 465 HOH A O   1 
HETATM 1021 O O   . HOH C 3 .   ? 9.826   -11.485 -7.492  1.00 46.21 ? 466 HOH A O   1 
# 
loop_
_pdbx_poly_seq_scheme.asym_id 
_pdbx_poly_seq_scheme.entity_id 
_pdbx_poly_seq_scheme.seq_id 
_pdbx_poly_seq_scheme.mon_id 
_pdbx_poly_seq_scheme.ndb_seq_num 
_pdbx_poly_seq_scheme.pdb_seq_num 
_pdbx_poly_seq_scheme.auth_seq_num 
_pdbx_poly_seq_scheme.pdb_mon_id 
_pdbx_poly_seq_scheme.auth_mon_id 
_pdbx_poly_seq_scheme.pdb_strand_id 
_pdbx_poly_seq_scheme.pdb_ins_code 
_pdbx_poly_seq_scheme.hetero 
A 1 1   SER 1   1   1   SER SER A . n 
A 1 2   ILE 2   2   2   ILE ILE A . n 
A 1 3   GLN 3   3   3   GLN GLN A . n 
A 1 4   ALA 4   4   4   ALA ALA A . n 
A 1 5   GLU 5   5   5   GLU GLU A . n 
A 1 6   GLU 6   6   6   GLU GLU A . n 
A 1 7   TRP 7   7   7   TRP TRP A . n 
A 1 8   TYR 8   8   8   TYR TYR A . n 
A 1 9   PHE 9   9   9   PHE PHE A . n 
A 1 10  GLY 10  10  10  GLY GLY A . n 
A 1 11  LYS 11  11  11  LYS LYS A . n 
A 1 12  ILE 12  12  12  ILE ILE A . n 
A 1 13  THR 13  13  13  THR THR A . n 
A 1 14  ARG 14  14  14  ARG ARG A . n 
A 1 15  ARG 15  15  15  ARG ARG A . n 
A 1 16  GLU 16  16  16  GLU GLU A . n 
A 1 17  SER 17  17  17  SER SER A . n 
A 1 18  GLU 18  18  18  GLU GLU A . n 
A 1 19  ARG 19  19  19  ARG ARG A . n 
A 1 20  LEU 20  20  20  LEU LEU A . n 
A 1 21  LEU 21  21  21  LEU LEU A . n 
A 1 22  LEU 22  22  22  LEU LEU A . n 
A 1 23  ASN 23  23  23  ASN ASN A . n 
A 1 24  ALA 24  24  24  ALA ALA A . n 
A 1 25  GLU 25  25  25  GLU GLU A . n 
A 1 26  ASN 26  26  26  ASN ASN A . n 
A 1 27  PRO 27  27  27  PRO PRO A . n 
A 1 28  ARG 28  28  28  ARG ARG A . n 
A 1 29  GLY 29  29  29  GLY GLY A . n 
A 1 30  THR 30  30  30  THR THR A . n 
A 1 31  PHE 31  31  31  PHE PHE A . n 
A 1 32  LEU 32  32  32  LEU LEU A . n 
A 1 33  VAL 33  33  33  VAL VAL A . n 
A 1 34  ARG 34  34  34  ARG ARG A . n 
A 1 35  GLU 35  35  35  GLU GLU A . n 
A 1 36  SER 36  36  36  SER SER A . n 
A 1 37  GLU 37  37  37  GLU GLU A . n 
A 1 38  THR 38  38  38  THR THR A . n 
A 1 39  THR 39  39  39  THR THR A . n 
A 1 40  LYS 40  40  40  LYS LYS A . n 
A 1 41  GLY 41  41  41  GLY GLY A . n 
A 1 42  ALA 42  42  42  ALA ALA A . n 
A 1 43  TYR 43  43  43  TYR TYR A . n 
A 1 44  CYS 44  44  44  CYS CYS A . n 
A 1 45  LEU 45  45  45  LEU LEU A . n 
A 1 46  SER 46  46  46  SER SER A . n 
A 1 47  VAL 47  47  47  VAL VAL A . n 
A 1 48  SER 48  48  48  SER SER A . n 
A 1 49  ASP 49  49  49  ASP ASP A . n 
A 1 50  PHE 50  50  50  PHE PHE A . n 
A 1 51  ASP 51  51  51  ASP ASP A . n 
A 1 52  ASN 52  52  52  ASN ASN A . n 
A 1 53  ALA 53  53  53  ALA ALA A . n 
A 1 54  LYS 54  54  54  LYS LYS A . n 
A 1 55  GLY 55  55  55  GLY GLY A . n 
A 1 56  LEU 56  56  56  LEU LEU A . n 
A 1 57  ASN 57  57  57  ASN ASN A . n 
A 1 58  VAL 58  58  58  VAL VAL A . n 
A 1 59  LYS 59  59  59  LYS LYS A . n 
A 1 60  HIS 60  60  60  HIS HIS A . n 
A 1 61  TYR 61  61  61  TYR TYR A . n 
A 1 62  LYS 62  62  62  LYS LYS A . n 
A 1 63  ILE 63  63  63  ILE ILE A . n 
A 1 64  ARG 64  64  64  ARG ARG A . n 
A 1 65  LYS 65  65  65  LYS LYS A . n 
A 1 66  LEU 66  66  66  LEU LEU A . n 
A 1 67  ASP 67  67  67  ASP ASP A . n 
A 1 68  SER 68  68  68  SER SER A . n 
A 1 69  GLY 69  69  69  GLY GLY A . n 
A 1 70  GLY 70  70  70  GLY GLY A . n 
A 1 71  PHE 71  71  71  PHE PHE A . n 
A 1 72  TYR 72  72  72  TYR TYR A . n 
A 1 73  ILE 73  73  73  ILE ILE A . n 
A 1 74  THR 74  74  74  THR THR A . n 
A 1 75  SER 75  75  75  SER SER A . n 
A 1 76  ARG 76  76  76  ARG ARG A . n 
A 1 77  THR 77  77  77  THR THR A . n 
A 1 78  GLN 78  78  78  GLN GLN A . n 
A 1 79  PHE 79  79  79  PHE PHE A . n 
A 1 80  ASN 80  80  80  ASN ASN A . n 
A 1 81  SER 81  81  81  SER SER A . n 
A 1 82  LEU 82  82  82  LEU LEU A . n 
A 1 83  GLN 83  83  83  GLN GLN A . n 
A 1 84  GLN 84  84  84  GLN GLN A . n 
A 1 85  LEU 85  85  85  LEU LEU A . n 
A 1 86  VAL 86  86  86  VAL VAL A . n 
A 1 87  ALA 87  87  87  ALA ALA A . n 
A 1 88  TYR 88  88  88  TYR TYR A . n 
A 1 89  TYR 89  89  89  TYR TYR A . n 
A 1 90  SER 90  90  90  SER SER A . n 
A 1 91  LYS 91  91  91  LYS LYS A . n 
A 1 92  HIS 92  92  92  HIS HIS A . n 
A 1 93  ALA 93  93  93  ALA ALA A . n 
A 1 94  ASP 94  94  94  ASP ASP A . n 
A 1 95  GLY 95  95  95  GLY GLY A . n 
A 1 96  LEU 96  96  96  LEU LEU A . n 
A 1 97  CYS 97  97  97  CYS CYS A . n 
A 1 98  HIS 98  98  98  HIS HIS A . n 
A 1 99  ARG 99  99  99  ARG ARG A . n 
A 1 100 LEU 100 100 100 LEU LEU A . n 
A 1 101 THR 101 101 101 THR THR A . n 
A 1 102 THR 102 102 102 THR THR A . n 
A 1 103 VAL 103 103 103 VAL VAL A . n 
A 1 104 CYS 104 104 104 CYS CYS A . n 
A 1 105 PRO 105 105 105 PRO PRO A . n 
A 1 106 THR 106 106 ?   ?   ?   A . n 
A 1 107 SER 107 107 ?   ?   ?   A . n 
A 1 108 LYS 108 108 ?   ?   ?   A . n 
# 
loop_
_pdbx_nonpoly_scheme.asym_id 
_pdbx_nonpoly_scheme.entity_id 
_pdbx_nonpoly_scheme.mon_id 
_pdbx_nonpoly_scheme.ndb_seq_num 
_pdbx_nonpoly_scheme.pdb_seq_num 
_pdbx_nonpoly_scheme.auth_seq_num 
_pdbx_nonpoly_scheme.pdb_mon_id 
_pdbx_nonpoly_scheme.auth_mon_id 
_pdbx_nonpoly_scheme.pdb_strand_id 
_pdbx_nonpoly_scheme.pdb_ins_code 
B 2 MLA 1   300 300 MLA INH A . 
C 3 HOH 1   301 1   HOH HOH A . 
C 3 HOH 2   302 2   HOH HOH A . 
C 3 HOH 3   303 3   HOH HOH A . 
C 3 HOH 4   304 4   HOH HOH A . 
C 3 HOH 5   305 5   HOH HOH A . 
C 3 HOH 6   306 6   HOH HOH A . 
C 3 HOH 7   307 7   HOH HOH A . 
C 3 HOH 8   308 8   HOH HOH A . 
C 3 HOH 9   309 9   HOH HOH A . 
C 3 HOH 10  310 10  HOH HOH A . 
C 3 HOH 11  311 11  HOH HOH A . 
C 3 HOH 12  312 12  HOH HOH A . 
C 3 HOH 13  313 13  HOH HOH A . 
C 3 HOH 14  314 14  HOH HOH A . 
C 3 HOH 15  315 15  HOH HOH A . 
C 3 HOH 16  316 16  HOH HOH A . 
C 3 HOH 17  317 17  HOH HOH A . 
C 3 HOH 18  318 18  HOH HOH A . 
C 3 HOH 19  319 19  HOH HOH A . 
C 3 HOH 20  320 20  HOH HOH A . 
C 3 HOH 21  321 21  HOH HOH A . 
C 3 HOH 22  322 22  HOH HOH A . 
C 3 HOH 23  323 23  HOH HOH A . 
C 3 HOH 24  324 24  HOH HOH A . 
C 3 HOH 25  325 25  HOH HOH A . 
C 3 HOH 26  326 26  HOH HOH A . 
C 3 HOH 27  327 27  HOH HOH A . 
C 3 HOH 28  328 28  HOH HOH A . 
C 3 HOH 29  329 29  HOH HOH A . 
C 3 HOH 30  330 30  HOH HOH A . 
C 3 HOH 31  331 31  HOH HOH A . 
C 3 HOH 32  332 32  HOH HOH A . 
C 3 HOH 33  333 33  HOH HOH A . 
C 3 HOH 34  334 34  HOH HOH A . 
C 3 HOH 35  335 35  HOH HOH A . 
C 3 HOH 36  336 36  HOH HOH A . 
C 3 HOH 37  337 37  HOH HOH A . 
C 3 HOH 38  338 38  HOH HOH A . 
C 3 HOH 39  339 39  HOH HOH A . 
C 3 HOH 40  340 40  HOH HOH A . 
C 3 HOH 41  341 41  HOH HOH A . 
C 3 HOH 42  342 42  HOH HOH A . 
C 3 HOH 43  343 43  HOH HOH A . 
C 3 HOH 44  344 45  HOH HOH A . 
C 3 HOH 45  345 46  HOH HOH A . 
C 3 HOH 46  346 47  HOH HOH A . 
C 3 HOH 47  347 48  HOH HOH A . 
C 3 HOH 48  348 49  HOH HOH A . 
C 3 HOH 49  349 50  HOH HOH A . 
C 3 HOH 50  350 51  HOH HOH A . 
C 3 HOH 51  351 52  HOH HOH A . 
C 3 HOH 52  352 54  HOH HOH A . 
C 3 HOH 53  353 55  HOH HOH A . 
C 3 HOH 54  354 56  HOH HOH A . 
C 3 HOH 55  355 57  HOH HOH A . 
C 3 HOH 56  356 58  HOH HOH A . 
C 3 HOH 57  357 59  HOH HOH A . 
C 3 HOH 58  358 60  HOH HOH A . 
C 3 HOH 59  359 61  HOH HOH A . 
C 3 HOH 60  360 62  HOH HOH A . 
C 3 HOH 61  361 63  HOH HOH A . 
C 3 HOH 62  362 64  HOH HOH A . 
C 3 HOH 63  363 65  HOH HOH A . 
C 3 HOH 64  364 66  HOH HOH A . 
C 3 HOH 65  365 67  HOH HOH A . 
C 3 HOH 66  366 68  HOH HOH A . 
C 3 HOH 67  367 69  HOH HOH A . 
C 3 HOH 68  368 70  HOH HOH A . 
C 3 HOH 69  369 71  HOH HOH A . 
C 3 HOH 70  370 72  HOH HOH A . 
C 3 HOH 71  371 73  HOH HOH A . 
C 3 HOH 72  372 74  HOH HOH A . 
C 3 HOH 73  373 75  HOH HOH A . 
C 3 HOH 74  374 76  HOH HOH A . 
C 3 HOH 75  375 77  HOH HOH A . 
C 3 HOH 76  376 78  HOH HOH A . 
C 3 HOH 77  377 80  HOH HOH A . 
C 3 HOH 78  378 81  HOH HOH A . 
C 3 HOH 79  379 82  HOH HOH A . 
C 3 HOH 80  380 83  HOH HOH A . 
C 3 HOH 81  381 84  HOH HOH A . 
C 3 HOH 82  382 85  HOH HOH A . 
C 3 HOH 83  383 86  HOH HOH A . 
C 3 HOH 84  384 89  HOH HOH A . 
C 3 HOH 85  385 91  HOH HOH A . 
C 3 HOH 86  386 92  HOH HOH A . 
C 3 HOH 87  387 93  HOH HOH A . 
C 3 HOH 88  388 94  HOH HOH A . 
C 3 HOH 89  389 95  HOH HOH A . 
C 3 HOH 90  390 96  HOH HOH A . 
C 3 HOH 91  391 97  HOH HOH A . 
C 3 HOH 92  392 98  HOH HOH A . 
C 3 HOH 93  393 99  HOH HOH A . 
C 3 HOH 94  394 100 HOH HOH A . 
C 3 HOH 95  395 101 HOH HOH A . 
C 3 HOH 96  396 102 HOH HOH A . 
C 3 HOH 97  397 103 HOH HOH A . 
C 3 HOH 98  398 104 HOH HOH A . 
C 3 HOH 99  399 105 HOH HOH A . 
C 3 HOH 100 400 106 HOH HOH A . 
C 3 HOH 101 401 107 HOH HOH A . 
C 3 HOH 102 402 108 HOH HOH A . 
C 3 HOH 103 403 109 HOH HOH A . 
C 3 HOH 104 404 110 HOH HOH A . 
C 3 HOH 105 405 111 HOH HOH A . 
C 3 HOH 106 406 112 HOH HOH A . 
C 3 HOH 107 407 113 HOH HOH A . 
C 3 HOH 108 408 114 HOH HOH A . 
C 3 HOH 109 409 115 HOH HOH A . 
C 3 HOH 110 410 116 HOH HOH A . 
C 3 HOH 111 411 118 HOH HOH A . 
C 3 HOH 112 412 119 HOH HOH A . 
C 3 HOH 113 413 120 HOH HOH A . 
C 3 HOH 114 414 122 HOH HOH A . 
C 3 HOH 115 415 123 HOH HOH A . 
C 3 HOH 116 416 124 HOH HOH A . 
C 3 HOH 117 417 127 HOH HOH A . 
C 3 HOH 118 418 128 HOH HOH A . 
C 3 HOH 119 419 130 HOH HOH A . 
C 3 HOH 120 420 132 HOH HOH A . 
C 3 HOH 121 421 133 HOH HOH A . 
C 3 HOH 122 422 134 HOH HOH A . 
C 3 HOH 123 423 136 HOH HOH A . 
C 3 HOH 124 424 141 HOH HOH A . 
C 3 HOH 125 425 148 HOH HOH A . 
C 3 HOH 126 426 150 HOH HOH A . 
C 3 HOH 127 427 151 HOH HOH A . 
C 3 HOH 128 428 152 HOH HOH A . 
C 3 HOH 129 429 153 HOH HOH A . 
C 3 HOH 130 430 154 HOH HOH A . 
C 3 HOH 131 431 155 HOH HOH A . 
C 3 HOH 132 432 156 HOH HOH A . 
C 3 HOH 133 433 157 HOH HOH A . 
C 3 HOH 134 434 161 HOH HOH A . 
C 3 HOH 135 435 164 HOH HOH A . 
C 3 HOH 136 436 167 HOH HOH A . 
C 3 HOH 137 437 169 HOH HOH A . 
C 3 HOH 138 438 170 HOH HOH A . 
C 3 HOH 139 439 172 HOH HOH A . 
C 3 HOH 140 440 175 HOH HOH A . 
C 3 HOH 141 441 177 HOH HOH A . 
C 3 HOH 142 442 178 HOH HOH A . 
C 3 HOH 143 443 179 HOH HOH A . 
C 3 HOH 144 444 181 HOH HOH A . 
C 3 HOH 145 445 182 HOH HOH A . 
C 3 HOH 146 446 184 HOH HOH A . 
C 3 HOH 147 447 186 HOH HOH A . 
C 3 HOH 148 448 187 HOH HOH A . 
C 3 HOH 149 449 188 HOH HOH A . 
C 3 HOH 150 450 190 HOH HOH A . 
C 3 HOH 151 451 192 HOH HOH A . 
C 3 HOH 152 452 193 HOH HOH A . 
C 3 HOH 153 453 194 HOH HOH A . 
C 3 HOH 154 454 195 HOH HOH A . 
C 3 HOH 155 455 196 HOH HOH A . 
C 3 HOH 156 456 197 HOH HOH A . 
C 3 HOH 157 457 198 HOH HOH A . 
C 3 HOH 158 458 199 HOH HOH A . 
C 3 HOH 159 459 200 HOH HOH A . 
C 3 HOH 160 460 201 HOH HOH A . 
C 3 HOH 161 461 202 HOH HOH A . 
C 3 HOH 162 462 203 HOH HOH A . 
C 3 HOH 163 463 204 HOH HOH A . 
C 3 HOH 164 464 205 HOH HOH A . 
C 3 HOH 165 465 208 HOH HOH A . 
C 3 HOH 166 466 209 HOH HOH A . 
# 
_pdbx_struct_assembly.id                   1 
_pdbx_struct_assembly.details              author_defined_assembly 
_pdbx_struct_assembly.method_details       ? 
_pdbx_struct_assembly.oligomeric_details   monomeric 
_pdbx_struct_assembly.oligomeric_count     1 
# 
_pdbx_struct_assembly_gen.assembly_id       1 
_pdbx_struct_assembly_gen.oper_expression   1 
_pdbx_struct_assembly_gen.asym_id_list      A,B,C 
# 
_pdbx_struct_oper_list.id                   1 
_pdbx_struct_oper_list.type                 'identity operation' 
_pdbx_struct_oper_list.name                 1_555 
_pdbx_struct_oper_list.symmetry_operation   x,y,z 
_pdbx_struct_oper_list.matrix[1][1]         1.0000000000 
_pdbx_struct_oper_list.matrix[1][2]         0.0000000000 
_pdbx_struct_oper_list.matrix[1][3]         0.0000000000 
_pdbx_struct_oper_list.vector[1]            0.0000000000 
_pdbx_struct_oper_list.matrix[2][1]         0.0000000000 
_pdbx_struct_oper_list.matrix[2][2]         1.0000000000 
_pdbx_struct_oper_list.matrix[2][3]         0.0000000000 
_pdbx_struct_oper_list.vector[2]            0.0000000000 
_pdbx_struct_oper_list.matrix[3][1]         0.0000000000 
_pdbx_struct_oper_list.matrix[3][2]         0.0000000000 
_pdbx_struct_oper_list.matrix[3][3]         1.0000000000 
_pdbx_struct_oper_list.vector[3]            0.0000000000 
# 
loop_
_pdbx_audit_revision_history.ordinal 
_pdbx_audit_revision_history.data_content_type 
_pdbx_audit_revision_history.major_revision 
_pdbx_audit_revision_history.minor_revision 
_pdbx_audit_revision_history.revision_date 
1 'Structure model' 1 0 2004-02-17 
2 'Structure model' 1 1 2008-04-26 
3 'Structure model' 1 2 2011-07-13 
4 'Structure model' 1 3 2015-04-29 
5 'Structure model' 1 4 2023-08-16 
# 
_pdbx_audit_revision_details.ordinal             1 
_pdbx_audit_revision_details.revision_ordinal    1 
_pdbx_audit_revision_details.data_content_type   'Structure model' 
_pdbx_audit_revision_details.provider            repository 
_pdbx_audit_revision_details.type                'Initial release' 
_pdbx_audit_revision_details.description         ? 
_pdbx_audit_revision_details.details             ? 
# 
loop_
_pdbx_audit_revision_group.ordinal 
_pdbx_audit_revision_group.revision_ordinal 
_pdbx_audit_revision_group.data_content_type 
_pdbx_audit_revision_group.group 
1 2 'Structure model' 'Version format compliance' 
2 3 'Structure model' 'Version format compliance' 
3 4 'Structure model' 'Non-polymer description'   
4 5 'Structure model' 'Data collection'           
5 5 'Structure model' 'Database references'       
6 5 'Structure model' 'Derived calculations'      
7 5 'Structure model' 'Refinement description'    
# 
loop_
_pdbx_audit_revision_category.ordinal 
_pdbx_audit_revision_category.revision_ordinal 
_pdbx_audit_revision_category.data_content_type 
_pdbx_audit_revision_category.category 
1 5 'Structure model' chem_comp_atom                
2 5 'Structure model' chem_comp_bond                
3 5 'Structure model' database_2                    
4 5 'Structure model' pdbx_initial_refinement_model 
5 5 'Structure model' struct_site                   
# 
loop_
_pdbx_audit_revision_item.ordinal 
_pdbx_audit_revision_item.revision_ordinal 
_pdbx_audit_revision_item.data_content_type 
_pdbx_audit_revision_item.item 
1 5 'Structure model' '_database_2.pdbx_DOI'                
2 5 'Structure model' '_database_2.pdbx_database_accession' 
3 5 'Structure model' '_struct_site.pdbx_auth_asym_id'      
4 5 'Structure model' '_struct_site.pdbx_auth_comp_id'      
5 5 'Structure model' '_struct_site.pdbx_auth_seq_id'       
# 
loop_
_software.name 
_software.classification 
_software.version 
_software.citation_id 
_software.pdbx_ordinal 
XDS    'data scaling'   .     ? 1 
XDS    'data reduction' .     ? 2 
X-PLOR 'model building' 3.851 ? 3 
X-PLOR refinement       3.851 ? 4 
X-PLOR phasing          3.851 ? 5 
# 
_pdbx_validate_torsion.id              1 
_pdbx_validate_torsion.PDB_model_num   1 
_pdbx_validate_torsion.auth_comp_id    ASP 
_pdbx_validate_torsion.auth_asym_id    A 
_pdbx_validate_torsion.auth_seq_id     94 
_pdbx_validate_torsion.PDB_ins_code    ? 
_pdbx_validate_torsion.label_alt_id    ? 
_pdbx_validate_torsion.phi             50.90 
_pdbx_validate_torsion.psi             -120.38 
# 
loop_
_pdbx_unobs_or_zero_occ_residues.id 
_pdbx_unobs_or_zero_occ_residues.PDB_model_num 
_pdbx_unobs_or_zero_occ_residues.polymer_flag 
_pdbx_unobs_or_zero_occ_residues.occupancy_flag 
_pdbx_unobs_or_zero_occ_residues.auth_asym_id 
_pdbx_unobs_or_zero_occ_residues.auth_comp_id 
_pdbx_unobs_or_zero_occ_residues.auth_seq_id 
_pdbx_unobs_or_zero_occ_residues.PDB_ins_code 
_pdbx_unobs_or_zero_occ_residues.label_asym_id 
_pdbx_unobs_or_zero_occ_residues.label_comp_id 
_pdbx_unobs_or_zero_occ_residues.label_seq_id 
1 1 Y 1 A THR 106 ? A THR 106 
2 1 Y 1 A SER 107 ? A SER 107 
3 1 Y 1 A LYS 108 ? A LYS 108 
# 
loop_
_chem_comp_atom.comp_id 
_chem_comp_atom.atom_id 
_chem_comp_atom.type_symbol 
_chem_comp_atom.pdbx_aromatic_flag 
_chem_comp_atom.pdbx_stereo_config 
_chem_comp_atom.pdbx_ordinal 
ALA N    N N N 1   
ALA CA   C N S 2   
ALA C    C N N 3   
ALA O    O N N 4   
ALA CB   C N N 5   
ALA OXT  O N N 6   
ALA H    H N N 7   
ALA H2   H N N 8   
ALA HA   H N N 9   
ALA HB1  H N N 10  
ALA HB2  H N N 11  
ALA HB3  H N N 12  
ALA HXT  H N N 13  
ARG N    N N N 14  
ARG CA   C N S 15  
ARG C    C N N 16  
ARG O    O N N 17  
ARG CB   C N N 18  
ARG CG   C N N 19  
ARG CD   C N N 20  
ARG NE   N N N 21  
ARG CZ   C N N 22  
ARG NH1  N N N 23  
ARG NH2  N N N 24  
ARG OXT  O N N 25  
ARG H    H N N 26  
ARG H2   H N N 27  
ARG HA   H N N 28  
ARG HB2  H N N 29  
ARG HB3  H N N 30  
ARG HG2  H N N 31  
ARG HG3  H N N 32  
ARG HD2  H N N 33  
ARG HD3  H N N 34  
ARG HE   H N N 35  
ARG HH11 H N N 36  
ARG HH12 H N N 37  
ARG HH21 H N N 38  
ARG HH22 H N N 39  
ARG HXT  H N N 40  
ASN N    N N N 41  
ASN CA   C N S 42  
ASN C    C N N 43  
ASN O    O N N 44  
ASN CB   C N N 45  
ASN CG   C N N 46  
ASN OD1  O N N 47  
ASN ND2  N N N 48  
ASN OXT  O N N 49  
ASN H    H N N 50  
ASN H2   H N N 51  
ASN HA   H N N 52  
ASN HB2  H N N 53  
ASN HB3  H N N 54  
ASN HD21 H N N 55  
ASN HD22 H N N 56  
ASN HXT  H N N 57  
ASP N    N N N 58  
ASP CA   C N S 59  
ASP C    C N N 60  
ASP O    O N N 61  
ASP CB   C N N 62  
ASP CG   C N N 63  
ASP OD1  O N N 64  
ASP OD2  O N N 65  
ASP OXT  O N N 66  
ASP H    H N N 67  
ASP H2   H N N 68  
ASP HA   H N N 69  
ASP HB2  H N N 70  
ASP HB3  H N N 71  
ASP HD2  H N N 72  
ASP HXT  H N N 73  
CYS N    N N N 74  
CYS CA   C N R 75  
CYS C    C N N 76  
CYS O    O N N 77  
CYS CB   C N N 78  
CYS SG   S N N 79  
CYS OXT  O N N 80  
CYS H    H N N 81  
CYS H2   H N N 82  
CYS HA   H N N 83  
CYS HB2  H N N 84  
CYS HB3  H N N 85  
CYS HG   H N N 86  
CYS HXT  H N N 87  
GLN N    N N N 88  
GLN CA   C N S 89  
GLN C    C N N 90  
GLN O    O N N 91  
GLN CB   C N N 92  
GLN CG   C N N 93  
GLN CD   C N N 94  
GLN OE1  O N N 95  
GLN NE2  N N N 96  
GLN OXT  O N N 97  
GLN H    H N N 98  
GLN H2   H N N 99  
GLN HA   H N N 100 
GLN HB2  H N N 101 
GLN HB3  H N N 102 
GLN HG2  H N N 103 
GLN HG3  H N N 104 
GLN HE21 H N N 105 
GLN HE22 H N N 106 
GLN HXT  H N N 107 
GLU N    N N N 108 
GLU CA   C N S 109 
GLU C    C N N 110 
GLU O    O N N 111 
GLU CB   C N N 112 
GLU CG   C N N 113 
GLU CD   C N N 114 
GLU OE1  O N N 115 
GLU OE2  O N N 116 
GLU OXT  O N N 117 
GLU H    H N N 118 
GLU H2   H N N 119 
GLU HA   H N N 120 
GLU HB2  H N N 121 
GLU HB3  H N N 122 
GLU HG2  H N N 123 
GLU HG3  H N N 124 
GLU HE2  H N N 125 
GLU HXT  H N N 126 
GLY N    N N N 127 
GLY CA   C N N 128 
GLY C    C N N 129 
GLY O    O N N 130 
GLY OXT  O N N 131 
GLY H    H N N 132 
GLY H2   H N N 133 
GLY HA2  H N N 134 
GLY HA3  H N N 135 
GLY HXT  H N N 136 
HIS N    N N N 137 
HIS CA   C N S 138 
HIS C    C N N 139 
HIS O    O N N 140 
HIS CB   C N N 141 
HIS CG   C Y N 142 
HIS ND1  N Y N 143 
HIS CD2  C Y N 144 
HIS CE1  C Y N 145 
HIS NE2  N Y N 146 
HIS OXT  O N N 147 
HIS H    H N N 148 
HIS H2   H N N 149 
HIS HA   H N N 150 
HIS HB2  H N N 151 
HIS HB3  H N N 152 
HIS HD1  H N N 153 
HIS HD2  H N N 154 
HIS HE1  H N N 155 
HIS HE2  H N N 156 
HIS HXT  H N N 157 
HOH O    O N N 158 
HOH H1   H N N 159 
HOH H2   H N N 160 
ILE N    N N N 161 
ILE CA   C N S 162 
ILE C    C N N 163 
ILE O    O N N 164 
ILE CB   C N S 165 
ILE CG1  C N N 166 
ILE CG2  C N N 167 
ILE CD1  C N N 168 
ILE OXT  O N N 169 
ILE H    H N N 170 
ILE H2   H N N 171 
ILE HA   H N N 172 
ILE HB   H N N 173 
ILE HG12 H N N 174 
ILE HG13 H N N 175 
ILE HG21 H N N 176 
ILE HG22 H N N 177 
ILE HG23 H N N 178 
ILE HD11 H N N 179 
ILE HD12 H N N 180 
ILE HD13 H N N 181 
ILE HXT  H N N 182 
LEU N    N N N 183 
LEU CA   C N S 184 
LEU C    C N N 185 
LEU O    O N N 186 
LEU CB   C N N 187 
LEU CG   C N N 188 
LEU CD1  C N N 189 
LEU CD2  C N N 190 
LEU OXT  O N N 191 
LEU H    H N N 192 
LEU H2   H N N 193 
LEU HA   H N N 194 
LEU HB2  H N N 195 
LEU HB3  H N N 196 
LEU HG   H N N 197 
LEU HD11 H N N 198 
LEU HD12 H N N 199 
LEU HD13 H N N 200 
LEU HD21 H N N 201 
LEU HD22 H N N 202 
LEU HD23 H N N 203 
LEU HXT  H N N 204 
LYS N    N N N 205 
LYS CA   C N S 206 
LYS C    C N N 207 
LYS O    O N N 208 
LYS CB   C N N 209 
LYS CG   C N N 210 
LYS CD   C N N 211 
LYS CE   C N N 212 
LYS NZ   N N N 213 
LYS OXT  O N N 214 
LYS H    H N N 215 
LYS H2   H N N 216 
LYS HA   H N N 217 
LYS HB2  H N N 218 
LYS HB3  H N N 219 
LYS HG2  H N N 220 
LYS HG3  H N N 221 
LYS HD2  H N N 222 
LYS HD3  H N N 223 
LYS HE2  H N N 224 
LYS HE3  H N N 225 
LYS HZ1  H N N 226 
LYS HZ2  H N N 227 
LYS HZ3  H N N 228 
LYS HXT  H N N 229 
MLA C1   C N N 230 
MLA O1A  O N N 231 
MLA O1B  O N N 232 
MLA C2   C N N 233 
MLA C3   C N N 234 
MLA O3A  O N N 235 
MLA O3B  O N N 236 
MLA H1A  H N N 237 
MLA HC21 H N N 238 
MLA HC22 H N N 239 
MLA H3B  H N N 240 
PHE N    N N N 241 
PHE CA   C N S 242 
PHE C    C N N 243 
PHE O    O N N 244 
PHE CB   C N N 245 
PHE CG   C Y N 246 
PHE CD1  C Y N 247 
PHE CD2  C Y N 248 
PHE CE1  C Y N 249 
PHE CE2  C Y N 250 
PHE CZ   C Y N 251 
PHE OXT  O N N 252 
PHE H    H N N 253 
PHE H2   H N N 254 
PHE HA   H N N 255 
PHE HB2  H N N 256 
PHE HB3  H N N 257 
PHE HD1  H N N 258 
PHE HD2  H N N 259 
PHE HE1  H N N 260 
PHE HE2  H N N 261 
PHE HZ   H N N 262 
PHE HXT  H N N 263 
PRO N    N N N 264 
PRO CA   C N S 265 
PRO C    C N N 266 
PRO O    O N N 267 
PRO CB   C N N 268 
PRO CG   C N N 269 
PRO CD   C N N 270 
PRO OXT  O N N 271 
PRO H    H N N 272 
PRO HA   H N N 273 
PRO HB2  H N N 274 
PRO HB3  H N N 275 
PRO HG2  H N N 276 
PRO HG3  H N N 277 
PRO HD2  H N N 278 
PRO HD3  H N N 279 
PRO HXT  H N N 280 
SER N    N N N 281 
SER CA   C N S 282 
SER C    C N N 283 
SER O    O N N 284 
SER CB   C N N 285 
SER OG   O N N 286 
SER OXT  O N N 287 
SER H    H N N 288 
SER H2   H N N 289 
SER HA   H N N 290 
SER HB2  H N N 291 
SER HB3  H N N 292 
SER HG   H N N 293 
SER HXT  H N N 294 
THR N    N N N 295 
THR CA   C N S 296 
THR C    C N N 297 
THR O    O N N 298 
THR CB   C N R 299 
THR OG1  O N N 300 
THR CG2  C N N 301 
THR OXT  O N N 302 
THR H    H N N 303 
THR H2   H N N 304 
THR HA   H N N 305 
THR HB   H N N 306 
THR HG1  H N N 307 
THR HG21 H N N 308 
THR HG22 H N N 309 
THR HG23 H N N 310 
THR HXT  H N N 311 
TRP N    N N N 312 
TRP CA   C N S 313 
TRP C    C N N 314 
TRP O    O N N 315 
TRP CB   C N N 316 
TRP CG   C Y N 317 
TRP CD1  C Y N 318 
TRP CD2  C Y N 319 
TRP NE1  N Y N 320 
TRP CE2  C Y N 321 
TRP CE3  C Y N 322 
TRP CZ2  C Y N 323 
TRP CZ3  C Y N 324 
TRP CH2  C Y N 325 
TRP OXT  O N N 326 
TRP H    H N N 327 
TRP H2   H N N 328 
TRP HA   H N N 329 
TRP HB2  H N N 330 
TRP HB3  H N N 331 
TRP HD1  H N N 332 
TRP HE1  H N N 333 
TRP HE3  H N N 334 
TRP HZ2  H N N 335 
TRP HZ3  H N N 336 
TRP HH2  H N N 337 
TRP HXT  H N N 338 
TYR N    N N N 339 
TYR CA   C N S 340 
TYR C    C N N 341 
TYR O    O N N 342 
TYR CB   C N N 343 
TYR CG   C Y N 344 
TYR CD1  C Y N 345 
TYR CD2  C Y N 346 
TYR CE1  C Y N 347 
TYR CE2  C Y N 348 
TYR CZ   C Y N 349 
TYR OH   O N N 350 
TYR OXT  O N N 351 
TYR H    H N N 352 
TYR H2   H N N 353 
TYR HA   H N N 354 
TYR HB2  H N N 355 
TYR HB3  H N N 356 
TYR HD1  H N N 357 
TYR HD2  H N N 358 
TYR HE1  H N N 359 
TYR HE2  H N N 360 
TYR HH   H N N 361 
TYR HXT  H N N 362 
VAL N    N N N 363 
VAL CA   C N S 364 
VAL C    C N N 365 
VAL O    O N N 366 
VAL CB   C N N 367 
VAL CG1  C N N 368 
VAL CG2  C N N 369 
VAL OXT  O N N 370 
VAL H    H N N 371 
VAL H2   H N N 372 
VAL HA   H N N 373 
VAL HB   H N N 374 
VAL HG11 H N N 375 
VAL HG12 H N N 376 
VAL HG13 H N N 377 
VAL HG21 H N N 378 
VAL HG22 H N N 379 
VAL HG23 H N N 380 
VAL HXT  H N N 381 
# 
loop_
_chem_comp_bond.comp_id 
_chem_comp_bond.atom_id_1 
_chem_comp_bond.atom_id_2 
_chem_comp_bond.value_order 
_chem_comp_bond.pdbx_aromatic_flag 
_chem_comp_bond.pdbx_stereo_config 
_chem_comp_bond.pdbx_ordinal 
ALA N   CA   sing N N 1   
ALA N   H    sing N N 2   
ALA N   H2   sing N N 3   
ALA CA  C    sing N N 4   
ALA CA  CB   sing N N 5   
ALA CA  HA   sing N N 6   
ALA C   O    doub N N 7   
ALA C   OXT  sing N N 8   
ALA CB  HB1  sing N N 9   
ALA CB  HB2  sing N N 10  
ALA CB  HB3  sing N N 11  
ALA OXT HXT  sing N N 12  
ARG N   CA   sing N N 13  
ARG N   H    sing N N 14  
ARG N   H2   sing N N 15  
ARG CA  C    sing N N 16  
ARG CA  CB   sing N N 17  
ARG CA  HA   sing N N 18  
ARG C   O    doub N N 19  
ARG C   OXT  sing N N 20  
ARG CB  CG   sing N N 21  
ARG CB  HB2  sing N N 22  
ARG CB  HB3  sing N N 23  
ARG CG  CD   sing N N 24  
ARG CG  HG2  sing N N 25  
ARG CG  HG3  sing N N 26  
ARG CD  NE   sing N N 27  
ARG CD  HD2  sing N N 28  
ARG CD  HD3  sing N N 29  
ARG NE  CZ   sing N N 30  
ARG NE  HE   sing N N 31  
ARG CZ  NH1  sing N N 32  
ARG CZ  NH2  doub N N 33  
ARG NH1 HH11 sing N N 34  
ARG NH1 HH12 sing N N 35  
ARG NH2 HH21 sing N N 36  
ARG NH2 HH22 sing N N 37  
ARG OXT HXT  sing N N 38  
ASN N   CA   sing N N 39  
ASN N   H    sing N N 40  
ASN N   H2   sing N N 41  
ASN CA  C    sing N N 42  
ASN CA  CB   sing N N 43  
ASN CA  HA   sing N N 44  
ASN C   O    doub N N 45  
ASN C   OXT  sing N N 46  
ASN CB  CG   sing N N 47  
ASN CB  HB2  sing N N 48  
ASN CB  HB3  sing N N 49  
ASN CG  OD1  doub N N 50  
ASN CG  ND2  sing N N 51  
ASN ND2 HD21 sing N N 52  
ASN ND2 HD22 sing N N 53  
ASN OXT HXT  sing N N 54  
ASP N   CA   sing N N 55  
ASP N   H    sing N N 56  
ASP N   H2   sing N N 57  
ASP CA  C    sing N N 58  
ASP CA  CB   sing N N 59  
ASP CA  HA   sing N N 60  
ASP C   O    doub N N 61  
ASP C   OXT  sing N N 62  
ASP CB  CG   sing N N 63  
ASP CB  HB2  sing N N 64  
ASP CB  HB3  sing N N 65  
ASP CG  OD1  doub N N 66  
ASP CG  OD2  sing N N 67  
ASP OD2 HD2  sing N N 68  
ASP OXT HXT  sing N N 69  
CYS N   CA   sing N N 70  
CYS N   H    sing N N 71  
CYS N   H2   sing N N 72  
CYS CA  C    sing N N 73  
CYS CA  CB   sing N N 74  
CYS CA  HA   sing N N 75  
CYS C   O    doub N N 76  
CYS C   OXT  sing N N 77  
CYS CB  SG   sing N N 78  
CYS CB  HB2  sing N N 79  
CYS CB  HB3  sing N N 80  
CYS SG  HG   sing N N 81  
CYS OXT HXT  sing N N 82  
GLN N   CA   sing N N 83  
GLN N   H    sing N N 84  
GLN N   H2   sing N N 85  
GLN CA  C    sing N N 86  
GLN CA  CB   sing N N 87  
GLN CA  HA   sing N N 88  
GLN C   O    doub N N 89  
GLN C   OXT  sing N N 90  
GLN CB  CG   sing N N 91  
GLN CB  HB2  sing N N 92  
GLN CB  HB3  sing N N 93  
GLN CG  CD   sing N N 94  
GLN CG  HG2  sing N N 95  
GLN CG  HG3  sing N N 96  
GLN CD  OE1  doub N N 97  
GLN CD  NE2  sing N N 98  
GLN NE2 HE21 sing N N 99  
GLN NE2 HE22 sing N N 100 
GLN OXT HXT  sing N N 101 
GLU N   CA   sing N N 102 
GLU N   H    sing N N 103 
GLU N   H2   sing N N 104 
GLU CA  C    sing N N 105 
GLU CA  CB   sing N N 106 
GLU CA  HA   sing N N 107 
GLU C   O    doub N N 108 
GLU C   OXT  sing N N 109 
GLU CB  CG   sing N N 110 
GLU CB  HB2  sing N N 111 
GLU CB  HB3  sing N N 112 
GLU CG  CD   sing N N 113 
GLU CG  HG2  sing N N 114 
GLU CG  HG3  sing N N 115 
GLU CD  OE1  doub N N 116 
GLU CD  OE2  sing N N 117 
GLU OE2 HE2  sing N N 118 
GLU OXT HXT  sing N N 119 
GLY N   CA   sing N N 120 
GLY N   H    sing N N 121 
GLY N   H2   sing N N 122 
GLY CA  C    sing N N 123 
GLY CA  HA2  sing N N 124 
GLY CA  HA3  sing N N 125 
GLY C   O    doub N N 126 
GLY C   OXT  sing N N 127 
GLY OXT HXT  sing N N 128 
HIS N   CA   sing N N 129 
HIS N   H    sing N N 130 
HIS N   H2   sing N N 131 
HIS CA  C    sing N N 132 
HIS CA  CB   sing N N 133 
HIS CA  HA   sing N N 134 
HIS C   O    doub N N 135 
HIS C   OXT  sing N N 136 
HIS CB  CG   sing N N 137 
HIS CB  HB2  sing N N 138 
HIS CB  HB3  sing N N 139 
HIS CG  ND1  sing Y N 140 
HIS CG  CD2  doub Y N 141 
HIS ND1 CE1  doub Y N 142 
HIS ND1 HD1  sing N N 143 
HIS CD2 NE2  sing Y N 144 
HIS CD2 HD2  sing N N 145 
HIS CE1 NE2  sing Y N 146 
HIS CE1 HE1  sing N N 147 
HIS NE2 HE2  sing N N 148 
HIS OXT HXT  sing N N 149 
HOH O   H1   sing N N 150 
HOH O   H2   sing N N 151 
ILE N   CA   sing N N 152 
ILE N   H    sing N N 153 
ILE N   H2   sing N N 154 
ILE CA  C    sing N N 155 
ILE CA  CB   sing N N 156 
ILE CA  HA   sing N N 157 
ILE C   O    doub N N 158 
ILE C   OXT  sing N N 159 
ILE CB  CG1  sing N N 160 
ILE CB  CG2  sing N N 161 
ILE CB  HB   sing N N 162 
ILE CG1 CD1  sing N N 163 
ILE CG1 HG12 sing N N 164 
ILE CG1 HG13 sing N N 165 
ILE CG2 HG21 sing N N 166 
ILE CG2 HG22 sing N N 167 
ILE CG2 HG23 sing N N 168 
ILE CD1 HD11 sing N N 169 
ILE CD1 HD12 sing N N 170 
ILE CD1 HD13 sing N N 171 
ILE OXT HXT  sing N N 172 
LEU N   CA   sing N N 173 
LEU N   H    sing N N 174 
LEU N   H2   sing N N 175 
LEU CA  C    sing N N 176 
LEU CA  CB   sing N N 177 
LEU CA  HA   sing N N 178 
LEU C   O    doub N N 179 
LEU C   OXT  sing N N 180 
LEU CB  CG   sing N N 181 
LEU CB  HB2  sing N N 182 
LEU CB  HB3  sing N N 183 
LEU CG  CD1  sing N N 184 
LEU CG  CD2  sing N N 185 
LEU CG  HG   sing N N 186 
LEU CD1 HD11 sing N N 187 
LEU CD1 HD12 sing N N 188 
LEU CD1 HD13 sing N N 189 
LEU CD2 HD21 sing N N 190 
LEU CD2 HD22 sing N N 191 
LEU CD2 HD23 sing N N 192 
LEU OXT HXT  sing N N 193 
LYS N   CA   sing N N 194 
LYS N   H    sing N N 195 
LYS N   H2   sing N N 196 
LYS CA  C    sing N N 197 
LYS CA  CB   sing N N 198 
LYS CA  HA   sing N N 199 
LYS C   O    doub N N 200 
LYS C   OXT  sing N N 201 
LYS CB  CG   sing N N 202 
LYS CB  HB2  sing N N 203 
LYS CB  HB3  sing N N 204 
LYS CG  CD   sing N N 205 
LYS CG  HG2  sing N N 206 
LYS CG  HG3  sing N N 207 
LYS CD  CE   sing N N 208 
LYS CD  HD2  sing N N 209 
LYS CD  HD3  sing N N 210 
LYS CE  NZ   sing N N 211 
LYS CE  HE2  sing N N 212 
LYS CE  HE3  sing N N 213 
LYS NZ  HZ1  sing N N 214 
LYS NZ  HZ2  sing N N 215 
LYS NZ  HZ3  sing N N 216 
LYS OXT HXT  sing N N 217 
MLA C1  O1A  sing N N 218 
MLA C1  O1B  doub N N 219 
MLA C1  C2   sing N N 220 
MLA O1A H1A  sing N N 221 
MLA C2  C3   sing N N 222 
MLA C2  HC21 sing N N 223 
MLA C2  HC22 sing N N 224 
MLA C3  O3A  doub N N 225 
MLA C3  O3B  sing N N 226 
MLA O3B H3B  sing N N 227 
PHE N   CA   sing N N 228 
PHE N   H    sing N N 229 
PHE N   H2   sing N N 230 
PHE CA  C    sing N N 231 
PHE CA  CB   sing N N 232 
PHE CA  HA   sing N N 233 
PHE C   O    doub N N 234 
PHE C   OXT  sing N N 235 
PHE CB  CG   sing N N 236 
PHE CB  HB2  sing N N 237 
PHE CB  HB3  sing N N 238 
PHE CG  CD1  doub Y N 239 
PHE CG  CD2  sing Y N 240 
PHE CD1 CE1  sing Y N 241 
PHE CD1 HD1  sing N N 242 
PHE CD2 CE2  doub Y N 243 
PHE CD2 HD2  sing N N 244 
PHE CE1 CZ   doub Y N 245 
PHE CE1 HE1  sing N N 246 
PHE CE2 CZ   sing Y N 247 
PHE CE2 HE2  sing N N 248 
PHE CZ  HZ   sing N N 249 
PHE OXT HXT  sing N N 250 
PRO N   CA   sing N N 251 
PRO N   CD   sing N N 252 
PRO N   H    sing N N 253 
PRO CA  C    sing N N 254 
PRO CA  CB   sing N N 255 
PRO CA  HA   sing N N 256 
PRO C   O    doub N N 257 
PRO C   OXT  sing N N 258 
PRO CB  CG   sing N N 259 
PRO CB  HB2  sing N N 260 
PRO CB  HB3  sing N N 261 
PRO CG  CD   sing N N 262 
PRO CG  HG2  sing N N 263 
PRO CG  HG3  sing N N 264 
PRO CD  HD2  sing N N 265 
PRO CD  HD3  sing N N 266 
PRO OXT HXT  sing N N 267 
SER N   CA   sing N N 268 
SER N   H    sing N N 269 
SER N   H2   sing N N 270 
SER CA  C    sing N N 271 
SER CA  CB   sing N N 272 
SER CA  HA   sing N N 273 
SER C   O    doub N N 274 
SER C   OXT  sing N N 275 
SER CB  OG   sing N N 276 
SER CB  HB2  sing N N 277 
SER CB  HB3  sing N N 278 
SER OG  HG   sing N N 279 
SER OXT HXT  sing N N 280 
THR N   CA   sing N N 281 
THR N   H    sing N N 282 
THR N   H2   sing N N 283 
THR CA  C    sing N N 284 
THR CA  CB   sing N N 285 
THR CA  HA   sing N N 286 
THR C   O    doub N N 287 
THR C   OXT  sing N N 288 
THR CB  OG1  sing N N 289 
THR CB  CG2  sing N N 290 
THR CB  HB   sing N N 291 
THR OG1 HG1  sing N N 292 
THR CG2 HG21 sing N N 293 
THR CG2 HG22 sing N N 294 
THR CG2 HG23 sing N N 295 
THR OXT HXT  sing N N 296 
TRP N   CA   sing N N 297 
TRP N   H    sing N N 298 
TRP N   H2   sing N N 299 
TRP CA  C    sing N N 300 
TRP CA  CB   sing N N 301 
TRP CA  HA   sing N N 302 
TRP C   O    doub N N 303 
TRP C   OXT  sing N N 304 
TRP CB  CG   sing N N 305 
TRP CB  HB2  sing N N 306 
TRP CB  HB3  sing N N 307 
TRP CG  CD1  doub Y N 308 
TRP CG  CD2  sing Y N 309 
TRP CD1 NE1  sing Y N 310 
TRP CD1 HD1  sing N N 311 
TRP CD2 CE2  doub Y N 312 
TRP CD2 CE3  sing Y N 313 
TRP NE1 CE2  sing Y N 314 
TRP NE1 HE1  sing N N 315 
TRP CE2 CZ2  sing Y N 316 
TRP CE3 CZ3  doub Y N 317 
TRP CE3 HE3  sing N N 318 
TRP CZ2 CH2  doub Y N 319 
TRP CZ2 HZ2  sing N N 320 
TRP CZ3 CH2  sing Y N 321 
TRP CZ3 HZ3  sing N N 322 
TRP CH2 HH2  sing N N 323 
TRP OXT HXT  sing N N 324 
TYR N   CA   sing N N 325 
TYR N   H    sing N N 326 
TYR N   H2   sing N N 327 
TYR CA  C    sing N N 328 
TYR CA  CB   sing N N 329 
TYR CA  HA   sing N N 330 
TYR C   O    doub N N 331 
TYR C   OXT  sing N N 332 
TYR CB  CG   sing N N 333 
TYR CB  HB2  sing N N 334 
TYR CB  HB3  sing N N 335 
TYR CG  CD1  doub Y N 336 
TYR CG  CD2  sing Y N 337 
TYR CD1 CE1  sing Y N 338 
TYR CD1 HD1  sing N N 339 
TYR CD2 CE2  doub Y N 340 
TYR CD2 HD2  sing N N 341 
TYR CE1 CZ   doub Y N 342 
TYR CE1 HE1  sing N N 343 
TYR CE2 CZ   sing Y N 344 
TYR CE2 HE2  sing N N 345 
TYR CZ  OH   sing N N 346 
TYR OH  HH   sing N N 347 
TYR OXT HXT  sing N N 348 
VAL N   CA   sing N N 349 
VAL N   H    sing N N 350 
VAL N   H2   sing N N 351 
VAL CA  C    sing N N 352 
VAL CA  CB   sing N N 353 
VAL CA  HA   sing N N 354 
VAL C   O    doub N N 355 
VAL C   OXT  sing N N 356 
VAL CB  CG1  sing N N 357 
VAL CB  CG2  sing N N 358 
VAL CB  HB   sing N N 359 
VAL CG1 HG11 sing N N 360 
VAL CG1 HG12 sing N N 361 
VAL CG1 HG13 sing N N 362 
VAL CG2 HG21 sing N N 363 
VAL CG2 HG22 sing N N 364 
VAL CG2 HG23 sing N N 365 
VAL OXT HXT  sing N N 366 
# 
loop_
_pdbx_entity_nonpoly.entity_id 
_pdbx_entity_nonpoly.name 
_pdbx_entity_nonpoly.comp_id 
2 'MALONIC ACID' MLA 
3 water          HOH 
# 
_pdbx_initial_refinement_model.id               1 
_pdbx_initial_refinement_model.entity_id_list   ? 
_pdbx_initial_refinement_model.type             'experimental model' 
_pdbx_initial_refinement_model.source_name      PDB 
_pdbx_initial_refinement_model.accession_code   1SHD 
_pdbx_initial_refinement_model.details          ? 
# 
